data_1XPK
#
_entry.id   1XPK
#
_cell.length_a   64.271
_cell.length_b   84.612
_cell.length_c   94.633
_cell.angle_alpha   84.25
_cell.angle_beta   72.52
_cell.angle_gamma   70.44
#
_symmetry.space_group_name_H-M   'P 1'
#
loop_
_entity.id
_entity.type
_entity.pdbx_description
1 polymer '3-hydroxy-3-methylglutaryl CoA synthase'
2 polymer '3-hydroxy-3-methylglutaryl CoA synthase'
3 non-polymer 'SULFATE ION'
4 non-polymer '3-HYDROXY-3-METHYLGLUTARYL-COENZYME A'
5 non-polymer 'ACETOACETYL-COENZYME A'
6 water water
#
loop_
_entity_poly.entity_id
_entity_poly.type
_entity_poly.pdbx_seq_one_letter_code
_entity_poly.pdbx_strand_id
1 'polypeptide(L)'
;MTIGIDKINFYVPKYYVDMAKLAEARQVDPNKFLIGIGQTEMAVSPVNQDIVSMGANAAKDIITDEDKKKIGMVIVATES
AVDAAKAAAVQIHNLLGIQPFARCFEMKEA(SCY)YAATPAIQLAKDYLATRPNEKVLVIATDTARYGLNSGGEPTQGAG
AVAMVIAHNPSILALNEDAVAYTEDVYDFWRPTGHKYPLVDGALSKDAYIRSFQQSWNEYAKRQGKSLADFASLCFHVPF
TKMGKKALESIIDNADETTQERLRSGYEDAVDYNRYVGNIYTGSLYLSLISLLENRDLQAGETIGLFSYGSGSVGEFYSA
TLVEGYKDHLDQAAHKALLNNRTEVSVDAYETFFKRFDDVEFDEEQDAVHEDRHIFYLSNIENNVREYHRPE
;
A,B,D
2 'polypeptide(L)'
;MTIGIDKINFYVPKYYVDMAKLAEARQVDPNKFLIGIGQTEMAVSPVNQDIVSMGANAAKDIITDEDKKKIGMVIVATES
AVDAAKAAAVQIHNLLGIQPFARCFEMKEACYAATPAIQLAKDYLATRPNEKVLVIATDTARYGLNSGGEPTQGAGAVAM
VIAHNPSILALNEDAVAYTEDVYDFWRPTGHKYPLVDGALSKDAYIRSFQQSWNEYAKRQGKSLADFASLCFHVPFTKMG
KKALESIIDNADETTQERLRSGYEDAVDYNRYVGNIYTGSLYLSLISLLENRDLQAGETIGLFSYGSGSVGEFYSATLVE
GYKDHLDQAAHKALLNNRTEVSVDAYETFFKRFDDVEFDEEQDAVHEDRHIFYLSNIENNVREYHRPE
;
C
#
loop_
_chem_comp.id
_chem_comp.type
_chem_comp.name
_chem_comp.formula
CAA non-polymer 'ACETOACETYL-COENZYME A' 'C25 H40 N7 O18 P3 S'
HMG non-polymer '3-HYDROXY-3-METHYLGLUTARYL-COENZYME A' 'C27 H39 N7 O20 P3 S -5'
SO4 non-polymer 'SULFATE ION' 'O4 S -2'
#
# COMPACT_ATOMS: atom_id res chain seq x y z
N THR A 2 -31.47 0.19 -7.99
CA THR A 2 -32.44 1.25 -7.63
C THR A 2 -31.70 2.40 -6.94
N ILE A 3 -32.17 3.63 -7.16
CA ILE A 3 -31.56 4.80 -6.53
C ILE A 3 -32.68 5.75 -6.11
N GLY A 4 -32.62 6.24 -4.88
CA GLY A 4 -33.67 7.15 -4.44
C GLY A 4 -33.49 7.68 -3.03
N ILE A 5 -34.60 8.12 -2.44
CA ILE A 5 -34.60 8.66 -1.10
C ILE A 5 -34.47 7.52 -0.08
N ASP A 6 -33.30 7.46 0.56
CA ASP A 6 -33.03 6.43 1.55
C ASP A 6 -33.49 6.87 2.94
N LYS A 7 -33.30 8.16 3.23
CA LYS A 7 -33.70 8.71 4.52
C LYS A 7 -34.27 10.11 4.27
N ILE A 8 -35.21 10.52 5.10
CA ILE A 8 -35.79 11.85 4.95
C ILE A 8 -36.25 12.36 6.29
N ASN A 9 -36.16 13.67 6.49
CA ASN A 9 -36.56 14.28 7.75
C ASN A 9 -36.72 15.77 7.58
N PHE A 10 -37.44 16.41 8.50
CA PHE A 10 -37.61 17.85 8.45
C PHE A 10 -37.44 18.48 9.81
N TYR A 11 -37.28 19.79 9.83
CA TYR A 11 -37.15 20.52 11.07
C TYR A 11 -37.85 21.84 10.88
N VAL A 12 -38.51 22.32 11.92
CA VAL A 12 -39.19 23.60 11.89
C VAL A 12 -38.82 24.24 13.24
N PRO A 13 -38.83 25.57 13.32
CA PRO A 13 -38.50 26.27 14.57
C PRO A 13 -39.50 25.99 15.70
N LYS A 14 -39.02 26.10 16.94
CA LYS A 14 -39.81 25.81 18.14
C LYS A 14 -41.00 26.74 18.43
N TYR A 15 -41.25 27.71 17.58
CA TYR A 15 -42.37 28.64 17.78
C TYR A 15 -43.34 28.66 16.61
N TYR A 16 -44.58 29.06 16.90
CA TYR A 16 -45.62 29.17 15.88
C TYR A 16 -46.74 30.06 16.38
N VAL A 17 -47.41 30.74 15.46
CA VAL A 17 -48.52 31.61 15.80
C VAL A 17 -49.81 30.95 15.30
N ASP A 18 -50.86 31.02 16.11
CA ASP A 18 -52.14 30.44 15.74
C ASP A 18 -52.79 31.28 14.65
N MET A 19 -53.14 30.66 13.53
CA MET A 19 -53.74 31.37 12.40
C MET A 19 -55.06 32.06 12.72
N ALA A 20 -55.83 31.47 13.63
CA ALA A 20 -57.11 32.07 14.01
C ALA A 20 -56.77 33.39 14.71
N LYS A 21 -55.75 33.37 15.56
CA LYS A 21 -55.33 34.57 16.28
C LYS A 21 -54.82 35.65 15.31
N LEU A 22 -54.07 35.25 14.29
CA LEU A 22 -53.54 36.20 13.33
C LEU A 22 -54.66 36.84 12.52
N ALA A 23 -55.65 36.03 12.16
CA ALA A 23 -56.79 36.50 11.38
C ALA A 23 -57.49 37.62 12.14
N GLU A 24 -57.79 37.36 13.41
CA GLU A 24 -58.44 38.35 14.25
C GLU A 24 -57.57 39.60 14.32
N ALA A 25 -56.31 39.40 14.72
CA ALA A 25 -55.37 40.51 14.82
C ALA A 25 -55.32 41.26 13.50
N ARG A 26 -55.52 40.53 12.40
CA ARG A 26 -55.48 41.14 11.08
C ARG A 26 -56.86 41.64 10.64
N GLN A 27 -57.87 41.44 11.49
CA GLN A 27 -59.22 41.87 11.19
C GLN A 27 -59.77 41.18 9.95
N VAL A 28 -59.74 39.86 9.96
CA VAL A 28 -60.26 39.07 8.85
C VAL A 28 -60.93 37.82 9.42
N ASP A 29 -61.84 37.24 8.66
CA ASP A 29 -62.53 36.04 9.11
C ASP A 29 -61.49 34.93 9.22
N PRO A 30 -61.35 34.33 10.41
CA PRO A 30 -60.38 33.25 10.60
C PRO A 30 -60.52 32.16 9.55
N ASN A 31 -61.77 31.86 9.19
CA ASN A 31 -62.02 30.83 8.20
C ASN A 31 -61.39 31.16 6.86
N LYS A 32 -61.05 32.42 6.64
CA LYS A 32 -60.40 32.82 5.40
C LYS A 32 -59.04 32.14 5.41
N PHE A 33 -58.45 32.03 6.59
CA PHE A 33 -57.16 31.38 6.73
C PHE A 33 -57.33 29.87 6.89
N LEU A 34 -58.13 29.48 7.89
CA LEU A 34 -58.37 28.07 8.19
C LEU A 34 -58.95 27.26 7.05
N ILE A 35 -59.82 27.88 6.26
CA ILE A 35 -60.47 27.19 5.15
C ILE A 35 -60.04 27.79 3.81
N GLY A 36 -60.18 29.10 3.71
CA GLY A 36 -59.83 29.81 2.48
C GLY A 36 -58.50 29.39 1.88
N ILE A 37 -57.43 29.49 2.66
CA ILE A 37 -56.12 29.10 2.17
C ILE A 37 -55.74 27.74 2.76
N GLY A 38 -56.45 27.37 3.83
CA GLY A 38 -56.21 26.08 4.48
C GLY A 38 -54.99 25.97 5.38
N GLN A 39 -54.74 26.98 6.21
CA GLN A 39 -53.59 26.95 7.11
C GLN A 39 -54.07 27.16 8.55
N THR A 40 -53.54 26.37 9.47
CA THR A 40 -53.94 26.43 10.87
C THR A 40 -52.92 27.04 11.83
N GLU A 41 -51.64 26.72 11.64
CA GLU A 41 -50.58 27.26 12.50
C GLU A 41 -49.39 27.65 11.63
N MET A 42 -48.80 28.80 11.92
CA MET A 42 -47.67 29.31 11.16
C MET A 42 -46.36 29.25 11.94
N ALA A 43 -45.35 28.61 11.36
CA ALA A 43 -44.05 28.51 12.01
C ALA A 43 -43.48 29.91 12.21
N VAL A 44 -42.95 30.18 13.40
CA VAL A 44 -42.34 31.48 13.70
C VAL A 44 -40.83 31.31 13.94
N SER A 45 -40.03 32.07 13.20
CA SER A 45 -38.58 31.98 13.31
C SER A 45 -37.85 32.83 14.35
N PRO A 46 -37.15 32.17 15.30
CA PRO A 46 -36.40 32.90 16.33
C PRO A 46 -35.05 33.19 15.66
N VAL A 47 -34.42 34.30 15.98
CA VAL A 47 -33.15 34.65 15.37
C VAL A 47 -32.08 33.57 15.41
N ASN A 48 -32.10 32.72 16.43
CA ASN A 48 -31.08 31.68 16.55
C ASN A 48 -31.26 30.50 15.60
N GLN A 49 -32.16 30.66 14.63
CA GLN A 49 -32.40 29.64 13.62
C GLN A 49 -32.34 30.27 12.24
N ASP A 50 -31.26 30.01 11.53
CA ASP A 50 -31.13 30.53 10.18
C ASP A 50 -31.18 29.32 9.26
N ILE A 51 -31.10 29.52 7.95
CA ILE A 51 -31.17 28.39 7.04
C ILE A 51 -30.11 27.33 7.32
N VAL A 52 -28.95 27.75 7.85
CA VAL A 52 -27.89 26.78 8.15
C VAL A 52 -28.22 25.88 9.34
N SER A 53 -28.61 26.47 10.47
CA SER A 53 -28.94 25.69 11.66
C SER A 53 -30.15 24.79 11.39
N MET A 54 -31.16 25.33 10.71
CA MET A 54 -32.35 24.55 10.37
C MET A 54 -31.95 23.39 9.48
N GLY A 55 -31.07 23.68 8.54
CA GLY A 55 -30.61 22.66 7.61
C GLY A 55 -29.88 21.57 8.35
N ALA A 56 -28.95 21.98 9.21
CA ALA A 56 -28.18 21.02 10.00
C ALA A 56 -29.11 20.19 10.88
N ASN A 57 -30.11 20.83 11.45
CA ASN A 57 -31.05 20.13 12.32
C ASN A 57 -31.89 19.10 11.58
N ALA A 58 -32.33 19.42 10.38
CA ALA A 58 -33.13 18.46 9.61
C ALA A 58 -32.30 17.21 9.34
N ALA A 59 -31.05 17.41 8.97
CA ALA A 59 -30.16 16.32 8.63
C ALA A 59 -29.54 15.54 9.79
N LYS A 60 -29.28 16.20 10.92
CA LYS A 60 -28.62 15.52 12.02
C LYS A 60 -29.20 14.18 12.48
N ASP A 61 -30.52 14.07 12.57
CA ASP A 61 -31.13 12.83 13.03
C ASP A 61 -31.08 11.66 12.06
N ILE A 62 -30.78 11.92 10.79
CA ILE A 62 -30.73 10.83 9.82
C ILE A 62 -29.33 10.49 9.31
N ILE A 63 -28.34 11.33 9.60
CA ILE A 63 -26.97 11.08 9.16
C ILE A 63 -26.20 10.20 10.15
N THR A 64 -25.71 9.07 9.68
CA THR A 64 -24.94 8.15 10.52
C THR A 64 -23.47 8.31 10.20
N ASP A 65 -22.62 7.54 10.88
CA ASP A 65 -21.18 7.62 10.64
C ASP A 65 -20.83 7.08 9.25
N GLU A 66 -21.47 5.99 8.84
CA GLU A 66 -21.20 5.42 7.53
C GLU A 66 -21.64 6.42 6.46
N ASP A 67 -22.67 7.20 6.78
CA ASP A 67 -23.16 8.19 5.84
C ASP A 67 -22.12 9.29 5.68
N LYS A 68 -21.57 9.75 6.80
CA LYS A 68 -20.58 10.81 6.78
C LYS A 68 -19.38 10.44 5.92
N LYS A 69 -19.12 9.15 5.81
CA LYS A 69 -18.00 8.65 5.04
C LYS A 69 -18.34 8.44 3.56
N LYS A 70 -19.60 8.14 3.28
CA LYS A 70 -20.00 7.86 1.91
C LYS A 70 -20.67 8.98 1.13
N ILE A 71 -20.96 10.10 1.79
CA ILE A 71 -21.61 11.22 1.10
C ILE A 71 -20.58 11.99 0.27
N GLY A 72 -20.80 12.01 -1.05
CA GLY A 72 -19.89 12.68 -1.97
C GLY A 72 -20.32 14.07 -2.43
N MET A 73 -21.54 14.45 -2.08
CA MET A 73 -22.05 15.77 -2.44
C MET A 73 -23.08 16.23 -1.41
N VAL A 74 -22.99 17.50 -1.04
CA VAL A 74 -23.98 18.10 -0.14
C VAL A 74 -24.54 19.26 -0.94
N ILE A 75 -25.82 19.17 -1.31
CA ILE A 75 -26.47 20.23 -2.08
C ILE A 75 -27.55 20.91 -1.26
N VAL A 76 -27.51 22.23 -1.25
CA VAL A 76 -28.51 23.01 -0.52
C VAL A 76 -29.38 23.81 -1.48
N ALA A 77 -30.69 23.62 -1.38
CA ALA A 77 -31.65 24.34 -2.20
C ALA A 77 -32.24 25.42 -1.32
N THR A 78 -32.22 26.66 -1.79
CA THR A 78 -32.78 27.75 -1.00
C THR A 78 -32.95 28.99 -1.83
N GLU A 79 -33.82 29.88 -1.35
CA GLU A 79 -34.02 31.16 -2.00
C GLU A 79 -33.97 32.15 -0.85
N SER A 80 -33.36 31.71 0.24
CA SER A 80 -33.22 32.51 1.46
C SER A 80 -31.74 32.51 1.85
N ALA A 81 -30.87 32.62 0.84
CA ALA A 81 -29.42 32.61 1.04
C ALA A 81 -28.94 33.69 2.00
N VAL A 82 -27.91 33.36 2.79
CA VAL A 82 -27.36 34.34 3.73
C VAL A 82 -26.07 34.92 3.17
N ASP A 83 -25.56 34.30 2.11
CA ASP A 83 -24.33 34.78 1.47
C ASP A 83 -24.55 34.78 -0.03
N ALA A 84 -24.02 35.79 -0.70
CA ALA A 84 -24.15 35.91 -2.14
C ALA A 84 -23.14 35.03 -2.89
N ALA A 85 -22.13 34.54 -2.17
CA ALA A 85 -21.09 33.72 -2.80
C ALA A 85 -20.92 32.35 -2.15
N LYS A 86 -20.71 32.36 -0.83
CA LYS A 86 -20.51 31.14 -0.09
C LYS A 86 -21.78 30.31 0.00
N ALA A 87 -21.69 29.05 -0.42
CA ALA A 87 -22.83 28.14 -0.38
C ALA A 87 -23.07 27.67 1.06
N ALA A 88 -24.32 27.78 1.52
CA ALA A 88 -24.63 27.36 2.89
C ALA A 88 -24.27 25.89 3.07
N ALA A 89 -24.16 25.17 1.95
CA ALA A 89 -23.79 23.75 2.01
C ALA A 89 -22.42 23.52 2.63
N VAL A 90 -21.54 24.52 2.55
CA VAL A 90 -20.20 24.38 3.12
C VAL A 90 -20.26 24.33 4.65
N GLN A 91 -21.04 25.21 5.26
CA GLN A 91 -21.16 25.23 6.72
C GLN A 91 -21.84 23.97 7.25
N ILE A 92 -22.92 23.57 6.58
CA ILE A 92 -23.66 22.37 6.97
C ILE A 92 -22.74 21.15 6.88
N HIS A 93 -22.01 21.02 5.76
CA HIS A 93 -21.09 19.92 5.57
C HIS A 93 -20.12 19.87 6.76
N ASN A 94 -19.70 21.05 7.20
CA ASN A 94 -18.78 21.16 8.34
C ASN A 94 -19.46 20.75 9.65
N LEU A 95 -20.60 21.37 9.95
CA LEU A 95 -21.32 21.06 11.18
C LEU A 95 -21.66 19.58 11.32
N LEU A 96 -21.99 18.93 10.20
CA LEU A 96 -22.35 17.51 10.23
C LEU A 96 -21.16 16.56 10.21
N GLY A 97 -19.94 17.09 10.04
CA GLY A 97 -18.76 16.23 10.03
C GLY A 97 -18.65 15.25 8.87
N ILE A 98 -19.13 15.66 7.70
CA ILE A 98 -19.06 14.80 6.53
C ILE A 98 -17.63 14.75 5.99
N GLN A 99 -17.25 13.63 5.39
CA GLN A 99 -15.91 13.48 4.86
C GLN A 99 -15.62 14.65 3.89
N PRO A 100 -14.37 15.15 3.87
CA PRO A 100 -13.87 16.26 3.05
C PRO A 100 -13.95 16.24 1.53
N PHE A 101 -13.82 15.06 0.91
CA PHE A 101 -13.83 14.99 -0.55
C PHE A 101 -15.22 14.95 -1.14
N ALA A 102 -15.94 16.05 -0.95
CA ALA A 102 -17.30 16.15 -1.43
C ALA A 102 -17.55 17.52 -2.02
N ARG A 103 -18.48 17.56 -2.96
CA ARG A 103 -18.86 18.83 -3.59
C ARG A 103 -19.90 19.47 -2.70
N CYS A 104 -19.78 20.78 -2.49
CA CYS A 104 -20.76 21.50 -1.70
C CYS A 104 -21.17 22.75 -2.48
N PHE A 105 -22.46 22.90 -2.74
CA PHE A 105 -22.95 24.07 -3.45
C PHE A 105 -24.44 24.25 -3.24
N GLU A 106 -24.94 25.38 -3.68
CA GLU A 106 -26.37 25.66 -3.58
C GLU A 106 -27.00 25.60 -4.96
N MET A 107 -28.31 25.41 -4.98
CA MET A 107 -29.07 25.42 -6.22
C MET A 107 -30.18 26.40 -5.93
N LYS A 108 -30.48 27.25 -6.90
CA LYS A 108 -31.51 28.25 -6.73
C LYS A 108 -32.44 28.41 -7.93
N GLU A 109 -33.74 28.44 -7.65
CA GLU A 109 -34.80 28.64 -8.62
C GLU A 109 -36.10 28.60 -7.83
N ALA A 110 -36.30 29.61 -6.99
CA ALA A 110 -37.50 29.72 -6.17
C ALA A 110 -37.78 28.43 -5.38
N SCY A 111 -39.01 27.95 -5.41
CA SCY A 111 -39.41 26.75 -4.67
CB SCY A 111 -40.90 26.78 -4.39
SG SCY A 111 -41.46 28.25 -3.53
CD SCY A 111 -41.55 29.27 -5.00
OCD SCY A 111 -42.08 28.83 -6.01
CE SCY A 111 -41.00 30.69 -4.97
C SCY A 111 -39.09 25.46 -5.40
O SCY A 111 -39.35 24.37 -4.88
N CYS A 111 -39.01 27.95 -5.40
CA CYS A 111 -39.35 26.75 -4.66
C CYS A 111 -39.09 25.46 -5.40
N TYR A 112 -38.52 25.57 -6.60
CA TYR A 112 -38.19 24.40 -7.43
C TYR A 112 -36.89 23.66 -7.11
N ALA A 113 -35.85 24.42 -6.76
CA ALA A 113 -34.49 23.92 -6.50
C ALA A 113 -34.16 22.58 -5.84
N ALA A 114 -34.98 22.08 -4.91
CA ALA A 114 -34.65 20.79 -4.29
C ALA A 114 -34.86 19.61 -5.24
N THR A 115 -35.69 19.82 -6.25
CA THR A 115 -35.98 18.75 -7.20
C THR A 115 -34.79 18.46 -8.12
N PRO A 116 -34.25 19.49 -8.78
CA PRO A 116 -33.10 19.18 -9.64
C PRO A 116 -31.95 18.68 -8.77
N ALA A 117 -31.97 19.01 -7.47
CA ALA A 117 -30.90 18.56 -6.58
C ALA A 117 -30.93 17.04 -6.35
N ILE A 118 -32.11 16.49 -6.04
CA ILE A 118 -32.18 15.04 -5.83
C ILE A 118 -32.10 14.26 -7.15
N GLN A 119 -32.65 14.85 -8.21
CA GLN A 119 -32.64 14.20 -9.53
C GLN A 119 -31.21 14.12 -10.07
N LEU A 120 -30.47 15.22 -9.97
CA LEU A 120 -29.10 15.22 -10.43
C LEU A 120 -28.25 14.43 -9.46
N ALA A 121 -28.71 14.32 -8.21
CA ALA A 121 -28.00 13.53 -7.21
C ALA A 121 -28.07 12.08 -7.69
N LYS A 122 -29.26 11.67 -8.12
CA LYS A 122 -29.47 10.31 -8.62
C LYS A 122 -28.57 10.08 -9.85
N ASP A 123 -28.57 11.04 -10.77
CA ASP A 123 -27.74 10.91 -11.97
C ASP A 123 -26.28 10.74 -11.56
N TYR A 124 -25.85 11.54 -10.58
CA TYR A 124 -24.47 11.45 -10.10
C TYR A 124 -24.16 10.05 -9.56
N LEU A 125 -25.09 9.50 -8.79
CA LEU A 125 -24.89 8.19 -8.20
C LEU A 125 -25.00 7.02 -9.16
N ALA A 126 -25.46 7.29 -10.38
CA ALA A 126 -25.64 6.26 -11.40
C ALA A 126 -24.58 5.16 -11.40
N THR A 127 -23.33 5.56 -11.41
CA THR A 127 -22.24 4.59 -11.41
C THR A 127 -21.44 4.61 -10.13
N ARG A 128 -22.05 5.12 -9.05
CA ARG A 128 -21.39 5.19 -7.76
C ARG A 128 -22.24 4.52 -6.68
N PRO A 129 -22.37 3.18 -6.76
CA PRO A 129 -23.18 2.43 -5.78
C PRO A 129 -22.74 2.56 -4.34
N ASN A 130 -21.47 2.90 -4.12
CA ASN A 130 -20.97 3.03 -2.76
C ASN A 130 -21.05 4.44 -2.21
N GLU A 131 -21.55 5.38 -3.02
CA GLU A 131 -21.68 6.76 -2.56
C GLU A 131 -23.10 7.17 -2.26
N LYS A 132 -23.24 8.29 -1.58
CA LYS A 132 -24.55 8.84 -1.24
C LYS A 132 -24.50 10.35 -1.46
N VAL A 133 -25.67 10.99 -1.43
CA VAL A 133 -25.76 12.43 -1.60
C VAL A 133 -26.72 13.01 -0.58
N LEU A 134 -26.34 14.13 0.02
CA LEU A 134 -27.20 14.78 1.00
C LEU A 134 -27.79 16.03 0.38
N VAL A 135 -29.12 16.06 0.24
CA VAL A 135 -29.81 17.21 -0.31
C VAL A 135 -30.57 17.89 0.81
N ILE A 136 -30.43 19.21 0.92
CA ILE A 136 -31.12 19.93 1.97
C ILE A 136 -31.89 21.12 1.43
N ALA A 137 -33.18 21.13 1.71
CA ALA A 137 -34.03 22.25 1.33
C ALA A 137 -34.17 23.04 2.62
N THR A 138 -33.86 24.33 2.57
CA THR A 138 -33.96 25.14 3.77
C THR A 138 -34.33 26.55 3.35
N ASP A 139 -35.36 27.10 3.99
CA ASP A 139 -35.84 28.43 3.62
C ASP A 139 -36.70 29.08 4.70
N THR A 140 -36.84 30.39 4.59
CA THR A 140 -37.69 31.18 5.47
C THR A 140 -38.60 31.96 4.53
N ALA A 141 -39.89 31.63 4.49
CA ALA A 141 -40.83 32.34 3.64
C ALA A 141 -41.36 33.56 4.39
N ARG A 142 -40.81 34.73 4.07
CA ARG A 142 -41.20 35.97 4.75
C ARG A 142 -41.70 37.01 3.74
N TYR A 143 -42.93 37.47 3.92
CA TYR A 143 -43.51 38.45 3.00
C TYR A 143 -43.61 39.85 3.61
N GLY A 144 -43.54 39.93 4.93
CA GLY A 144 -43.63 41.21 5.59
C GLY A 144 -44.98 41.38 6.27
N LEU A 145 -44.97 41.95 7.47
CA LEU A 145 -46.20 42.17 8.22
C LEU A 145 -47.25 42.93 7.41
N ASN A 146 -48.50 42.48 7.50
CA ASN A 146 -49.62 43.09 6.80
C ASN A 146 -49.49 43.06 5.28
N SER A 147 -48.64 42.17 4.78
CA SER A 147 -48.46 42.05 3.33
C SER A 147 -49.50 41.08 2.79
N GLY A 148 -49.62 41.03 1.47
CA GLY A 148 -50.57 40.12 0.87
C GLY A 148 -50.22 38.67 1.16
N GLY A 149 -48.95 38.32 0.99
CA GLY A 149 -48.52 36.95 1.22
C GLY A 149 -48.31 36.52 2.66
N GLU A 150 -48.35 37.47 3.59
CA GLU A 150 -48.13 37.15 5.00
C GLU A 150 -48.77 35.89 5.58
N PRO A 151 -50.04 35.62 5.24
CA PRO A 151 -50.72 34.43 5.77
C PRO A 151 -50.12 33.08 5.36
N THR A 152 -49.34 33.08 4.29
CA THR A 152 -48.72 31.86 3.79
C THR A 152 -47.30 31.65 4.27
N GLN A 153 -46.80 32.58 5.09
CA GLN A 153 -45.44 32.49 5.61
C GLN A 153 -45.12 31.22 6.40
N GLY A 154 -43.83 30.89 6.43
CA GLY A 154 -43.38 29.72 7.15
C GLY A 154 -41.86 29.64 7.09
N ALA A 155 -41.28 28.68 7.80
CA ALA A 155 -39.84 28.49 7.80
C ALA A 155 -39.52 27.07 8.22
N GLY A 156 -38.50 26.48 7.62
CA GLY A 156 -38.12 25.13 7.97
C GLY A 156 -37.09 24.58 7.00
N ALA A 157 -36.84 23.28 7.10
CA ALA A 157 -35.89 22.62 6.22
C ALA A 157 -36.21 21.14 6.12
N VAL A 158 -35.83 20.54 4.99
CA VAL A 158 -36.05 19.12 4.77
C VAL A 158 -34.74 18.52 4.29
N ALA A 159 -34.32 17.42 4.90
CA ALA A 159 -33.08 16.76 4.50
C ALA A 159 -33.40 15.40 3.89
N MET A 160 -32.71 15.08 2.81
CA MET A 160 -32.91 13.81 2.12
C MET A 160 -31.57 13.18 1.80
N VAL A 161 -31.46 11.89 2.05
CA VAL A 161 -30.23 11.16 1.75
C VAL A 161 -30.58 10.31 0.54
N ILE A 162 -29.92 10.57 -0.58
CA ILE A 162 -30.16 9.83 -1.82
C ILE A 162 -29.11 8.73 -1.88
N ALA A 163 -29.53 7.53 -2.26
CA ALA A 163 -28.58 6.43 -2.33
C ALA A 163 -29.15 5.24 -3.07
N HIS A 164 -28.30 4.24 -3.31
CA HIS A 164 -28.69 3.02 -3.99
C HIS A 164 -29.50 2.14 -3.05
N ASN A 165 -30.37 1.30 -3.62
CA ASN A 165 -31.20 0.41 -2.81
C ASN A 165 -31.75 1.20 -1.63
N PRO A 166 -32.44 2.33 -1.91
CA PRO A 166 -33.02 3.19 -0.88
C PRO A 166 -34.06 2.47 -0.03
N SER A 167 -34.19 2.89 1.22
CA SER A 167 -35.14 2.28 2.14
C SER A 167 -36.57 2.75 1.99
N ILE A 168 -36.75 3.95 1.46
CA ILE A 168 -38.08 4.52 1.33
C ILE A 168 -38.68 4.65 -0.06
N LEU A 169 -38.01 5.38 -0.95
CA LEU A 169 -38.53 5.57 -2.30
C LEU A 169 -37.52 5.41 -3.42
N ALA A 170 -37.96 4.78 -4.50
CA ALA A 170 -37.11 4.61 -5.67
C ALA A 170 -37.52 5.72 -6.63
N LEU A 171 -36.55 6.52 -7.06
CA LEU A 171 -36.84 7.58 -8.02
C LEU A 171 -36.87 6.94 -9.40
N ASN A 172 -37.94 7.16 -10.14
CA ASN A 172 -38.04 6.56 -11.46
C ASN A 172 -37.41 7.48 -12.52
N GLU A 173 -37.26 6.97 -13.73
CA GLU A 173 -36.61 7.74 -14.80
C GLU A 173 -37.62 8.35 -15.78
N ASP A 174 -38.54 9.16 -15.25
CA ASP A 174 -39.58 9.75 -16.09
C ASP A 174 -39.79 11.25 -15.90
N ALA A 175 -38.86 11.91 -15.22
CA ALA A 175 -39.04 13.34 -14.98
C ALA A 175 -39.04 14.20 -16.23
N VAL A 176 -39.96 15.15 -16.27
CA VAL A 176 -40.04 16.09 -17.38
C VAL A 176 -40.31 17.47 -16.77
N ALA A 177 -39.48 18.45 -17.13
CA ALA A 177 -39.60 19.80 -16.61
C ALA A 177 -40.23 20.75 -17.63
N TYR A 178 -40.78 21.86 -17.14
CA TYR A 178 -41.42 22.85 -17.99
C TYR A 178 -41.08 24.25 -17.49
N THR A 179 -40.40 25.02 -18.33
CA THR A 179 -40.02 26.39 -17.98
C THR A 179 -40.79 27.42 -18.79
N GLU A 180 -41.22 28.48 -18.12
CA GLU A 180 -41.97 29.55 -18.77
C GLU A 180 -41.65 30.86 -18.04
N ASP A 181 -41.03 31.79 -18.77
CA ASP A 181 -40.66 33.08 -18.18
C ASP A 181 -41.85 33.92 -17.77
N VAL A 182 -42.11 34.02 -16.47
CA VAL A 182 -43.22 34.82 -15.98
C VAL A 182 -42.87 35.48 -14.65
N TYR A 183 -43.49 36.63 -14.39
CA TYR A 183 -43.22 37.36 -13.16
C TYR A 183 -44.35 37.29 -12.15
N ASP A 184 -44.62 36.08 -11.68
CA ASP A 184 -45.67 35.86 -10.70
C ASP A 184 -45.15 36.13 -9.30
N PHE A 185 -43.85 35.83 -9.10
CA PHE A 185 -43.18 35.98 -7.82
C PHE A 185 -41.68 36.05 -8.08
N TRP A 186 -41.02 37.01 -7.45
CA TRP A 186 -39.57 37.18 -7.61
C TRP A 186 -39.07 38.13 -6.53
N ARG A 187 -37.77 38.11 -6.27
CA ARG A 187 -37.19 38.95 -5.24
C ARG A 187 -35.86 39.56 -5.67
N PRO A 188 -35.91 40.73 -6.32
CA PRO A 188 -34.70 41.43 -6.79
C PRO A 188 -33.73 41.67 -5.65
N THR A 189 -32.44 41.58 -5.96
CA THR A 189 -31.40 41.82 -4.95
C THR A 189 -31.71 43.15 -4.27
N GLY A 190 -31.61 43.15 -2.95
CA GLY A 190 -31.88 44.37 -2.20
C GLY A 190 -33.20 44.29 -1.46
N HIS A 191 -34.19 43.63 -2.07
CA HIS A 191 -35.50 43.48 -1.47
C HIS A 191 -35.49 42.42 -0.39
N LYS A 192 -35.91 42.78 0.81
CA LYS A 192 -35.95 41.82 1.90
C LYS A 192 -37.12 40.87 1.67
N TYR A 193 -38.19 41.38 1.07
CA TYR A 193 -39.36 40.56 0.82
C TYR A 193 -39.66 40.41 -0.67
N PRO A 194 -40.33 39.31 -1.04
CA PRO A 194 -40.69 39.02 -2.43
C PRO A 194 -41.74 39.97 -2.99
N LEU A 195 -41.71 40.14 -4.30
CA LEU A 195 -42.71 40.96 -4.99
C LEU A 195 -43.63 39.84 -5.47
N VAL A 196 -44.94 40.07 -5.46
CA VAL A 196 -45.84 39.01 -5.88
C VAL A 196 -47.16 39.46 -6.46
N ASP A 197 -47.54 38.82 -7.55
CA ASP A 197 -48.80 39.09 -8.20
C ASP A 197 -49.67 37.89 -7.81
N GLY A 198 -50.35 38.02 -6.67
CA GLY A 198 -51.20 36.97 -6.13
C GLY A 198 -52.02 36.12 -7.09
N ALA A 199 -52.89 36.78 -7.84
CA ALA A 199 -53.75 36.10 -8.80
C ALA A 199 -52.94 35.39 -9.87
N LEU A 200 -51.96 36.11 -10.43
CA LEU A 200 -51.11 35.56 -11.47
C LEU A 200 -50.29 34.38 -10.95
N SER A 201 -49.93 34.41 -9.67
CA SER A 201 -49.14 33.33 -9.11
C SER A 201 -49.97 32.05 -9.03
N LYS A 202 -51.29 32.20 -8.89
CA LYS A 202 -52.16 31.03 -8.84
C LYS A 202 -52.30 30.47 -10.25
N ASP A 203 -52.44 31.36 -11.24
CA ASP A 203 -52.57 30.91 -12.62
C ASP A 203 -51.28 30.29 -13.14
N ALA A 204 -50.15 30.89 -12.76
CA ALA A 204 -48.85 30.39 -13.18
C ALA A 204 -48.59 28.99 -12.65
N TYR A 205 -48.90 28.78 -11.37
CA TYR A 205 -48.70 27.47 -10.73
C TYR A 205 -49.52 26.40 -11.46
N ILE A 206 -50.82 26.65 -11.60
CA ILE A 206 -51.70 25.69 -12.27
C ILE A 206 -51.30 25.44 -13.72
N ARG A 207 -50.89 26.47 -14.45
CA ARG A 207 -50.50 26.27 -15.84
C ARG A 207 -49.23 25.42 -15.92
N SER A 208 -48.27 25.72 -15.05
CA SER A 208 -47.02 24.97 -15.02
C SER A 208 -47.31 23.51 -14.71
N PHE A 209 -48.26 23.28 -13.80
CA PHE A 209 -48.63 21.92 -13.45
C PHE A 209 -49.30 21.19 -14.62
N GLN A 210 -50.25 21.85 -15.28
CA GLN A 210 -50.96 21.23 -16.40
C GLN A 210 -50.02 20.89 -17.56
N GLN A 211 -49.12 21.82 -17.91
CA GLN A 211 -48.17 21.58 -19.00
C GLN A 211 -47.23 20.43 -18.69
N SER A 212 -46.74 20.40 -17.45
CA SER A 212 -45.81 19.35 -17.05
C SER A 212 -46.48 18.00 -17.03
N TRP A 213 -47.66 17.95 -16.43
CA TRP A 213 -48.40 16.70 -16.36
C TRP A 213 -48.76 16.21 -17.75
N ASN A 214 -49.30 17.09 -18.59
CA ASN A 214 -49.69 16.70 -19.94
C ASN A 214 -48.55 16.10 -20.72
N GLU A 215 -47.38 16.74 -20.68
CA GLU A 215 -46.25 16.21 -21.41
C GLU A 215 -45.81 14.89 -20.77
N TYR A 216 -45.82 14.83 -19.45
CA TYR A 216 -45.44 13.61 -18.75
C TYR A 216 -46.36 12.47 -19.21
N ALA A 217 -47.67 12.71 -19.12
CA ALA A 217 -48.65 11.71 -19.52
C ALA A 217 -48.43 11.24 -20.95
N LYS A 218 -47.99 12.16 -21.81
CA LYS A 218 -47.75 11.85 -23.22
C LYS A 218 -46.49 11.00 -23.40
N ARG A 219 -45.41 11.38 -22.73
CA ARG A 219 -44.15 10.65 -22.84
C ARG A 219 -44.16 9.27 -22.18
N GLN A 220 -44.81 9.15 -21.03
CA GLN A 220 -44.83 7.87 -20.34
C GLN A 220 -46.04 6.99 -20.66
N GLY A 221 -46.97 7.51 -21.46
CA GLY A 221 -48.15 6.73 -21.78
C GLY A 221 -48.84 6.34 -20.49
N LYS A 222 -49.10 7.34 -19.65
CA LYS A 222 -49.74 7.13 -18.35
C LYS A 222 -50.91 8.06 -18.13
N SER A 223 -51.69 7.79 -17.09
CA SER A 223 -52.84 8.60 -16.73
C SER A 223 -52.91 8.66 -15.21
N LEU A 224 -53.79 9.48 -14.67
CA LEU A 224 -53.92 9.60 -13.23
C LEU A 224 -54.23 8.27 -12.54
N ALA A 225 -54.99 7.41 -13.21
CA ALA A 225 -55.37 6.12 -12.65
C ALA A 225 -54.15 5.28 -12.26
N ASP A 226 -53.01 5.52 -12.89
CA ASP A 226 -51.79 4.77 -12.58
C ASP A 226 -51.13 5.19 -11.28
N PHE A 227 -51.62 6.27 -10.68
CA PHE A 227 -50.99 6.74 -9.44
C PHE A 227 -51.80 6.50 -8.18
N ALA A 228 -51.11 6.02 -7.15
CA ALA A 228 -51.75 5.75 -5.86
C ALA A 228 -52.09 7.10 -5.22
N SER A 229 -51.26 8.10 -5.50
CA SER A 229 -51.48 9.43 -4.96
C SER A 229 -50.52 10.44 -5.59
N LEU A 230 -50.91 11.71 -5.59
CA LEU A 230 -50.06 12.76 -6.10
C LEU A 230 -49.57 13.57 -4.91
N CYS A 231 -48.45 14.26 -5.09
CA CYS A 231 -47.86 15.08 -4.05
C CYS A 231 -47.42 16.37 -4.77
N PHE A 232 -47.76 17.54 -4.24
CA PHE A 232 -47.43 18.82 -4.88
C PHE A 232 -46.65 19.77 -3.98
N HIS A 233 -46.08 20.80 -4.60
CA HIS A 233 -45.39 21.85 -3.86
C HIS A 233 -46.53 22.54 -3.13
N VAL A 234 -46.35 22.82 -1.84
CA VAL A 234 -47.43 23.44 -1.09
C VAL A 234 -47.18 24.83 -0.50
N PRO A 235 -47.62 25.90 -1.20
CA PRO A 235 -47.44 27.26 -0.68
C PRO A 235 -48.46 27.47 0.45
N PHE A 236 -49.60 26.80 0.30
CA PHE A 236 -50.70 26.76 1.24
C PHE A 236 -51.58 25.60 0.72
N THR A 237 -52.09 24.76 1.63
CA THR A 237 -52.85 23.57 1.24
C THR A 237 -53.91 23.68 0.15
N LYS A 238 -54.61 24.80 0.09
CA LYS A 238 -55.63 24.98 -0.94
C LYS A 238 -55.09 25.16 -2.36
N MET A 239 -53.85 25.64 -2.47
CA MET A 239 -53.25 25.85 -3.79
C MET A 239 -53.11 24.54 -4.55
N GLY A 240 -52.62 23.52 -3.87
CA GLY A 240 -52.45 22.22 -4.49
C GLY A 240 -53.79 21.57 -4.76
N LYS A 241 -54.77 21.87 -3.90
CA LYS A 241 -56.11 21.31 -4.05
C LYS A 241 -56.71 21.79 -5.37
N LYS A 242 -56.56 23.09 -5.64
CA LYS A 242 -57.08 23.68 -6.86
C LYS A 242 -56.39 23.09 -8.08
N ALA A 243 -55.06 23.03 -8.04
CA ALA A 243 -54.30 22.47 -9.15
C ALA A 243 -54.70 21.02 -9.42
N LEU A 244 -54.93 20.24 -8.36
CA LEU A 244 -55.34 18.85 -8.54
C LEU A 244 -56.71 18.79 -9.22
N GLU A 245 -57.64 19.56 -8.70
CA GLU A 245 -58.99 19.62 -9.23
C GLU A 245 -59.03 19.97 -10.73
N SER A 246 -58.14 20.85 -11.15
CA SER A 246 -58.11 21.29 -12.54
C SER A 246 -57.74 20.20 -13.55
N ILE A 247 -57.42 19.00 -13.07
CA ILE A 247 -57.06 17.93 -14.02
C ILE A 247 -57.70 16.57 -13.76
N ILE A 248 -58.20 16.38 -12.56
CA ILE A 248 -58.80 15.09 -12.21
C ILE A 248 -60.23 14.91 -12.67
N ASP A 249 -60.84 15.97 -13.18
CA ASP A 249 -62.21 15.88 -13.66
C ASP A 249 -62.35 14.82 -14.76
N ASN A 250 -61.27 14.62 -15.52
CA ASN A 250 -61.27 13.65 -16.61
C ASN A 250 -61.06 12.22 -16.10
N ALA A 251 -60.62 12.11 -14.84
CA ALA A 251 -60.37 10.79 -14.25
C ALA A 251 -61.65 10.14 -13.75
N ASP A 252 -61.59 8.82 -13.52
CA ASP A 252 -62.73 8.06 -13.04
C ASP A 252 -63.01 8.43 -11.57
N GLU A 253 -64.19 8.06 -11.08
CA GLU A 253 -64.58 8.35 -9.71
C GLU A 253 -63.67 7.68 -8.69
N THR A 254 -63.27 6.45 -8.98
CA THR A 254 -62.39 5.73 -8.07
C THR A 254 -61.04 6.45 -7.97
N THR A 255 -60.52 6.89 -9.11
CA THR A 255 -59.24 7.58 -9.13
C THR A 255 -59.37 8.95 -8.48
N GLN A 256 -60.48 9.63 -8.74
CA GLN A 256 -60.70 10.94 -8.16
C GLN A 256 -60.76 10.86 -6.65
N GLU A 257 -61.44 9.84 -6.15
CA GLU A 257 -61.57 9.69 -4.71
C GLU A 257 -60.23 9.35 -4.06
N ARG A 258 -59.46 8.49 -4.71
CA ARG A 258 -58.16 8.07 -4.21
C ARG A 258 -57.14 9.21 -4.14
N LEU A 259 -57.07 10.01 -5.19
CA LEU A 259 -56.11 11.11 -5.22
C LEU A 259 -56.55 12.25 -4.32
N ARG A 260 -57.85 12.47 -4.21
CA ARG A 260 -58.35 13.52 -3.33
C ARG A 260 -58.02 13.18 -1.90
N SER A 261 -58.16 11.90 -1.56
CA SER A 261 -57.86 11.42 -0.21
C SER A 261 -56.36 11.48 0.08
N GLY A 262 -55.56 11.04 -0.89
CA GLY A 262 -54.12 11.07 -0.71
C GLY A 262 -53.61 12.49 -0.48
N TYR A 263 -54.19 13.44 -1.22
CA TYR A 263 -53.80 14.83 -1.09
C TYR A 263 -53.95 15.30 0.36
N GLU A 264 -55.08 14.98 0.99
CA GLU A 264 -55.31 15.40 2.37
C GLU A 264 -54.23 14.88 3.30
N ASP A 265 -53.82 13.63 3.10
CA ASP A 265 -52.76 13.05 3.94
C ASP A 265 -51.45 13.78 3.62
N ALA A 266 -51.29 14.13 2.34
CA ALA A 266 -50.08 14.82 1.89
C ALA A 266 -49.88 16.21 2.50
N VAL A 267 -50.98 16.93 2.75
CA VAL A 267 -50.88 18.28 3.29
C VAL A 267 -51.15 18.39 4.79
N ASP A 268 -51.22 17.26 5.47
CA ASP A 268 -51.50 17.24 6.90
C ASP A 268 -50.46 18.04 7.71
N TYR A 269 -49.18 17.75 7.51
CA TYR A 269 -48.15 18.46 8.27
C TYR A 269 -48.05 19.93 7.86
N ASN A 270 -48.14 20.19 6.56
CA ASN A 270 -48.02 21.54 6.02
C ASN A 270 -49.00 22.54 6.61
N ARG A 271 -50.17 22.05 7.00
N ARG A 271 -50.17 22.05 7.00
CA ARG A 271 -51.21 22.91 7.57
CA ARG A 271 -51.20 22.91 7.58
C ARG A 271 -50.75 23.56 8.88
C ARG A 271 -50.73 23.57 8.87
N TYR A 272 -49.84 22.89 9.58
CA TYR A 272 -49.32 23.40 10.85
C TYR A 272 -47.93 24.02 10.78
N VAL A 273 -47.49 24.35 9.57
CA VAL A 273 -46.15 24.93 9.40
C VAL A 273 -46.19 26.16 8.52
N GLY A 274 -46.71 26.00 7.31
CA GLY A 274 -46.79 27.11 6.38
C GLY A 274 -45.83 26.81 5.23
N ASN A 275 -45.68 27.77 4.33
CA ASN A 275 -44.80 27.60 3.18
C ASN A 275 -43.34 27.62 3.62
N ILE A 276 -42.57 26.61 3.21
CA ILE A 276 -41.16 26.59 3.54
C ILE A 276 -40.40 26.51 2.22
N TYR A 277 -40.99 27.14 1.20
CA TYR A 277 -40.41 27.21 -0.14
C TYR A 277 -39.92 25.88 -0.73
N THR A 278 -38.61 25.80 -0.98
CA THR A 278 -38.04 24.57 -1.56
C THR A 278 -38.40 23.29 -0.83
N GLY A 279 -38.63 23.36 0.47
CA GLY A 279 -38.95 22.14 1.20
C GLY A 279 -40.44 21.77 1.25
N SER A 280 -41.31 22.66 0.81
CA SER A 280 -42.75 22.41 0.89
C SER A 280 -43.20 21.09 0.28
N LEU A 281 -42.77 20.80 -0.93
CA LEU A 281 -43.14 19.57 -1.61
C LEU A 281 -42.66 18.37 -0.81
N TYR A 282 -41.43 18.46 -0.32
CA TYR A 282 -40.84 17.36 0.40
C TYR A 282 -41.34 17.18 1.83
N LEU A 283 -41.84 18.27 2.43
CA LEU A 283 -42.43 18.18 3.77
C LEU A 283 -43.75 17.45 3.54
N SER A 284 -44.37 17.76 2.40
CA SER A 284 -45.64 17.16 2.01
C SER A 284 -45.44 15.67 1.72
N LEU A 285 -44.29 15.32 1.16
CA LEU A 285 -43.99 13.91 0.87
C LEU A 285 -43.89 13.11 2.16
N ILE A 286 -43.28 13.71 3.19
CA ILE A 286 -43.14 13.05 4.49
C ILE A 286 -44.54 12.85 5.08
N SER A 287 -45.35 13.91 5.02
CA SER A 287 -46.72 13.86 5.54
C SER A 287 -47.50 12.73 4.86
N LEU A 288 -47.40 12.66 3.54
CA LEU A 288 -48.08 11.61 2.78
C LEU A 288 -47.61 10.22 3.17
N LEU A 289 -46.29 10.04 3.26
CA LEU A 289 -45.73 8.74 3.62
C LEU A 289 -46.10 8.26 5.02
N GLU A 290 -46.24 9.20 5.95
CA GLU A 290 -46.57 8.85 7.33
C GLU A 290 -48.05 8.86 7.67
N ASN A 291 -48.84 9.65 6.94
CA ASN A 291 -50.27 9.72 7.23
C ASN A 291 -51.14 8.79 6.41
N ARG A 292 -50.56 8.24 5.34
CA ARG A 292 -51.32 7.33 4.50
C ARG A 292 -50.66 5.97 4.61
N ASP A 293 -51.42 4.92 4.28
CA ASP A 293 -50.88 3.58 4.35
C ASP A 293 -50.64 3.01 2.97
N LEU A 294 -49.90 3.76 2.16
CA LEU A 294 -49.58 3.31 0.80
C LEU A 294 -48.81 2.03 0.93
N GLN A 295 -49.03 1.11 -0.02
CA GLN A 295 -48.36 -0.18 0.00
C GLN A 295 -47.10 -0.13 -0.85
N ALA A 296 -46.09 -0.88 -0.43
CA ALA A 296 -44.85 -0.95 -1.18
C ALA A 296 -45.21 -1.34 -2.61
N GLY A 297 -44.44 -0.83 -3.58
CA GLY A 297 -44.73 -1.13 -4.97
C GLY A 297 -45.66 -0.14 -5.63
N GLU A 298 -46.37 0.64 -4.82
CA GLU A 298 -47.28 1.63 -5.38
C GLU A 298 -46.47 2.84 -5.82
N THR A 299 -47.01 3.61 -6.75
CA THR A 299 -46.29 4.77 -7.27
C THR A 299 -46.94 6.10 -6.92
N ILE A 300 -46.09 7.07 -6.57
CA ILE A 300 -46.53 8.41 -6.23
C ILE A 300 -46.14 9.36 -7.35
N GLY A 301 -46.99 10.34 -7.62
CA GLY A 301 -46.68 11.32 -8.66
C GLY A 301 -46.36 12.63 -7.96
N LEU A 302 -45.23 13.25 -8.32
CA LEU A 302 -44.83 14.50 -7.69
C LEU A 302 -44.71 15.68 -8.64
N PHE A 303 -45.23 16.82 -8.22
CA PHE A 303 -45.12 18.03 -9.04
C PHE A 303 -44.38 19.09 -8.24
N SER A 304 -43.25 19.53 -8.78
CA SER A 304 -42.44 20.53 -8.13
C SER A 304 -42.65 21.86 -8.87
N TYR A 305 -42.80 22.95 -8.13
CA TYR A 305 -42.99 24.25 -8.73
C TYR A 305 -42.04 25.29 -8.15
N GLY A 306 -41.72 26.27 -8.98
CA GLY A 306 -40.85 27.36 -8.58
C GLY A 306 -41.33 28.55 -9.41
N SER A 307 -41.66 29.66 -8.76
CA SER A 307 -42.13 30.83 -9.50
C SER A 307 -41.04 31.26 -10.47
N GLY A 308 -41.43 31.94 -11.56
CA GLY A 308 -40.42 32.42 -12.49
C GLY A 308 -40.52 32.11 -13.99
N SER A 309 -40.87 30.88 -14.37
CA SER A 309 -41.21 29.80 -13.46
C SER A 309 -40.73 28.48 -14.04
N VAL A 310 -40.56 27.49 -13.18
CA VAL A 310 -40.14 26.18 -13.64
C VAL A 310 -40.97 25.13 -12.89
N GLY A 311 -41.51 24.17 -13.65
CA GLY A 311 -42.30 23.11 -13.07
C GLY A 311 -41.72 21.77 -13.48
N GLU A 312 -42.03 20.73 -12.71
CA GLU A 312 -41.54 19.40 -13.03
C GLU A 312 -42.37 18.31 -12.41
N PHE A 313 -42.66 17.28 -13.20
CA PHE A 313 -43.44 16.14 -12.73
C PHE A 313 -42.61 14.89 -12.94
N TYR A 314 -42.55 14.06 -11.88
CA TYR A 314 -41.83 12.79 -11.93
C TYR A 314 -42.50 11.83 -10.97
N SER A 315 -42.10 10.56 -10.98
CA SER A 315 -42.71 9.60 -10.08
C SER A 315 -41.65 8.87 -9.26
N ALA A 316 -42.11 8.24 -8.19
CA ALA A 316 -41.25 7.48 -7.28
C ALA A 316 -42.08 6.29 -6.78
N THR A 317 -41.43 5.15 -6.60
CA THR A 317 -42.14 3.96 -6.16
C THR A 317 -41.74 3.52 -4.74
N LEU A 318 -42.75 3.28 -3.92
CA LEU A 318 -42.52 2.86 -2.53
C LEU A 318 -41.79 1.54 -2.43
N VAL A 319 -40.71 1.53 -1.66
CA VAL A 319 -39.87 0.37 -1.43
C VAL A 319 -40.44 -0.57 -0.36
N GLU A 320 -40.26 -1.87 -0.54
CA GLU A 320 -40.76 -2.83 0.43
C GLU A 320 -40.21 -2.53 1.82
N GLY A 321 -41.11 -2.45 2.81
CA GLY A 321 -40.71 -2.19 4.19
C GLY A 321 -40.36 -0.75 4.54
N TYR A 322 -40.76 0.20 3.69
CA TYR A 322 -40.46 1.61 3.94
C TYR A 322 -41.05 2.15 5.24
N LYS A 323 -42.22 1.63 5.64
CA LYS A 323 -42.85 2.08 6.87
C LYS A 323 -41.90 1.95 8.04
N ASP A 324 -41.01 0.96 7.99
CA ASP A 324 -40.06 0.74 9.06
C ASP A 324 -38.93 1.77 9.06
N HIS A 325 -38.91 2.65 8.08
CA HIS A 325 -37.86 3.66 8.01
C HIS A 325 -38.36 5.10 8.09
N LEU A 326 -39.56 5.27 8.62
CA LEU A 326 -40.14 6.60 8.77
C LEU A 326 -40.05 6.94 10.26
N ASP A 327 -40.33 8.19 10.60
CA ASP A 327 -40.28 8.62 12.00
C ASP A 327 -41.52 9.45 12.31
N GLN A 328 -42.67 8.82 12.17
CA GLN A 328 -43.95 9.49 12.43
C GLN A 328 -44.11 10.03 13.84
N ALA A 329 -43.69 9.24 14.83
CA ALA A 329 -43.78 9.65 16.24
C ALA A 329 -42.96 10.93 16.45
N ALA A 330 -41.69 10.88 16.07
CA ALA A 330 -40.81 12.03 16.22
C ALA A 330 -41.36 13.27 15.53
N HIS A 331 -41.87 13.11 14.33
CA HIS A 331 -42.44 14.22 13.56
C HIS A 331 -43.71 14.78 14.21
N LYS A 332 -44.54 13.88 14.72
CA LYS A 332 -45.75 14.32 15.39
C LYS A 332 -45.33 15.13 16.61
N ALA A 333 -44.33 14.62 17.32
CA ALA A 333 -43.82 15.28 18.52
C ALA A 333 -43.21 16.65 18.20
N LEU A 334 -42.44 16.72 17.12
CA LEU A 334 -41.81 17.96 16.70
C LEU A 334 -42.83 19.07 16.56
N LEU A 335 -43.93 18.76 15.88
CA LEU A 335 -44.98 19.75 15.67
C LEU A 335 -45.73 20.07 16.96
N ASN A 336 -46.10 19.03 17.71
CA ASN A 336 -46.85 19.23 18.95
C ASN A 336 -46.11 19.94 20.07
N ASN A 337 -44.84 19.60 20.26
CA ASN A 337 -44.07 20.20 21.33
C ASN A 337 -43.59 21.62 21.08
N ARG A 338 -44.13 22.27 20.06
CA ARG A 338 -43.73 23.64 19.79
C ARG A 338 -44.45 24.55 20.77
N THR A 339 -43.99 25.79 20.88
CA THR A 339 -44.60 26.74 21.79
C THR A 339 -45.30 27.84 21.00
N GLU A 340 -46.56 28.08 21.35
CA GLU A 340 -47.35 29.11 20.67
C GLU A 340 -46.97 30.49 21.16
N VAL A 341 -47.06 31.47 20.27
CA VAL A 341 -46.74 32.85 20.61
C VAL A 341 -47.82 33.78 20.08
N SER A 342 -48.13 34.81 20.88
CA SER A 342 -49.16 35.78 20.52
C SER A 342 -48.78 36.45 19.20
N VAL A 343 -49.75 37.11 18.58
CA VAL A 343 -49.50 37.81 17.33
C VAL A 343 -48.50 38.94 17.61
N ASP A 344 -48.53 39.45 18.85
CA ASP A 344 -47.63 40.53 19.26
C ASP A 344 -46.19 40.03 19.28
N ALA A 345 -45.96 38.93 19.99
CA ALA A 345 -44.63 38.36 20.10
C ALA A 345 -44.13 37.97 18.71
N TYR A 346 -45.01 37.35 17.93
CA TYR A 346 -44.67 36.95 16.57
C TYR A 346 -44.09 38.13 15.82
N GLU A 347 -44.77 39.27 15.88
CA GLU A 347 -44.31 40.46 15.21
C GLU A 347 -42.97 40.97 15.75
N THR A 348 -42.71 40.70 17.02
CA THR A 348 -41.44 41.10 17.63
C THR A 348 -40.34 40.22 17.05
N PHE A 349 -40.60 38.92 17.00
CA PHE A 349 -39.65 37.96 16.46
C PHE A 349 -39.33 38.34 15.01
N PHE A 350 -40.38 38.57 14.24
CA PHE A 350 -40.24 38.91 12.83
C PHE A 350 -39.35 40.13 12.62
N LYS A 351 -39.54 41.16 13.44
CA LYS A 351 -38.74 42.38 13.32
C LYS A 351 -37.28 42.10 13.66
N ARG A 352 -37.05 41.40 14.76
CA ARG A 352 -35.69 41.07 15.17
C ARG A 352 -34.97 40.24 14.13
N PHE A 353 -35.71 39.38 13.44
CA PHE A 353 -35.12 38.51 12.42
C PHE A 353 -34.59 39.31 11.23
N ASP A 354 -35.35 40.31 10.80
CA ASP A 354 -34.94 41.14 9.67
C ASP A 354 -33.56 41.75 9.89
N ASP A 355 -33.23 42.00 11.15
CA ASP A 355 -31.95 42.61 11.50
C ASP A 355 -31.01 41.66 12.22
N VAL A 356 -31.41 40.41 12.36
CA VAL A 356 -30.58 39.42 13.05
C VAL A 356 -30.16 39.95 14.42
N GLU A 357 -31.12 40.51 15.15
CA GLU A 357 -30.86 41.06 16.47
C GLU A 357 -30.94 39.93 17.49
N PHE A 358 -29.77 39.46 17.92
CA PHE A 358 -29.69 38.37 18.89
C PHE A 358 -30.34 38.71 20.22
N ASP A 359 -30.71 37.66 20.97
CA ASP A 359 -31.35 37.79 22.26
C ASP A 359 -31.53 36.40 22.84
N GLU A 360 -30.57 35.96 23.67
CA GLU A 360 -30.64 34.63 24.26
C GLU A 360 -31.90 34.44 25.10
N GLU A 361 -32.44 35.52 25.65
CA GLU A 361 -33.64 35.41 26.47
C GLU A 361 -34.90 35.23 25.64
N GLN A 362 -35.15 36.14 24.71
CA GLN A 362 -36.33 36.05 23.88
C GLN A 362 -36.33 34.80 23.01
N ASP A 363 -35.17 34.40 22.52
CA ASP A 363 -35.08 33.19 21.69
C ASP A 363 -35.00 31.96 22.56
N ALA A 364 -34.90 32.18 23.88
CA ALA A 364 -34.83 31.08 24.83
C ALA A 364 -33.76 30.08 24.44
N VAL A 365 -32.57 30.59 24.14
CA VAL A 365 -31.43 29.78 23.74
C VAL A 365 -31.08 28.61 24.66
N HIS A 366 -31.40 28.74 25.93
CA HIS A 366 -31.09 27.69 26.92
C HIS A 366 -31.79 26.36 26.60
N GLU A 367 -32.99 26.45 26.03
CA GLU A 367 -33.77 25.26 25.69
C GLU A 367 -33.16 24.44 24.56
N ASP A 368 -32.39 25.10 23.70
CA ASP A 368 -31.79 24.45 22.54
C ASP A 368 -30.43 23.79 22.71
N ARG A 369 -30.21 23.17 23.85
CA ARG A 369 -28.93 22.51 24.12
C ARG A 369 -28.62 21.33 23.20
N HIS A 370 -29.64 20.63 22.74
CA HIS A 370 -29.44 19.47 21.88
C HIS A 370 -29.57 19.69 20.37
N ILE A 371 -29.58 20.94 19.93
CA ILE A 371 -29.70 21.22 18.50
C ILE A 371 -28.68 22.23 18.02
N PHE A 372 -28.69 22.50 16.72
CA PHE A 372 -27.81 23.47 16.09
C PHE A 372 -28.56 24.81 16.09
N TYR A 373 -27.87 25.90 16.38
CA TYR A 373 -28.50 27.22 16.33
C TYR A 373 -27.46 28.31 16.15
N LEU A 374 -27.87 29.42 15.53
CA LEU A 374 -26.97 30.54 15.30
C LEU A 374 -26.73 31.21 16.65
N SER A 375 -25.52 31.02 17.19
CA SER A 375 -25.18 31.58 18.49
C SER A 375 -24.68 33.02 18.45
N ASN A 376 -24.16 33.45 17.31
CA ASN A 376 -23.66 34.81 17.20
C ASN A 376 -23.01 35.10 15.86
N ILE A 377 -22.86 36.39 15.55
CA ILE A 377 -22.22 36.82 14.32
C ILE A 377 -21.13 37.82 14.69
N GLU A 378 -19.88 37.45 14.45
CA GLU A 378 -18.77 38.33 14.77
C GLU A 378 -17.86 38.50 13.56
N ASN A 379 -17.55 39.75 13.23
CA ASN A 379 -16.72 40.06 12.09
C ASN A 379 -17.35 39.51 10.81
N ASN A 380 -18.67 39.67 10.71
CA ASN A 380 -19.42 39.22 9.55
C ASN A 380 -19.36 37.71 9.36
N VAL A 381 -18.98 36.99 10.41
CA VAL A 381 -18.89 35.54 10.35
C VAL A 381 -19.91 34.93 11.30
N ARG A 382 -20.76 34.04 10.78
CA ARG A 382 -21.78 33.40 11.61
C ARG A 382 -21.19 32.25 12.42
N GLU A 383 -21.49 32.24 13.71
CA GLU A 383 -21.01 31.19 14.60
C GLU A 383 -22.21 30.37 15.02
N TYR A 384 -21.99 29.08 15.22
CA TYR A 384 -23.09 28.20 15.60
C TYR A 384 -22.83 27.36 16.84
N HIS A 385 -23.90 27.11 17.58
CA HIS A 385 -23.83 26.25 18.75
C HIS A 385 -24.13 24.86 18.19
N ARG A 386 -23.41 23.86 18.65
CA ARG A 386 -23.61 22.51 18.17
C ARG A 386 -24.21 21.66 19.28
N PRO A 387 -25.07 20.69 18.90
CA PRO A 387 -25.71 19.81 19.89
C PRO A 387 -24.72 19.41 20.97
N GLU A 388 -25.01 19.79 22.22
CA GLU A 388 -24.11 19.45 23.32
C GLU A 388 -23.91 17.94 23.32
N THR B 2 -18.54 8.68 -25.09
CA THR B 2 -18.05 9.77 -24.19
C THR B 2 -19.03 10.93 -24.14
N ILE B 3 -18.81 11.82 -23.17
CA ILE B 3 -19.66 13.01 -22.99
C ILE B 3 -18.78 14.16 -22.55
N GLY B 4 -19.00 15.35 -23.11
CA GLY B 4 -18.18 16.49 -22.72
C GLY B 4 -18.57 17.82 -23.33
N ILE B 5 -17.59 18.72 -23.40
CA ILE B 5 -17.79 20.03 -23.97
C ILE B 5 -17.76 19.91 -25.47
N ASP B 6 -18.90 20.17 -26.09
CA ASP B 6 -19.06 20.09 -27.53
C ASP B 6 -18.79 21.45 -28.16
N LYS B 7 -19.22 22.50 -27.48
CA LYS B 7 -19.03 23.88 -27.94
C LYS B 7 -18.72 24.76 -26.72
N ILE B 8 -17.87 25.77 -26.91
CA ILE B 8 -17.51 26.65 -25.81
C ILE B 8 -17.20 28.05 -26.35
N ASN B 9 -17.68 29.07 -25.65
CA ASN B 9 -17.49 30.45 -26.08
C ASN B 9 -17.59 31.38 -24.88
N PHE B 10 -17.13 32.62 -25.03
CA PHE B 10 -17.21 33.59 -23.96
C PHE B 10 -17.57 34.96 -24.51
N TYR B 11 -17.93 35.85 -23.60
CA TYR B 11 -18.27 37.21 -23.97
C TYR B 11 -17.80 38.11 -22.84
N VAL B 12 -17.30 39.29 -23.21
CA VAL B 12 -16.86 40.28 -22.24
C VAL B 12 -17.42 41.59 -22.80
N PRO B 13 -17.67 42.57 -21.92
CA PRO B 13 -18.21 43.85 -22.40
C PRO B 13 -17.23 44.58 -23.33
N LYS B 14 -17.77 45.50 -24.13
CA LYS B 14 -16.99 46.24 -25.11
C LYS B 14 -16.01 47.27 -24.56
N TYR B 15 -16.00 47.46 -23.25
CA TYR B 15 -15.11 48.42 -22.64
C TYR B 15 -14.06 47.76 -21.76
N TYR B 16 -12.94 48.46 -21.57
CA TYR B 16 -11.85 48.00 -20.73
C TYR B 16 -10.99 49.19 -20.35
N VAL B 17 -10.33 49.08 -19.20
CA VAL B 17 -9.45 50.12 -18.71
C VAL B 17 -8.04 49.55 -18.64
N ASP B 18 -7.06 50.32 -19.14
CA ASP B 18 -5.67 49.89 -19.14
C ASP B 18 -5.16 49.83 -17.72
N MET B 19 -4.46 48.75 -17.37
CA MET B 19 -3.97 48.57 -16.02
C MET B 19 -2.85 49.53 -15.63
N ALA B 20 -2.02 49.92 -16.60
CA ALA B 20 -0.93 50.85 -16.31
C ALA B 20 -1.57 52.15 -15.84
N LYS B 21 -2.69 52.53 -16.45
CA LYS B 21 -3.41 53.74 -16.08
C LYS B 21 -3.95 53.63 -14.66
N LEU B 22 -4.72 52.57 -14.40
CA LEU B 22 -5.28 52.37 -13.08
C LEU B 22 -4.18 52.48 -12.04
N ALA B 23 -3.01 51.93 -12.36
CA ALA B 23 -1.86 51.97 -11.46
C ALA B 23 -1.47 53.40 -11.16
N GLU B 24 -1.31 54.21 -12.20
CA GLU B 24 -0.95 55.61 -12.03
C GLU B 24 -1.99 56.28 -11.14
N ALA B 25 -3.26 56.15 -11.53
CA ALA B 25 -4.36 56.74 -10.79
C ALA B 25 -4.33 56.32 -9.33
N ARG B 26 -4.08 55.05 -9.07
CA ARG B 26 -4.02 54.55 -7.71
C ARG B 26 -2.66 54.82 -7.08
N GLN B 27 -1.85 55.60 -7.79
CA GLN B 27 -0.52 55.96 -7.33
C GLN B 27 0.32 54.75 -6.94
N VAL B 28 0.40 53.77 -7.84
CA VAL B 28 1.19 52.57 -7.60
C VAL B 28 2.02 52.27 -8.83
N ASP B 29 3.09 51.50 -8.67
CA ASP B 29 3.94 51.15 -9.78
C ASP B 29 3.22 50.20 -10.73
N PRO B 30 3.02 50.62 -11.99
CA PRO B 30 2.34 49.82 -13.01
C PRO B 30 2.74 48.35 -13.00
N ASN B 31 4.03 48.09 -12.80
CA ASN B 31 4.52 46.72 -12.80
C ASN B 31 3.88 45.88 -11.72
N LYS B 32 3.40 46.54 -10.66
CA LYS B 32 2.75 45.82 -9.57
C LYS B 32 1.54 45.07 -10.12
N PHE B 33 0.88 45.68 -11.10
CA PHE B 33 -0.29 45.06 -11.73
C PHE B 33 0.13 44.25 -12.95
N LEU B 34 0.95 44.86 -13.81
CA LEU B 34 1.41 44.19 -15.03
C LEU B 34 2.18 42.91 -14.77
N ILE B 35 3.03 42.94 -13.75
CA ILE B 35 3.87 41.80 -13.38
C ILE B 35 3.44 41.17 -12.05
N GLY B 36 3.33 42.01 -11.02
CA GLY B 36 2.94 41.54 -9.70
C GLY B 36 1.75 40.60 -9.68
N ILE B 37 0.62 41.06 -10.21
CA ILE B 37 -0.57 40.21 -10.23
C ILE B 37 -0.76 39.62 -11.63
N GLY B 38 -0.06 40.19 -12.60
CA GLY B 38 -0.14 39.69 -13.98
C GLY B 38 -1.37 40.07 -14.77
N GLN B 39 -1.81 41.32 -14.65
CA GLN B 39 -2.99 41.78 -15.37
C GLN B 39 -2.66 43.03 -16.20
N THR B 40 -3.09 43.05 -17.46
CA THR B 40 -2.80 44.16 -18.35
C THR B 40 -3.98 45.08 -18.68
N GLU B 41 -5.15 44.49 -18.93
CA GLU B 41 -6.35 45.26 -19.25
C GLU B 41 -7.52 44.71 -18.45
N MET B 42 -8.32 45.61 -17.87
CA MET B 42 -9.48 45.25 -17.06
C MET B 42 -10.80 45.51 -17.76
N ALA B 43 -11.66 44.49 -17.80
CA ALA B 43 -12.98 44.62 -18.44
C ALA B 43 -13.79 45.62 -17.63
N VAL B 44 -14.52 46.51 -18.33
CA VAL B 44 -15.35 47.50 -17.65
C VAL B 44 -16.82 47.33 -18.03
N SER B 45 -17.66 47.14 -17.02
CA SER B 45 -19.10 46.91 -17.22
C SER B 45 -20.04 48.07 -17.52
N PRO B 46 -20.61 48.11 -18.73
CA PRO B 46 -21.54 49.19 -19.05
C PRO B 46 -22.86 48.70 -18.42
N VAL B 47 -23.68 49.62 -17.92
CA VAL B 47 -24.93 49.21 -17.28
C VAL B 47 -25.79 48.32 -18.18
N ASN B 48 -25.73 48.52 -19.49
CA ASN B 48 -26.57 47.74 -20.40
C ASN B 48 -26.12 46.28 -20.55
N GLN B 49 -25.24 45.83 -19.66
CA GLN B 49 -24.77 44.46 -19.66
C GLN B 49 -24.84 43.90 -18.24
N ASP B 50 -25.87 43.10 -17.98
CA ASP B 50 -26.00 42.46 -16.68
C ASP B 50 -25.65 40.99 -16.88
N ILE B 51 -25.63 40.21 -15.81
CA ILE B 51 -25.26 38.81 -15.95
C ILE B 51 -26.15 38.05 -16.93
N VAL B 52 -27.37 38.53 -17.15
CA VAL B 52 -28.28 37.86 -18.08
C VAL B 52 -27.89 38.12 -19.55
N SER B 53 -27.71 39.39 -19.91
CA SER B 53 -27.33 39.73 -21.28
C SER B 53 -25.96 39.16 -21.65
N MET B 54 -25.03 39.18 -20.70
CA MET B 54 -23.69 38.63 -20.93
C MET B 54 -23.77 37.14 -21.14
N GLY B 55 -24.60 36.49 -20.33
CA GLY B 55 -24.78 35.05 -20.43
C GLY B 55 -25.33 34.67 -21.78
N ALA B 56 -26.41 35.33 -22.18
CA ALA B 56 -27.05 35.09 -23.46
C ALA B 56 -26.06 35.32 -24.62
N ASN B 57 -25.28 36.39 -24.53
CA ASN B 57 -24.32 36.71 -25.60
C ASN B 57 -23.24 35.67 -25.77
N ALA B 58 -22.79 35.08 -24.68
CA ALA B 58 -21.76 34.07 -24.76
C ALA B 58 -22.34 32.82 -25.41
N ALA B 59 -23.61 32.55 -25.13
CA ALA B 59 -24.25 31.36 -25.66
C ALA B 59 -24.83 31.48 -27.07
N LYS B 60 -25.34 32.65 -27.43
CA LYS B 60 -25.97 32.83 -28.74
C LYS B 60 -25.17 32.35 -29.94
N ASP B 61 -23.86 32.57 -29.93
CA ASP B 61 -23.03 32.15 -31.06
C ASP B 61 -22.77 30.66 -31.19
N ILE B 62 -22.98 29.89 -30.12
CA ILE B 62 -22.73 28.46 -30.19
C ILE B 62 -23.93 27.50 -30.17
N ILE B 63 -25.15 28.03 -30.23
CA ILE B 63 -26.31 27.15 -30.27
C ILE B 63 -27.10 27.35 -31.56
N THR B 64 -27.35 26.25 -32.25
CA THR B 64 -28.09 26.27 -33.51
C THR B 64 -29.57 26.10 -33.21
N ASP B 65 -30.42 26.36 -34.20
CA ASP B 65 -31.86 26.22 -34.02
C ASP B 65 -32.21 24.79 -33.64
N GLU B 66 -31.42 23.84 -34.15
CA GLU B 66 -31.63 22.44 -33.86
C GLU B 66 -31.27 22.15 -32.39
N ASP B 67 -30.29 22.88 -31.86
CA ASP B 67 -29.88 22.69 -30.47
C ASP B 67 -30.97 23.17 -29.52
N LYS B 68 -31.65 24.25 -29.90
CA LYS B 68 -32.71 24.80 -29.06
C LYS B 68 -33.77 23.73 -28.80
N LYS B 69 -33.85 22.77 -29.71
CA LYS B 69 -34.81 21.67 -29.58
C LYS B 69 -34.29 20.55 -28.70
N LYS B 70 -32.97 20.40 -28.63
CA LYS B 70 -32.38 19.32 -27.85
C LYS B 70 -31.90 19.66 -26.44
N ILE B 71 -31.75 20.94 -26.13
CA ILE B 71 -31.28 21.34 -24.80
C ILE B 71 -32.30 21.05 -23.71
N GLY B 72 -31.94 20.12 -22.81
CA GLY B 72 -32.84 19.72 -21.72
C GLY B 72 -32.68 20.47 -20.41
N MET B 73 -31.55 21.15 -20.23
CA MET B 73 -31.30 21.91 -19.02
C MET B 73 -30.44 23.13 -19.34
N VAL B 74 -30.73 24.23 -18.67
CA VAL B 74 -29.95 25.45 -18.81
C VAL B 74 -29.54 25.77 -17.37
N ILE B 75 -28.25 25.61 -17.06
CA ILE B 75 -27.75 25.87 -15.72
C ILE B 75 -26.85 27.10 -15.75
N VAL B 76 -27.09 28.01 -14.81
CA VAL B 76 -26.27 29.22 -14.73
C VAL B 76 -25.48 29.20 -13.41
N ALA B 77 -24.18 29.39 -13.52
CA ALA B 77 -23.32 29.46 -12.33
C ALA B 77 -23.02 30.95 -12.13
N THR B 78 -23.21 31.43 -10.91
CA THR B 78 -22.95 32.84 -10.64
C THR B 78 -22.94 33.13 -9.14
N GLU B 79 -22.29 34.24 -8.80
CA GLU B 79 -22.24 34.70 -7.42
C GLU B 79 -22.55 36.19 -7.51
N SER B 80 -23.08 36.59 -8.66
CA SER B 80 -23.45 37.98 -8.95
C SER B 80 -24.92 38.02 -9.35
N ALA B 81 -25.77 37.27 -8.65
CA ALA B 81 -27.20 37.20 -8.95
C ALA B 81 -27.95 38.53 -8.86
N VAL B 82 -28.98 38.67 -9.68
CA VAL B 82 -29.80 39.87 -9.68
C VAL B 82 -31.15 39.59 -9.02
N ASP B 83 -31.38 38.33 -8.66
CA ASP B 83 -32.63 37.97 -7.99
C ASP B 83 -32.30 36.90 -6.95
N ALA B 84 -32.94 37.02 -5.78
CA ALA B 84 -32.68 36.07 -4.71
C ALA B 84 -33.50 34.79 -4.90
N ALA B 85 -34.48 34.85 -5.81
CA ALA B 85 -35.35 33.70 -6.05
C ALA B 85 -35.37 33.22 -7.50
N LYS B 86 -35.62 34.12 -8.44
CA LYS B 86 -35.67 33.74 -9.84
C LYS B 86 -34.29 33.47 -10.45
N ALA B 87 -34.09 32.24 -10.93
CA ALA B 87 -32.81 31.88 -11.53
C ALA B 87 -32.60 32.61 -12.86
N ALA B 88 -31.44 33.23 -13.03
CA ALA B 88 -31.16 33.95 -14.27
C ALA B 88 -31.30 32.99 -15.46
N ALA B 89 -31.14 31.69 -15.19
CA ALA B 89 -31.26 30.68 -16.24
C ALA B 89 -32.62 30.74 -16.95
N VAL B 90 -33.67 31.18 -16.24
CA VAL B 90 -34.99 31.29 -16.84
C VAL B 90 -35.02 32.37 -17.93
N GLN B 91 -34.50 33.56 -17.62
CA GLN B 91 -34.51 34.65 -18.59
C GLN B 91 -33.65 34.33 -19.81
N ILE B 92 -32.50 33.71 -19.59
CA ILE B 92 -31.62 33.35 -20.69
C ILE B 92 -32.30 32.31 -21.58
N HIS B 93 -32.88 31.28 -20.95
CA HIS B 93 -33.59 30.24 -21.67
C HIS B 93 -34.64 30.88 -22.57
N ASN B 94 -35.29 31.92 -22.07
CA ASN B 94 -36.30 32.64 -22.84
C ASN B 94 -35.63 33.38 -24.00
N LEU B 95 -34.64 34.22 -23.67
CA LEU B 95 -33.93 35.00 -24.68
C LEU B 95 -33.36 34.16 -25.81
N LEU B 96 -32.93 32.94 -25.51
CA LEU B 96 -32.34 32.09 -26.53
C LEU B 96 -33.34 31.26 -27.32
N GLY B 97 -34.60 31.29 -26.91
CA GLY B 97 -35.63 30.55 -27.62
C GLY B 97 -35.51 29.03 -27.50
N ILE B 98 -34.97 28.57 -26.38
CA ILE B 98 -34.80 27.14 -26.16
C ILE B 98 -36.16 26.49 -25.90
N GLN B 99 -36.30 25.22 -26.30
CA GLN B 99 -37.55 24.50 -26.11
C GLN B 99 -37.95 24.51 -24.64
N PRO B 100 -39.26 24.61 -24.36
CA PRO B 100 -39.90 24.67 -23.04
C PRO B 100 -39.71 23.55 -22.00
N PHE B 101 -39.54 22.30 -22.45
CA PHE B 101 -39.41 21.20 -21.50
C PHE B 101 -37.98 20.99 -21.02
N ALA B 102 -37.48 21.99 -20.30
CA ALA B 102 -36.14 21.96 -19.78
C ALA B 102 -36.05 22.51 -18.36
N ARG B 103 -35.06 22.04 -17.61
CA ARG B 103 -34.84 22.53 -16.25
C ARG B 103 -33.99 23.78 -16.37
N CYS B 104 -34.32 24.80 -15.58
CA CYS B 104 -33.54 26.05 -15.56
C CYS B 104 -33.29 26.42 -14.10
N PHE B 105 -32.03 26.59 -13.72
CA PHE B 105 -31.71 26.97 -12.34
C PHE B 105 -30.28 27.46 -12.19
N GLU B 106 -29.99 28.05 -11.03
CA GLU B 106 -28.66 28.54 -10.74
C GLU B 106 -27.95 27.64 -9.75
N MET B 107 -26.63 27.62 -9.84
CA MET B 107 -25.81 26.87 -8.90
C MET B 107 -24.93 27.98 -8.31
N LYS B 108 -24.64 27.90 -7.02
CA LYS B 108 -23.85 28.93 -6.38
C LYS B 108 -22.89 28.39 -5.34
N GLU B 109 -21.65 28.86 -5.42
CA GLU B 109 -20.56 28.53 -4.50
C GLU B 109 -19.33 29.27 -5.03
N ALA B 110 -19.35 30.58 -4.87
CA ALA B 110 -18.25 31.43 -5.31
C ALA B 110 -17.85 31.13 -6.75
N SCY B 111 -16.55 30.95 -6.98
CA SCY B 111 -16.03 30.70 -8.32
CB SCY B 111 -14.61 31.29 -8.42
SG SCY B 111 -14.57 33.07 -8.11
CD SCY B 111 -14.54 33.00 -6.28
OCD SCY B 111 -13.99 32.06 -5.70
CE SCY B 111 -15.18 34.10 -5.46
C SCY B 111 -15.99 29.24 -8.78
O SCY B 111 -15.53 28.95 -9.88
N TYR B 112 -16.49 28.35 -7.93
CA TYR B 112 -16.50 26.90 -8.20
C TYR B 112 -17.69 26.40 -9.01
N ALA B 113 -18.84 27.05 -8.81
CA ALA B 113 -20.12 26.67 -9.43
C ALA B 113 -20.25 26.11 -10.85
N ALA B 114 -19.48 26.62 -11.81
CA ALA B 114 -19.61 26.11 -13.17
C ALA B 114 -19.12 24.68 -13.33
N THR B 115 -18.32 24.22 -12.38
CA THR B 115 -17.76 22.88 -12.43
C THR B 115 -18.79 21.80 -12.09
N PRO B 116 -19.50 21.96 -10.97
CA PRO B 116 -20.49 20.90 -10.71
C PRO B 116 -21.58 20.98 -11.77
N ALA B 117 -21.72 22.14 -12.41
CA ALA B 117 -22.74 22.31 -13.43
C ALA B 117 -22.44 21.46 -14.69
N ILE B 118 -21.22 21.53 -15.21
CA ILE B 118 -20.90 20.73 -16.39
C ILE B 118 -20.74 19.25 -16.03
N GLN B 119 -20.22 18.99 -14.82
CA GLN B 119 -20.01 17.62 -14.35
C GLN B 119 -21.35 16.90 -14.15
N LEU B 120 -22.31 17.56 -13.52
CA LEU B 120 -23.61 16.94 -13.30
C LEU B 120 -24.40 17.00 -14.59
N ALA B 121 -24.01 17.91 -15.48
CA ALA B 121 -24.67 18.00 -16.78
C ALA B 121 -24.33 16.68 -17.47
N LYS B 122 -23.08 16.26 -17.36
CA LYS B 122 -22.62 15.01 -17.95
C LYS B 122 -23.39 13.81 -17.40
N ASP B 123 -23.52 13.71 -16.08
CA ASP B 123 -24.23 12.59 -15.47
C ASP B 123 -25.69 12.56 -15.94
N TYR B 124 -26.27 13.74 -16.14
CA TYR B 124 -27.64 13.85 -16.59
C TYR B 124 -27.81 13.27 -18.00
N LEU B 125 -26.82 13.52 -18.85
CA LEU B 125 -26.88 13.04 -20.23
C LEU B 125 -26.60 11.55 -20.41
N ALA B 126 -26.10 10.89 -19.38
CA ALA B 126 -25.81 9.47 -19.48
C ALA B 126 -27.01 8.71 -20.01
N THR B 127 -28.20 9.13 -19.58
CA THR B 127 -29.45 8.48 -19.96
C THR B 127 -30.19 9.13 -21.13
N ARG B 128 -29.69 10.27 -21.61
CA ARG B 128 -30.34 10.96 -22.71
C ARG B 128 -29.37 11.37 -23.81
N PRO B 129 -28.99 10.41 -24.68
CA PRO B 129 -28.06 10.65 -25.79
C PRO B 129 -28.49 11.69 -26.81
N ASN B 130 -29.79 12.00 -26.85
CA ASN B 130 -30.30 12.98 -27.80
C ASN B 130 -30.46 14.39 -27.22
N GLU B 131 -30.15 14.56 -25.94
CA GLU B 131 -30.27 15.89 -25.35
C GLU B 131 -28.91 16.54 -25.18
N LYS B 132 -28.94 17.83 -24.87
CA LYS B 132 -27.73 18.59 -24.63
C LYS B 132 -28.00 19.44 -23.38
N VAL B 133 -26.94 19.98 -22.80
CA VAL B 133 -27.09 20.81 -21.61
C VAL B 133 -26.31 22.10 -21.83
N LEU B 134 -26.92 23.22 -21.50
CA LEU B 134 -26.26 24.50 -21.68
C LEU B 134 -25.85 25.01 -20.31
N VAL B 135 -24.55 25.18 -20.11
CA VAL B 135 -24.04 25.70 -18.85
C VAL B 135 -23.48 27.09 -19.11
N ILE B 136 -23.83 28.04 -18.25
CA ILE B 136 -23.37 29.39 -18.42
C ILE B 136 -22.81 29.97 -17.13
N ALA B 137 -21.54 30.38 -17.20
CA ALA B 137 -20.87 31.01 -16.08
C ALA B 137 -20.98 32.49 -16.43
N THR B 138 -21.52 33.28 -15.52
CA THR B 138 -21.66 34.70 -15.78
C THR B 138 -21.48 35.44 -14.46
N ASP B 139 -20.61 36.44 -14.46
CA ASP B 139 -20.31 37.18 -13.24
C ASP B 139 -19.74 38.56 -13.45
N THR B 140 -19.82 39.36 -12.38
CA THR B 140 -19.25 40.70 -12.36
C THR B 140 -18.43 40.74 -11.07
N ALA B 141 -17.11 40.64 -11.19
CA ALA B 141 -16.24 40.68 -10.03
C ALA B 141 -16.01 42.16 -9.69
N ARG B 142 -16.71 42.63 -8.66
CA ARG B 142 -16.63 44.02 -8.23
C ARG B 142 -16.23 44.09 -6.76
N TYR B 143 -15.09 44.73 -6.49
CA TYR B 143 -14.56 44.85 -5.13
C TYR B 143 -14.74 46.26 -4.57
N GLY B 144 -14.85 47.24 -5.45
CA GLY B 144 -15.03 48.61 -5.01
C GLY B 144 -13.80 49.47 -5.26
N LEU B 145 -14.01 50.63 -5.89
CA LEU B 145 -12.92 51.54 -6.18
C LEU B 145 -12.04 51.75 -4.95
N ASN B 146 -10.73 51.75 -5.16
CA ASN B 146 -9.75 51.95 -4.09
C ASN B 146 -9.77 50.83 -3.06
N SER B 147 -10.24 49.65 -3.46
CA SER B 147 -10.28 48.52 -2.53
C SER B 147 -9.08 47.61 -2.79
N GLY B 148 -8.80 46.72 -1.86
CA GLY B 148 -7.70 45.81 -2.05
C GLY B 148 -7.90 44.98 -3.32
N GLY B 149 -9.07 44.38 -3.45
CA GLY B 149 -9.35 43.56 -4.61
C GLY B 149 -9.57 44.23 -5.95
N GLU B 150 -9.80 45.54 -5.95
CA GLU B 150 -10.08 46.26 -7.19
C GLU B 150 -9.22 45.92 -8.42
N PRO B 151 -7.90 45.76 -8.24
CA PRO B 151 -7.04 45.44 -9.39
C PRO B 151 -7.36 44.12 -10.11
N THR B 152 -8.06 43.22 -9.40
CA THR B 152 -8.40 41.93 -9.98
C THR B 152 -9.82 41.85 -10.50
N GLN B 153 -10.47 43.00 -10.62
CA GLN B 153 -11.85 43.03 -11.09
C GLN B 153 -11.98 42.67 -12.56
N GLY B 154 -13.20 42.31 -12.96
CA GLY B 154 -13.47 41.93 -14.33
C GLY B 154 -14.94 41.56 -14.48
N ALA B 155 -15.35 41.26 -15.70
CA ALA B 155 -16.74 40.86 -15.97
C ALA B 155 -16.85 40.16 -17.31
N GLY B 156 -17.71 39.15 -17.36
CA GLY B 156 -17.91 38.40 -18.58
C GLY B 156 -18.69 37.13 -18.31
N ALA B 157 -18.80 36.27 -19.31
CA ALA B 157 -19.53 35.01 -19.18
C ALA B 157 -18.97 33.99 -20.15
N VAL B 158 -19.07 32.73 -19.76
CA VAL B 158 -18.61 31.63 -20.59
C VAL B 158 -19.76 30.64 -20.75
N ALA B 159 -20.04 30.27 -22.00
CA ALA B 159 -21.10 29.33 -22.30
C ALA B 159 -20.49 28.03 -22.81
N MET B 160 -21.02 26.91 -22.33
CA MET B 160 -20.53 25.60 -22.75
C MET B 160 -21.70 24.69 -23.06
N VAL B 161 -21.63 23.99 -24.19
CA VAL B 161 -22.68 23.06 -24.56
C VAL B 161 -22.13 21.66 -24.28
N ILE B 162 -22.82 20.92 -23.43
CA ILE B 162 -22.39 19.56 -23.07
C ILE B 162 -23.21 18.57 -23.89
N ALA B 163 -22.55 17.53 -24.39
CA ALA B 163 -23.24 16.54 -25.19
C ALA B 163 -22.41 15.30 -25.41
N HIS B 164 -23.05 14.26 -25.91
CA HIS B 164 -22.40 13.00 -26.22
C HIS B 164 -21.45 13.21 -27.39
N ASN B 165 -20.36 12.43 -27.41
CA ASN B 165 -19.40 12.53 -28.49
C ASN B 165 -19.05 14.01 -28.74
N PRO B 166 -18.56 14.71 -27.71
CA PRO B 166 -18.19 16.11 -27.79
C PRO B 166 -17.16 16.41 -28.88
N SER B 167 -17.28 17.58 -29.51
CA SER B 167 -16.35 17.97 -30.58
C SER B 167 -15.02 18.51 -30.09
N ILE B 168 -14.97 18.94 -28.84
CA ILE B 168 -13.74 19.52 -28.28
C ILE B 168 -13.08 18.73 -27.15
N LEU B 169 -13.80 18.55 -26.04
CA LEU B 169 -13.22 17.82 -24.92
C LEU B 169 -14.14 16.79 -24.30
N ALA B 170 -13.59 15.63 -24.01
CA ALA B 170 -14.36 14.59 -23.33
C ALA B 170 -14.01 14.74 -21.86
N LEU B 171 -15.03 14.86 -21.00
CA LEU B 171 -14.79 14.98 -19.57
C LEU B 171 -14.64 13.57 -19.04
N ASN B 172 -13.52 13.29 -18.40
CA ASN B 172 -13.28 11.95 -17.87
C ASN B 172 -13.96 11.74 -16.51
N GLU B 173 -14.14 10.48 -16.12
CA GLU B 173 -14.78 10.17 -14.85
C GLU B 173 -13.71 9.99 -13.78
N ASP B 174 -13.11 11.10 -13.36
CA ASP B 174 -12.06 11.03 -12.35
C ASP B 174 -12.05 12.25 -11.43
N ALA B 175 -13.11 13.04 -11.48
CA ALA B 175 -13.18 14.24 -10.66
C ALA B 175 -13.22 13.96 -9.16
N VAL B 176 -12.57 14.84 -8.39
CA VAL B 176 -12.56 14.72 -6.95
C VAL B 176 -12.57 16.13 -6.37
N ALA B 177 -13.55 16.39 -5.51
CA ALA B 177 -13.68 17.70 -4.89
C ALA B 177 -13.17 17.68 -3.46
N TYR B 178 -12.85 18.85 -2.93
CA TYR B 178 -12.35 18.98 -1.57
C TYR B 178 -12.96 20.23 -0.94
N THR B 179 -13.75 20.01 0.11
CA THR B 179 -14.41 21.10 0.81
C THR B 179 -13.77 21.36 2.17
N GLU B 180 -13.64 22.63 2.53
CA GLU B 180 -13.05 23.00 3.80
C GLU B 180 -13.65 24.34 4.20
N ASP B 181 -14.37 24.37 5.33
CA ASP B 181 -15.01 25.60 5.80
C ASP B 181 -13.95 26.62 6.19
N VAL B 182 -13.88 27.70 5.42
CA VAL B 182 -12.92 28.76 5.68
C VAL B 182 -13.50 30.10 5.20
N TYR B 183 -13.06 31.18 5.83
CA TYR B 183 -13.55 32.50 5.45
C TYR B 183 -12.49 33.37 4.80
N ASP B 184 -12.05 32.93 3.62
CA ASP B 184 -11.03 33.66 2.86
C ASP B 184 -11.69 34.76 2.03
N PHE B 185 -12.90 34.47 1.56
CA PHE B 185 -13.67 35.41 0.74
C PHE B 185 -15.15 35.06 0.85
N TRP B 186 -16.00 36.07 0.99
CA TRP B 186 -17.44 35.85 1.10
C TRP B 186 -18.17 37.19 1.02
N ARG B 187 -19.48 37.13 0.82
CA ARG B 187 -20.28 38.36 0.69
C ARG B 187 -21.66 38.22 1.30
N PRO B 188 -21.78 38.50 2.60
CA PRO B 188 -23.06 38.41 3.31
C PRO B 188 -24.15 39.17 2.58
N THR B 189 -25.37 38.67 2.66
CA THR B 189 -26.50 39.32 2.00
C THR B 189 -26.50 40.78 2.41
N GLY B 190 -26.67 41.66 1.44
CA GLY B 190 -26.69 43.08 1.74
C GLY B 190 -25.43 43.83 1.29
N HIS B 191 -24.29 43.16 1.38
CA HIS B 191 -23.04 43.79 0.97
C HIS B 191 -22.90 43.83 -0.54
N LYS B 192 -22.61 45.00 -1.07
CA LYS B 192 -22.44 45.16 -2.50
C LYS B 192 -21.12 44.52 -2.91
N TYR B 193 -20.13 44.59 -2.02
CA TYR B 193 -18.82 44.04 -2.34
C TYR B 193 -18.40 42.95 -1.36
N PRO B 194 -17.57 42.01 -1.82
CA PRO B 194 -17.10 40.91 -0.99
C PRO B 194 -16.22 41.37 0.17
N LEU B 195 -16.08 40.49 1.15
CA LEU B 195 -15.22 40.72 2.30
C LEU B 195 -14.10 39.75 1.97
N VAL B 196 -12.86 40.19 2.15
CA VAL B 196 -11.76 39.30 1.80
C VAL B 196 -10.51 39.43 2.66
N ASP B 197 -9.92 38.29 2.95
CA ASP B 197 -8.69 38.22 3.72
C ASP B 197 -7.64 37.92 2.65
N GLY B 198 -7.10 38.99 2.07
CA GLY B 198 -6.10 38.89 1.02
C GLY B 198 -5.16 37.71 1.10
N ALA B 199 -4.26 37.74 2.08
CA ALA B 199 -3.28 36.68 2.26
C ALA B 199 -3.91 35.32 2.46
N LEU B 200 -4.88 35.23 3.37
CA LEU B 200 -5.55 33.96 3.63
C LEU B 200 -6.14 33.37 2.36
N SER B 201 -6.66 34.22 1.48
CA SER B 201 -7.26 33.74 0.25
C SER B 201 -6.21 33.09 -0.66
N LYS B 202 -4.96 33.51 -0.53
CA LYS B 202 -3.89 32.94 -1.33
C LYS B 202 -3.54 31.54 -0.82
N ASP B 203 -3.51 31.40 0.50
CA ASP B 203 -3.18 30.12 1.11
C ASP B 203 -4.33 29.12 0.94
N ALA B 204 -5.54 29.62 1.03
CA ALA B 204 -6.73 28.78 0.89
C ALA B 204 -6.76 28.17 -0.51
N TYR B 205 -6.54 29.00 -1.51
CA TYR B 205 -6.52 28.56 -2.91
C TYR B 205 -5.49 27.45 -3.11
N ILE B 206 -4.26 27.71 -2.68
CA ILE B 206 -3.19 26.74 -2.84
C ILE B 206 -3.42 25.46 -2.05
N ARG B 207 -3.95 25.58 -0.84
CA ARG B 207 -4.20 24.38 -0.04
C ARG B 207 -5.26 23.51 -0.73
N SER B 208 -6.33 24.15 -1.18
CA SER B 208 -7.42 23.41 -1.84
C SER B 208 -6.91 22.67 -3.09
N PHE B 209 -6.05 23.31 -3.85
CA PHE B 209 -5.49 22.70 -5.05
C PHE B 209 -4.61 21.51 -4.68
N GLN B 210 -3.76 21.68 -3.66
CA GLN B 210 -2.87 20.61 -3.22
C GLN B 210 -3.62 19.42 -2.67
N GLN B 211 -4.62 19.66 -1.83
CA GLN B 211 -5.41 18.58 -1.25
C GLN B 211 -6.23 17.87 -2.32
N SER B 212 -6.71 18.62 -3.30
CA SER B 212 -7.51 18.05 -4.38
C SER B 212 -6.64 17.23 -5.32
N TRP B 213 -5.51 17.80 -5.73
CA TRP B 213 -4.59 17.11 -6.62
C TRP B 213 -4.04 15.84 -5.96
N ASN B 214 -3.51 16.00 -4.75
CA ASN B 214 -2.96 14.85 -4.04
C ASN B 214 -3.94 13.68 -4.01
N GLU B 215 -5.20 13.95 -3.63
CA GLU B 215 -6.19 12.90 -3.57
C GLU B 215 -6.47 12.34 -4.96
N TYR B 216 -6.56 13.22 -5.95
CA TYR B 216 -6.79 12.80 -7.32
C TYR B 216 -5.67 11.85 -7.74
N ALA B 217 -4.43 12.30 -7.57
CA ALA B 217 -3.26 11.50 -7.94
C ALA B 217 -3.33 10.12 -7.32
N LYS B 218 -3.67 10.09 -6.03
CA LYS B 218 -3.76 8.83 -5.29
C LYS B 218 -4.82 7.93 -5.89
N ARG B 219 -6.03 8.46 -6.06
CA ARG B 219 -7.13 7.67 -6.60
C ARG B 219 -6.91 7.18 -8.02
N GLN B 220 -6.31 8.02 -8.86
CA GLN B 220 -6.08 7.66 -10.24
C GLN B 220 -4.73 7.01 -10.49
N GLY B 221 -3.82 7.12 -9.54
CA GLY B 221 -2.49 6.54 -9.73
C GLY B 221 -1.80 7.29 -10.85
N LYS B 222 -2.08 8.60 -10.94
CA LYS B 222 -1.48 9.44 -11.96
C LYS B 222 -0.47 10.42 -11.36
N SER B 223 0.26 11.11 -12.23
CA SER B 223 1.24 12.09 -11.80
C SER B 223 1.22 13.25 -12.80
N LEU B 224 1.83 14.36 -12.43
CA LEU B 224 1.87 15.53 -13.31
C LEU B 224 2.38 15.21 -14.72
N ALA B 225 3.30 14.25 -14.81
CA ALA B 225 3.87 13.87 -16.11
C ALA B 225 2.81 13.34 -17.09
N ASP B 226 1.67 12.89 -16.57
CA ASP B 226 0.61 12.37 -17.41
C ASP B 226 -0.22 13.46 -18.06
N PHE B 227 0.04 14.72 -17.71
CA PHE B 227 -0.73 15.82 -18.26
C PHE B 227 0.00 16.65 -19.30
N ALA B 228 -0.68 16.91 -20.41
CA ALA B 228 -0.14 17.73 -21.48
C ALA B 228 -0.11 19.16 -20.96
N SER B 229 -1.11 19.50 -20.15
CA SER B 229 -1.20 20.84 -19.59
C SER B 229 -2.19 20.89 -18.44
N LEU B 230 -2.09 21.91 -17.59
CA LEU B 230 -3.01 22.08 -16.49
C LEU B 230 -3.71 23.42 -16.71
N CYS B 231 -4.93 23.54 -16.18
CA CYS B 231 -5.73 24.75 -16.31
C CYS B 231 -6.29 25.05 -14.91
N PHE B 232 -6.21 26.30 -14.48
CA PHE B 232 -6.67 26.69 -13.14
C PHE B 232 -7.67 27.83 -13.10
N HIS B 233 -8.37 27.95 -11.97
CA HIS B 233 -9.30 29.06 -11.79
C HIS B 233 -8.36 30.27 -11.77
N VAL B 234 -8.74 31.34 -12.47
CA VAL B 234 -7.87 32.51 -12.54
C VAL B 234 -8.40 33.84 -12.00
N PRO B 235 -8.06 34.17 -10.75
CA PRO B 235 -8.49 35.44 -10.14
C PRO B 235 -7.60 36.51 -10.77
N PHE B 236 -6.34 36.12 -10.98
CA PHE B 236 -5.31 36.93 -11.63
C PHE B 236 -4.23 35.93 -12.06
N THR B 237 -3.56 36.19 -13.19
CA THR B 237 -2.59 35.22 -13.71
C THR B 237 -1.49 34.70 -12.76
N LYS B 238 -0.96 35.56 -11.90
CA LYS B 238 0.08 35.09 -11.00
C LYS B 238 -0.43 34.05 -9.99
N MET B 239 -1.68 34.19 -9.55
CA MET B 239 -2.25 33.25 -8.57
C MET B 239 -2.15 31.81 -9.01
N GLY B 240 -2.40 31.55 -10.29
CA GLY B 240 -2.30 30.19 -10.79
C GLY B 240 -0.83 29.81 -10.83
N LYS B 241 0.00 30.76 -11.25
CA LYS B 241 1.44 30.52 -11.34
C LYS B 241 1.97 30.02 -9.99
N LYS B 242 1.65 30.75 -8.92
CA LYS B 242 2.08 30.36 -7.59
C LYS B 242 1.57 28.98 -7.23
N ALA B 243 0.31 28.72 -7.53
CA ALA B 243 -0.29 27.42 -7.23
C ALA B 243 0.43 26.30 -7.99
N LEU B 244 0.68 26.51 -9.27
CA LEU B 244 1.36 25.50 -10.09
C LEU B 244 2.77 25.25 -9.59
N GLU B 245 3.50 26.33 -9.32
CA GLU B 245 4.88 26.21 -8.84
C GLU B 245 4.98 25.42 -7.55
N SER B 246 4.01 25.58 -6.65
CA SER B 246 4.03 24.88 -5.38
C SER B 246 3.86 23.37 -5.51
N ILE B 247 3.54 22.90 -6.71
CA ILE B 247 3.34 21.47 -6.93
C ILE B 247 4.28 20.81 -7.94
N ILE B 248 4.73 21.57 -8.94
CA ILE B 248 5.61 21.01 -9.97
C ILE B 248 7.05 20.76 -9.57
N ASP B 249 7.47 21.25 -8.41
CA ASP B 249 8.84 21.05 -7.96
C ASP B 249 9.22 19.58 -7.96
N ASN B 250 8.28 18.73 -7.58
CA ASN B 250 8.52 17.30 -7.52
C ASN B 250 8.68 16.64 -8.88
N ALA B 251 8.08 17.26 -9.90
CA ALA B 251 8.14 16.72 -11.26
C ALA B 251 9.50 16.86 -11.92
N ASP B 252 9.71 16.12 -13.01
CA ASP B 252 10.97 16.18 -13.73
C ASP B 252 11.03 17.46 -14.55
N GLU B 253 12.21 17.75 -15.08
CA GLU B 253 12.42 18.95 -15.88
C GLU B 253 11.56 19.08 -17.13
N THR B 254 11.34 17.97 -17.81
CA THR B 254 10.54 18.00 -19.04
C THR B 254 9.07 18.32 -18.72
N THR B 255 8.56 17.78 -17.62
CA THR B 255 7.18 18.03 -17.23
C THR B 255 7.03 19.47 -16.76
N GLN B 256 8.00 19.93 -15.97
CA GLN B 256 7.95 21.30 -15.47
C GLN B 256 7.96 22.31 -16.60
N GLU B 257 8.79 22.05 -17.61
CA GLU B 257 8.87 22.94 -18.75
C GLU B 257 7.56 22.95 -19.52
N ARG B 258 7.00 21.77 -19.75
CA ARG B 258 5.75 21.68 -20.49
C ARG B 258 4.57 22.38 -19.80
N LEU B 259 4.37 22.09 -18.52
CA LEU B 259 3.25 22.67 -17.77
C LEU B 259 3.40 24.17 -17.53
N ARG B 260 4.64 24.67 -17.47
CA ARG B 260 4.86 26.09 -17.29
C ARG B 260 4.49 26.82 -18.56
N SER B 261 4.78 26.21 -19.71
CA SER B 261 4.46 26.80 -21.00
C SER B 261 2.96 26.73 -21.23
N GLY B 262 2.37 25.58 -20.93
CA GLY B 262 0.94 25.42 -21.12
C GLY B 262 0.17 26.45 -20.30
N TYR B 263 0.66 26.71 -19.10
CA TYR B 263 0.02 27.68 -18.22
C TYR B 263 -0.03 29.05 -18.86
N GLU B 264 1.08 29.48 -19.47
CA GLU B 264 1.13 30.80 -20.11
C GLU B 264 0.10 30.90 -21.23
N ASP B 265 -0.11 29.81 -21.96
CA ASP B 265 -1.09 29.82 -23.04
C ASP B 265 -2.48 29.87 -22.39
N ALA B 266 -2.61 29.22 -21.24
CA ALA B 266 -3.89 29.16 -20.52
C ALA B 266 -4.37 30.51 -19.99
N VAL B 267 -3.44 31.36 -19.55
CA VAL B 267 -3.82 32.65 -19.00
C VAL B 267 -3.67 33.84 -19.95
N ASP B 268 -3.39 33.56 -21.22
CA ASP B 268 -3.22 34.62 -22.22
C ASP B 268 -4.42 35.57 -22.30
N TYR B 269 -5.63 35.01 -22.40
CA TYR B 269 -6.83 35.83 -22.48
C TYR B 269 -7.21 36.50 -21.16
N ASN B 270 -7.07 35.77 -20.07
CA ASN B 270 -7.44 36.30 -18.76
C ASN B 270 -6.67 37.55 -18.38
N ARG B 271 -5.46 37.68 -18.91
N ARG B 271 -5.47 37.67 -18.91
CA ARG B 271 -4.63 38.84 -18.63
CA ARG B 271 -4.61 38.83 -18.63
C ARG B 271 -5.28 40.14 -19.10
C ARG B 271 -5.25 40.14 -19.12
N TYR B 272 -6.08 40.05 -20.16
CA TYR B 272 -6.74 41.23 -20.72
C TYR B 272 -8.22 41.37 -20.36
N VAL B 273 -8.67 40.62 -19.36
CA VAL B 273 -10.08 40.68 -18.96
C VAL B 273 -10.21 40.88 -17.46
N GLY B 274 -9.56 40.00 -16.70
CA GLY B 274 -9.63 40.08 -15.25
C GLY B 274 -10.43 38.91 -14.73
N ASN B 275 -10.69 38.90 -13.43
CA ASN B 275 -11.44 37.82 -12.82
C ASN B 275 -12.92 37.89 -13.18
N ILE B 276 -13.48 36.78 -13.68
CA ILE B 276 -14.91 36.75 -14.00
C ILE B 276 -15.54 35.63 -13.19
N TYR B 277 -14.96 35.41 -12.01
CA TYR B 277 -15.41 34.41 -11.05
C TYR B 277 -15.63 33.00 -11.59
N THR B 278 -16.89 32.58 -11.68
CA THR B 278 -17.21 31.24 -12.17
C THR B 278 -16.68 30.95 -13.56
N GLY B 279 -16.58 31.98 -14.40
CA GLY B 279 -16.09 31.78 -15.76
C GLY B 279 -14.57 31.80 -15.94
N SER B 280 -13.83 32.23 -14.91
CA SER B 280 -12.37 32.33 -15.02
C SER B 280 -11.65 31.07 -15.50
N LEU B 281 -11.89 29.96 -14.84
CA LEU B 281 -11.28 28.69 -15.22
C LEU B 281 -11.62 28.34 -16.67
N TYR B 282 -12.88 28.55 -17.03
CA TYR B 282 -13.32 28.21 -18.37
C TYR B 282 -12.88 29.19 -19.45
N LEU B 283 -12.61 30.43 -19.07
CA LEU B 283 -12.12 31.40 -20.04
C LEU B 283 -10.66 30.96 -20.29
N SER B 284 -10.01 30.53 -19.21
CA SER B 284 -8.63 30.06 -19.30
C SER B 284 -8.56 28.80 -20.17
N LEU B 285 -9.56 27.94 -20.05
CA LEU B 285 -9.61 26.73 -20.88
C LEU B 285 -9.69 27.11 -22.37
N ILE B 286 -10.46 28.14 -22.70
CA ILE B 286 -10.57 28.58 -24.08
C ILE B 286 -9.22 29.12 -24.54
N SER B 287 -8.56 29.88 -23.66
CA SER B 287 -7.27 30.46 -23.99
C SER B 287 -6.25 29.36 -24.27
N LEU B 288 -6.25 28.33 -23.44
CA LEU B 288 -5.33 27.21 -23.60
C LEU B 288 -5.61 26.47 -24.92
N LEU B 289 -6.88 26.20 -25.17
CA LEU B 289 -7.28 25.49 -26.38
C LEU B 289 -6.92 26.24 -27.66
N GLU B 290 -7.04 27.56 -27.64
CA GLU B 290 -6.75 28.35 -28.83
C GLU B 290 -5.30 28.79 -28.97
N ASN B 291 -4.64 29.10 -27.85
CA ASN B 291 -3.24 29.54 -27.91
C ASN B 291 -2.23 28.41 -27.98
N ARG B 292 -2.61 27.23 -27.51
CA ARG B 292 -1.70 26.11 -27.54
C ARG B 292 -2.12 25.17 -28.66
N ASP B 293 -1.21 24.30 -29.08
CA ASP B 293 -1.51 23.35 -30.12
C ASP B 293 -1.49 21.91 -29.61
N LEU B 294 -2.30 21.66 -28.60
CA LEU B 294 -2.41 20.33 -28.02
C LEU B 294 -3.00 19.41 -29.08
N GLN B 295 -2.61 18.14 -29.05
CA GLN B 295 -3.09 17.16 -30.01
C GLN B 295 -4.23 16.31 -29.46
N ALA B 296 -5.00 15.72 -30.35
CA ALA B 296 -6.11 14.86 -29.96
C ALA B 296 -5.54 13.77 -29.05
N GLY B 297 -6.34 13.31 -28.09
CA GLY B 297 -5.87 12.25 -27.20
C GLY B 297 -5.04 12.75 -26.03
N GLU B 298 -4.51 13.96 -26.14
CA GLU B 298 -3.70 14.51 -25.04
C GLU B 298 -4.66 14.91 -23.93
N THR B 299 -4.20 14.83 -22.69
CA THR B 299 -5.04 15.14 -21.54
C THR B 299 -4.72 16.42 -20.79
N ILE B 300 -5.78 17.14 -20.43
CA ILE B 300 -5.68 18.39 -19.70
C ILE B 300 -6.15 18.21 -18.27
N GLY B 301 -5.41 18.77 -17.31
CA GLY B 301 -5.80 18.68 -15.91
C GLY B 301 -6.38 20.02 -15.49
N LEU B 302 -7.57 20.00 -14.89
CA LEU B 302 -8.21 21.23 -14.46
C LEU B 302 -8.49 21.33 -12.97
N PHE B 303 -8.25 22.50 -12.41
CA PHE B 303 -8.54 22.72 -11.01
C PHE B 303 -9.52 23.86 -10.90
N SER B 304 -10.65 23.59 -10.25
CA SER B 304 -11.67 24.60 -10.06
C SER B 304 -11.65 24.98 -8.57
N TYR B 305 -11.74 26.27 -8.29
CA TYR B 305 -11.75 26.73 -6.90
C TYR B 305 -12.85 27.74 -6.65
N GLY B 306 -13.35 27.69 -5.42
CA GLY B 306 -14.38 28.61 -4.99
C GLY B 306 -14.09 28.91 -3.53
N SER B 307 -13.97 30.20 -3.18
CA SER B 307 -13.69 30.58 -1.82
C SER B 307 -14.78 30.01 -0.92
N GLY B 308 -14.46 29.75 0.34
CA GLY B 308 -15.48 29.23 1.22
C GLY B 308 -15.19 28.00 2.08
N SER B 309 -14.55 26.97 1.53
CA SER B 309 -14.09 26.90 0.15
C SER B 309 -14.33 25.49 -0.40
N VAL B 310 -14.35 25.38 -1.72
CA VAL B 310 -14.54 24.09 -2.39
C VAL B 310 -13.59 24.04 -3.59
N GLY B 311 -12.87 22.93 -3.71
CA GLY B 311 -11.96 22.77 -4.83
C GLY B 311 -12.24 21.47 -5.54
N GLU B 312 -11.87 21.38 -6.81
CA GLU B 312 -12.09 20.16 -7.56
C GLU B 312 -11.06 20.00 -8.67
N PHE B 313 -10.52 18.79 -8.79
CA PHE B 313 -9.56 18.50 -9.83
C PHE B 313 -10.10 17.35 -10.66
N TYR B 314 -10.13 17.55 -11.98
CA TYR B 314 -10.60 16.54 -12.93
C TYR B 314 -9.77 16.67 -14.21
N SER B 315 -9.95 15.74 -15.13
CA SER B 315 -9.20 15.80 -16.39
C SER B 315 -10.17 15.75 -17.56
N ALA B 316 -9.67 16.15 -18.73
CA ALA B 316 -10.45 16.16 -19.95
C ALA B 316 -9.50 15.79 -21.10
N THR B 317 -10.02 15.07 -22.08
CA THR B 317 -9.21 14.62 -23.21
C THR B 317 -9.64 15.25 -24.54
N LEU B 318 -8.70 15.87 -25.22
CA LEU B 318 -8.97 16.54 -26.49
C LEU B 318 -9.50 15.62 -27.59
N VAL B 319 -10.49 16.12 -28.32
CA VAL B 319 -11.09 15.37 -29.42
C VAL B 319 -10.48 15.81 -30.75
N GLU B 320 -10.15 14.84 -31.60
CA GLU B 320 -9.55 15.12 -32.90
C GLU B 320 -10.37 16.17 -33.64
N GLY B 321 -9.69 17.17 -34.18
CA GLY B 321 -10.36 18.22 -34.92
C GLY B 321 -11.01 19.32 -34.11
N TYR B 322 -10.80 19.30 -32.80
CA TYR B 322 -11.40 20.31 -31.93
C TYR B 322 -11.09 21.74 -32.39
N LYS B 323 -9.91 21.93 -32.98
CA LYS B 323 -9.52 23.26 -33.46
C LYS B 323 -10.57 23.84 -34.39
N ASP B 324 -11.15 23.01 -35.24
CA ASP B 324 -12.17 23.49 -36.17
C ASP B 324 -13.49 23.84 -35.51
N HIS B 325 -13.58 23.63 -34.20
CA HIS B 325 -14.81 23.94 -33.49
C HIS B 325 -14.67 25.08 -32.50
N LEU B 326 -13.55 25.78 -32.57
CA LEU B 326 -13.30 26.93 -31.72
C LEU B 326 -13.36 28.17 -32.59
N ASP B 327 -13.68 29.31 -32.00
CA ASP B 327 -13.73 30.56 -32.77
C ASP B 327 -12.62 31.49 -32.30
N GLN B 328 -11.38 31.09 -32.61
CA GLN B 328 -10.22 31.88 -32.22
C GLN B 328 -10.26 33.29 -32.78
N ALA B 329 -10.61 33.39 -34.06
CA ALA B 329 -10.69 34.68 -34.74
C ALA B 329 -11.66 35.60 -34.02
N ALA B 330 -12.89 35.13 -33.86
CA ALA B 330 -13.93 35.89 -33.16
C ALA B 330 -13.40 36.32 -31.80
N HIS B 331 -12.84 35.37 -31.05
CA HIS B 331 -12.30 35.67 -29.72
C HIS B 331 -11.19 36.72 -29.76
N LYS B 332 -10.20 36.49 -30.62
CA LYS B 332 -9.10 37.44 -30.74
C LYS B 332 -9.68 38.82 -31.05
N ALA B 333 -10.65 38.84 -31.96
CA ALA B 333 -11.32 40.08 -32.36
C ALA B 333 -12.08 40.72 -31.20
N LEU B 334 -12.81 39.90 -30.46
CA LEU B 334 -13.60 40.36 -29.34
C LEU B 334 -12.79 41.18 -28.35
N LEU B 335 -11.58 40.73 -28.05
CA LEU B 335 -10.72 41.44 -27.12
C LEU B 335 -10.11 42.69 -27.73
N ASN B 336 -9.55 42.55 -28.92
CA ASN B 336 -8.90 43.67 -29.60
C ASN B 336 -9.85 44.79 -30.04
N ASN B 337 -11.01 44.42 -30.59
CA ASN B 337 -11.95 45.42 -31.06
C ASN B 337 -12.66 46.19 -29.95
N ARG B 338 -12.27 45.95 -28.70
CA ARG B 338 -12.87 46.64 -27.58
C ARG B 338 -12.41 48.10 -27.54
N THR B 339 -13.18 48.94 -26.88
CA THR B 339 -12.87 50.36 -26.77
C THR B 339 -12.25 50.64 -25.41
N GLU B 340 -11.25 51.50 -25.37
CA GLU B 340 -10.59 51.84 -24.11
C GLU B 340 -11.29 53.01 -23.44
N VAL B 341 -11.11 53.10 -22.12
CA VAL B 341 -11.72 54.17 -21.34
C VAL B 341 -10.76 54.58 -20.23
N SER B 342 -10.66 55.88 -20.00
CA SER B 342 -9.79 56.40 -18.96
C SER B 342 -10.24 55.92 -17.60
N VAL B 343 -9.38 56.07 -16.60
CA VAL B 343 -9.72 55.65 -15.24
C VAL B 343 -10.93 56.44 -14.75
N ASP B 344 -11.16 57.59 -15.39
CA ASP B 344 -12.29 58.43 -15.02
C ASP B 344 -13.60 57.89 -15.55
N ALA B 345 -13.63 57.63 -16.85
CA ALA B 345 -14.82 57.07 -17.48
C ALA B 345 -15.15 55.77 -16.74
N TYR B 346 -14.11 54.99 -16.47
CA TYR B 346 -14.24 53.73 -15.76
C TYR B 346 -14.97 53.87 -14.44
N GLU B 347 -14.52 54.79 -13.60
CA GLU B 347 -15.13 55.00 -12.29
C GLU B 347 -16.57 55.51 -12.36
N THR B 348 -16.91 56.20 -13.44
CA THR B 348 -18.27 56.69 -13.59
C THR B 348 -19.14 55.49 -13.96
N PHE B 349 -18.63 54.68 -14.89
CA PHE B 349 -19.32 53.47 -15.32
C PHE B 349 -19.60 52.63 -14.10
N PHE B 350 -18.57 52.49 -13.27
CA PHE B 350 -18.64 51.70 -12.05
C PHE B 350 -19.73 52.18 -11.10
N LYS B 351 -19.71 53.47 -10.80
CA LYS B 351 -20.70 54.04 -9.88
C LYS B 351 -22.11 53.90 -10.46
N ARG B 352 -22.23 54.06 -11.78
CA ARG B 352 -23.53 53.92 -12.43
C ARG B 352 -24.04 52.48 -12.31
N PHE B 353 -23.13 51.52 -12.42
CA PHE B 353 -23.50 50.11 -12.33
C PHE B 353 -24.14 49.80 -10.99
N ASP B 354 -23.51 50.25 -9.91
CA ASP B 354 -24.01 50.01 -8.56
C ASP B 354 -25.51 50.25 -8.40
N ASP B 355 -26.06 51.17 -9.18
CA ASP B 355 -27.48 51.49 -9.10
C ASP B 355 -28.20 51.33 -10.43
N VAL B 356 -27.63 50.54 -11.33
CA VAL B 356 -28.21 50.32 -12.64
C VAL B 356 -28.75 51.61 -13.24
N GLU B 357 -27.92 52.65 -13.24
CA GLU B 357 -28.33 53.94 -13.78
C GLU B 357 -28.16 53.92 -15.29
N PHE B 358 -29.29 53.77 -15.99
CA PHE B 358 -29.30 53.73 -17.44
C PHE B 358 -28.81 55.03 -18.09
N ASP B 359 -28.25 54.88 -19.29
CA ASP B 359 -27.73 56.01 -20.06
C ASP B 359 -27.31 55.45 -21.41
N GLU B 360 -28.20 55.54 -22.39
CA GLU B 360 -27.93 55.00 -23.71
C GLU B 360 -26.81 55.74 -24.44
N GLU B 361 -26.41 56.89 -23.90
CA GLU B 361 -25.34 57.67 -24.51
C GLU B 361 -23.99 57.18 -24.00
N GLN B 362 -23.84 57.11 -22.67
CA GLN B 362 -22.58 56.64 -22.10
C GLN B 362 -22.36 55.18 -22.47
N ASP B 363 -23.36 54.34 -22.25
CA ASP B 363 -23.22 52.91 -22.58
C ASP B 363 -23.20 52.67 -24.08
N ALA B 364 -23.32 53.74 -24.86
CA ALA B 364 -23.29 53.65 -26.32
C ALA B 364 -24.11 52.45 -26.79
N VAL B 365 -25.38 52.45 -26.42
CA VAL B 365 -26.31 51.38 -26.76
C VAL B 365 -26.56 51.14 -28.26
N HIS B 366 -26.46 52.19 -29.06
CA HIS B 366 -26.71 52.05 -30.50
C HIS B 366 -25.74 51.11 -31.21
N GLU B 367 -24.57 50.87 -30.62
CA GLU B 367 -23.57 49.99 -31.23
C GLU B 367 -23.91 48.51 -30.99
N ASP B 368 -24.83 48.26 -30.06
CA ASP B 368 -25.18 46.90 -29.69
C ASP B 368 -26.41 46.29 -30.36
N ARG B 369 -26.59 46.60 -31.64
CA ARG B 369 -27.74 46.10 -32.40
C ARG B 369 -27.72 44.58 -32.61
N HIS B 370 -26.54 43.99 -32.64
CA HIS B 370 -26.43 42.56 -32.88
C HIS B 370 -26.21 41.71 -31.61
N ILE B 371 -26.50 42.27 -30.45
CA ILE B 371 -26.32 41.52 -29.21
C ILE B 371 -27.46 41.76 -28.21
N PHE B 372 -27.47 40.96 -27.15
CA PHE B 372 -28.47 41.12 -26.10
C PHE B 372 -27.92 42.19 -25.14
N TYR B 373 -28.81 42.96 -24.52
CA TYR B 373 -28.37 43.94 -23.54
C TYR B 373 -29.55 44.44 -22.73
N LEU B 374 -29.28 44.76 -21.47
CA LEU B 374 -30.30 45.26 -20.55
C LEU B 374 -30.68 46.67 -21.02
N SER B 375 -31.92 46.81 -21.48
CA SER B 375 -32.39 48.09 -21.99
C SER B 375 -33.22 48.91 -21.01
N ASN B 376 -33.74 48.28 -19.96
CA ASN B 376 -34.54 49.02 -18.98
C ASN B 376 -35.08 48.14 -17.88
N ILE B 377 -35.58 48.78 -16.81
CA ILE B 377 -36.18 48.10 -15.68
C ILE B 377 -37.44 48.87 -15.30
N GLU B 378 -38.59 48.28 -15.59
CA GLU B 378 -39.87 48.88 -15.25
C GLU B 378 -40.64 47.98 -14.31
N ASN B 379 -41.06 48.55 -13.18
CA ASN B 379 -41.81 47.80 -12.19
C ASN B 379 -41.02 46.59 -11.73
N ASN B 380 -39.74 46.82 -11.44
CA ASN B 380 -38.84 45.79 -10.97
C ASN B 380 -38.64 44.64 -11.96
N VAL B 381 -38.97 44.87 -13.23
CA VAL B 381 -38.80 43.83 -14.23
C VAL B 381 -37.80 44.26 -15.29
N ARG B 382 -36.74 43.49 -15.46
CA ARG B 382 -35.72 43.81 -16.45
C ARG B 382 -36.17 43.50 -17.87
N GLU B 383 -35.91 44.42 -18.78
CA GLU B 383 -36.27 44.26 -20.18
C GLU B 383 -34.95 44.19 -20.96
N TYR B 384 -34.94 43.42 -22.03
CA TYR B 384 -33.72 43.29 -22.82
C TYR B 384 -33.91 43.49 -24.31
N HIS B 385 -32.86 44.01 -24.95
CA HIS B 385 -32.87 44.19 -26.38
C HIS B 385 -32.31 42.88 -26.93
N ARG B 386 -32.89 42.42 -28.02
CA ARG B 386 -32.45 41.17 -28.63
C ARG B 386 -31.80 41.45 -29.98
N PRO B 387 -30.79 40.66 -30.35
CA PRO B 387 -30.08 40.83 -31.63
C PRO B 387 -31.05 41.09 -32.78
N GLU B 388 -30.81 42.17 -33.52
CA GLU B 388 -31.68 42.52 -34.64
C GLU B 388 -31.77 41.36 -35.63
N THR C 2 34.15 -0.95 10.25
CA THR C 2 33.73 -1.65 9.01
C THR C 2 34.25 -3.08 9.04
N ILE C 3 33.60 -4.00 8.31
CA ILE C 3 34.03 -5.40 8.30
C ILE C 3 34.01 -6.00 6.91
N GLY C 4 35.04 -6.77 6.57
CA GLY C 4 35.07 -7.37 5.26
C GLY C 4 36.23 -8.32 5.02
N ILE C 5 36.57 -8.46 3.74
CA ILE C 5 37.66 -9.31 3.32
C ILE C 5 38.97 -8.55 3.50
N ASP C 6 39.78 -9.03 4.43
CA ASP C 6 41.06 -8.40 4.73
C ASP C 6 42.19 -9.04 3.93
N LYS C 7 42.11 -10.36 3.77
CA LYS C 7 43.12 -11.11 3.02
C LYS C 7 42.40 -12.19 2.21
N ILE C 8 42.90 -12.49 1.03
CA ILE C 8 42.26 -13.52 0.20
C ILE C 8 43.33 -14.19 -0.66
N ASN C 9 43.28 -15.52 -0.72
CA ASN C 9 44.25 -16.29 -1.49
C ASN C 9 43.60 -17.56 -1.97
N PHE C 10 44.25 -18.25 -2.91
CA PHE C 10 43.72 -19.50 -3.42
C PHE C 10 44.82 -20.49 -3.72
N TYR C 11 44.44 -21.76 -3.86
CA TYR C 11 45.41 -22.80 -4.17
C TYR C 11 44.77 -23.79 -5.12
N VAL C 12 45.57 -24.27 -6.07
CA VAL C 12 45.11 -25.26 -7.03
C VAL C 12 46.23 -26.28 -7.14
N PRO C 13 45.90 -27.55 -7.45
CA PRO C 13 46.93 -28.58 -7.56
C PRO C 13 47.94 -28.26 -8.67
N LYS C 14 49.12 -28.86 -8.56
CA LYS C 14 50.22 -28.62 -9.49
C LYS C 14 50.07 -29.22 -10.88
N TYR C 15 48.91 -29.80 -11.19
CA TYR C 15 48.70 -30.40 -12.49
C TYR C 15 47.44 -29.90 -13.18
N TYR C 16 47.45 -29.96 -14.52
CA TYR C 16 46.31 -29.54 -15.33
C TYR C 16 46.32 -30.26 -16.68
N VAL C 17 45.13 -30.51 -17.21
CA VAL C 17 45.00 -31.15 -18.52
C VAL C 17 44.54 -30.09 -19.52
N ASP C 18 45.13 -30.08 -20.70
CA ASP C 18 44.77 -29.11 -21.73
C ASP C 18 43.39 -29.39 -22.28
N MET C 19 42.52 -28.39 -22.27
CA MET C 19 41.17 -28.59 -22.76
C MET C 19 41.14 -28.96 -24.25
N ALA C 20 42.08 -28.44 -25.02
CA ALA C 20 42.12 -28.76 -26.45
C ALA C 20 42.34 -30.26 -26.60
N LYS C 21 43.30 -30.80 -25.84
CA LYS C 21 43.61 -32.23 -25.88
C LYS C 21 42.37 -33.04 -25.48
N LEU C 22 41.76 -32.67 -24.35
CA LEU C 22 40.60 -33.38 -23.86
C LEU C 22 39.51 -33.48 -24.92
N ALA C 23 39.29 -32.37 -25.63
CA ALA C 23 38.28 -32.34 -26.68
C ALA C 23 38.63 -33.39 -27.73
N GLU C 24 39.90 -33.44 -28.11
CA GLU C 24 40.36 -34.40 -29.10
C GLU C 24 40.03 -35.80 -28.60
N ALA C 25 40.58 -36.13 -27.44
CA ALA C 25 40.36 -37.43 -26.83
C ALA C 25 38.88 -37.75 -26.73
N ARG C 26 38.06 -36.72 -26.55
CA ARG C 26 36.62 -36.92 -26.45
C ARG C 26 35.90 -36.83 -27.79
N GLN C 27 36.67 -36.62 -28.86
CA GLN C 27 36.10 -36.53 -30.20
C GLN C 27 35.11 -35.38 -30.36
N VAL C 28 35.43 -34.24 -29.76
CA VAL C 28 34.59 -33.06 -29.88
C VAL C 28 35.48 -31.91 -30.34
N ASP C 29 34.87 -30.90 -30.95
CA ASP C 29 35.63 -29.76 -31.44
C ASP C 29 36.23 -29.00 -30.26
N PRO C 30 37.56 -28.83 -30.26
CA PRO C 30 38.23 -28.11 -29.16
C PRO C 30 37.55 -26.79 -28.84
N ASN C 31 37.13 -26.06 -29.88
CA ASN C 31 36.46 -24.78 -29.70
C ASN C 31 35.21 -24.93 -28.86
N LYS C 32 34.65 -26.13 -28.81
CA LYS C 32 33.44 -26.37 -28.02
C LYS C 32 33.77 -26.11 -26.54
N PHE C 33 35.02 -26.38 -26.16
CA PHE C 33 35.46 -26.16 -24.79
C PHE C 33 36.11 -24.79 -24.62
N LEU C 34 37.04 -24.46 -25.52
CA LEU C 34 37.74 -23.17 -25.49
C LEU C 34 36.80 -21.98 -25.58
N ILE C 35 35.77 -22.12 -26.40
CA ILE C 35 34.82 -21.04 -26.62
C ILE C 35 33.42 -21.43 -26.14
N GLY C 36 32.98 -22.63 -26.53
CA GLY C 36 31.66 -23.11 -26.13
C GLY C 36 31.41 -22.94 -24.64
N ILE C 37 32.29 -23.47 -23.80
CA ILE C 37 32.11 -23.31 -22.35
C ILE C 37 33.08 -22.28 -21.78
N GLY C 38 34.07 -21.88 -22.58
CA GLY C 38 35.04 -20.90 -22.14
C GLY C 38 36.08 -21.39 -21.15
N GLN C 39 36.65 -22.57 -21.40
CA GLN C 39 37.66 -23.14 -20.53
C GLN C 39 38.87 -23.58 -21.36
N THR C 40 40.07 -23.29 -20.85
CA THR C 40 41.29 -23.62 -21.57
C THR C 40 42.14 -24.71 -20.91
N GLU C 41 42.26 -24.66 -19.58
CA GLU C 41 43.03 -25.66 -18.84
C GLU C 41 42.24 -26.12 -17.60
N MET C 42 42.21 -27.43 -17.39
CA MET C 42 41.50 -28.03 -16.26
C MET C 42 42.42 -28.56 -15.17
N ALA C 43 42.23 -28.08 -13.94
CA ALA C 43 43.06 -28.52 -12.83
C ALA C 43 42.87 -30.01 -12.58
N VAL C 44 43.98 -30.73 -12.38
CA VAL C 44 43.92 -32.17 -12.12
C VAL C 44 44.45 -32.46 -10.72
N SER C 45 43.69 -33.24 -9.95
CA SER C 45 44.06 -33.55 -8.57
C SER C 45 44.95 -34.76 -8.30
N PRO C 46 46.14 -34.52 -7.73
CA PRO C 46 47.01 -35.66 -7.42
C PRO C 46 46.40 -36.21 -6.13
N VAL C 47 46.57 -37.49 -5.83
CA VAL C 47 46.00 -38.05 -4.63
C VAL C 47 46.45 -37.35 -3.36
N ASN C 48 47.67 -36.83 -3.36
CA ASN C 48 48.21 -36.17 -2.18
C ASN C 48 47.63 -34.80 -1.91
N GLN C 49 46.53 -34.46 -2.60
CA GLN C 49 45.86 -33.18 -2.38
C GLN C 49 44.36 -33.36 -2.14
N ASP C 50 43.95 -33.38 -0.87
CA ASP C 50 42.54 -33.51 -0.57
C ASP C 50 42.03 -32.13 -0.17
N ILE C 51 40.75 -32.01 0.14
CA ILE C 51 40.21 -30.70 0.50
C ILE C 51 40.90 -30.07 1.69
N VAL C 52 41.43 -30.90 2.59
CA VAL C 52 42.13 -30.40 3.77
C VAL C 52 43.48 -29.77 3.41
N SER C 53 44.32 -30.51 2.70
CA SER C 53 45.62 -30.00 2.28
C SER C 53 45.45 -28.77 1.38
N MET C 54 44.49 -28.82 0.46
CA MET C 54 44.26 -27.67 -0.42
C MET C 54 43.79 -26.48 0.39
N GLY C 55 42.95 -26.74 1.38
CA GLY C 55 42.44 -25.67 2.21
C GLY C 55 43.55 -25.07 3.03
N ALA C 56 44.34 -25.93 3.68
CA ALA C 56 45.45 -25.44 4.48
C ALA C 56 46.42 -24.65 3.60
N ASN C 57 46.60 -25.08 2.36
CA ASN C 57 47.53 -24.38 1.49
C ASN C 57 47.06 -22.99 1.07
N ALA C 58 45.76 -22.83 0.85
CA ALA C 58 45.23 -21.53 0.45
C ALA C 58 45.35 -20.52 1.58
N ALA C 59 45.16 -20.99 2.81
CA ALA C 59 45.22 -20.12 3.97
C ALA C 59 46.62 -19.86 4.54
N LYS C 60 47.51 -20.82 4.43
CA LYS C 60 48.84 -20.63 5.03
C LYS C 60 49.60 -19.36 4.68
N ASP C 61 49.54 -18.94 3.41
CA ASP C 61 50.27 -17.74 3.01
C ASP C 61 49.65 -16.41 3.46
N ILE C 62 48.41 -16.43 3.96
CA ILE C 62 47.80 -15.19 4.40
C ILE C 62 47.52 -15.12 5.89
N ILE C 63 47.97 -16.13 6.63
CA ILE C 63 47.76 -16.18 8.08
C ILE C 63 49.07 -15.88 8.82
N THR C 64 49.05 -14.82 9.64
CA THR C 64 50.25 -14.44 10.41
C THR C 64 50.17 -15.03 11.80
N ASP C 65 51.28 -14.96 12.55
CA ASP C 65 51.28 -15.48 13.90
C ASP C 65 50.23 -14.77 14.75
N GLU C 66 50.08 -13.46 14.54
CA GLU C 66 49.13 -12.67 15.29
C GLU C 66 47.69 -13.02 14.93
N ASP C 67 47.46 -13.49 13.70
CA ASP C 67 46.10 -13.84 13.29
C ASP C 67 45.71 -15.12 14.01
N LYS C 68 46.66 -16.03 14.15
CA LYS C 68 46.41 -17.30 14.81
C LYS C 68 45.87 -17.08 16.22
N LYS C 69 46.21 -15.93 16.79
CA LYS C 69 45.77 -15.59 18.13
C LYS C 69 44.39 -14.95 18.11
N LYS C 70 44.07 -14.28 17.01
CA LYS C 70 42.80 -13.58 16.89
C LYS C 70 41.68 -14.30 16.13
N ILE C 71 41.98 -15.39 15.45
CA ILE C 71 40.92 -16.08 14.71
C ILE C 71 39.98 -16.79 15.68
N GLY C 72 38.72 -16.33 15.71
CA GLY C 72 37.72 -16.91 16.59
C GLY C 72 36.90 -18.05 16.02
N MET C 73 36.88 -18.16 14.70
CA MET C 73 36.14 -19.24 14.02
C MET C 73 36.85 -19.65 12.73
N VAL C 74 36.81 -20.95 12.44
CA VAL C 74 37.37 -21.46 11.19
C VAL C 74 36.19 -22.18 10.52
N ILE C 75 35.70 -21.64 9.42
CA ILE C 75 34.56 -22.24 8.73
C ILE C 75 34.98 -22.77 7.37
N VAL C 76 34.65 -24.03 7.11
CA VAL C 76 34.97 -24.65 5.84
C VAL C 76 33.70 -24.90 5.02
N ALA C 77 33.69 -24.40 3.79
CA ALA C 77 32.57 -24.58 2.89
C ALA C 77 33.01 -25.63 1.87
N THR C 78 32.22 -26.68 1.71
CA THR C 78 32.56 -27.73 0.77
C THR C 78 31.39 -28.64 0.50
N GLU C 79 31.47 -29.34 -0.62
CA GLU C 79 30.47 -30.32 -1.00
C GLU C 79 31.24 -31.56 -1.42
N SER C 80 32.52 -31.58 -1.04
CA SER C 80 33.43 -32.69 -1.34
C SER C 80 34.01 -33.19 0.00
N ALA C 81 33.14 -33.27 1.02
CA ALA C 81 33.58 -33.71 2.34
C ALA C 81 34.22 -35.09 2.37
N VAL C 82 35.17 -35.29 3.28
CA VAL C 82 35.82 -36.59 3.41
C VAL C 82 35.30 -37.33 4.62
N ASP C 83 34.57 -36.62 5.48
CA ASP C 83 33.99 -37.23 6.67
C ASP C 83 32.55 -36.76 6.78
N ALA C 84 31.66 -37.67 7.16
CA ALA C 84 30.26 -37.33 7.31
C ALA C 84 29.97 -36.68 8.66
N ALA C 85 30.95 -36.68 9.54
CA ALA C 85 30.75 -36.10 10.86
C ALA C 85 31.78 -35.04 11.24
N LYS C 86 33.05 -35.42 11.17
CA LYS C 86 34.13 -34.51 11.51
C LYS C 86 34.31 -33.42 10.47
N ALA C 87 34.22 -32.16 10.90
CA ALA C 87 34.39 -31.03 10.00
C ALA C 87 35.85 -30.88 9.60
N ALA C 88 36.10 -30.74 8.30
CA ALA C 88 37.46 -30.58 7.81
C ALA C 88 38.12 -29.38 8.50
N ALA C 89 37.30 -28.44 8.95
CA ALA C 89 37.80 -27.25 9.63
C ALA C 89 38.63 -27.57 10.88
N VAL C 90 38.39 -28.74 11.47
CA VAL C 90 39.15 -29.14 12.67
C VAL C 90 40.58 -29.48 12.30
N GLN C 91 40.76 -30.26 11.23
CA GLN C 91 42.12 -30.64 10.79
C GLN C 91 42.91 -29.43 10.30
N ILE C 92 42.24 -28.53 9.59
CA ILE C 92 42.87 -27.31 9.07
C ILE C 92 43.24 -26.36 10.22
N HIS C 93 42.37 -26.27 11.22
CA HIS C 93 42.62 -25.41 12.38
C HIS C 93 43.90 -25.95 13.05
N ASN C 94 44.00 -27.26 13.15
CA ASN C 94 45.16 -27.90 13.74
C ASN C 94 46.40 -27.60 12.89
N LEU C 95 46.33 -27.96 11.61
CA LEU C 95 47.44 -27.74 10.70
C LEU C 95 47.98 -26.31 10.69
N LEU C 96 47.09 -25.33 10.77
CA LEU C 96 47.51 -23.92 10.76
C LEU C 96 47.93 -23.37 12.13
N GLY C 97 47.77 -24.17 13.18
CA GLY C 97 48.15 -23.71 14.52
C GLY C 97 47.38 -22.51 15.05
N ILE C 98 46.09 -22.44 14.75
CA ILE C 98 45.25 -21.34 15.23
C ILE C 98 44.98 -21.57 16.71
N GLN C 99 44.77 -20.49 17.48
CA GLN C 99 44.50 -20.66 18.90
C GLN C 99 43.31 -21.61 19.10
N PRO C 100 43.32 -22.39 20.19
CA PRO C 100 42.31 -23.38 20.57
C PRO C 100 40.86 -22.98 20.86
N PHE C 101 40.64 -21.77 21.35
CA PHE C 101 39.28 -21.33 21.67
C PHE C 101 38.54 -20.74 20.48
N ALA C 102 38.26 -21.61 19.52
CA ALA C 102 37.58 -21.21 18.31
C ALA C 102 36.59 -22.25 17.82
N ARG C 103 35.57 -21.79 17.11
CA ARG C 103 34.56 -22.66 16.54
C ARG C 103 35.11 -23.19 15.22
N CYS C 104 34.93 -24.48 14.98
CA CYS C 104 35.37 -25.10 13.72
C CYS C 104 34.22 -25.95 13.21
N PHE C 105 33.73 -25.64 12.03
CA PHE C 105 32.63 -26.42 11.44
C PHE C 105 32.55 -26.20 9.94
N GLU C 106 31.78 -27.06 9.28
CA GLU C 106 31.58 -26.96 7.85
C GLU C 106 30.20 -26.37 7.55
N MET C 107 30.07 -25.78 6.37
CA MET C 107 28.77 -25.26 5.93
C MET C 107 28.59 -25.96 4.60
N LYS C 108 27.37 -26.38 4.30
CA LYS C 108 27.11 -27.08 3.07
C LYS C 108 25.80 -26.71 2.37
N GLU C 109 25.92 -26.44 1.07
CA GLU C 109 24.81 -26.13 0.18
C GLU C 109 25.45 -25.89 -1.19
N ALA C 110 25.82 -27.00 -1.82
CA ALA C 110 26.44 -26.99 -3.14
C ALA C 110 27.52 -25.90 -3.22
N CYS C 111 27.48 -25.09 -4.27
CA CYS C 111 28.46 -24.03 -4.48
C CYS C 111 28.18 -22.70 -3.79
N TYR C 112 27.14 -22.68 -2.96
CA TYR C 112 26.73 -21.48 -2.24
C TYR C 112 27.39 -21.23 -0.87
N ALA C 113 27.73 -22.32 -0.18
CA ALA C 113 28.27 -22.31 1.19
C ALA C 113 29.34 -21.32 1.68
N ALA C 114 30.20 -20.80 0.81
CA ALA C 114 31.22 -19.85 1.27
C ALA C 114 30.61 -18.48 1.56
N THR C 115 29.49 -18.21 0.90
CA THR C 115 28.81 -16.93 1.05
C THR C 115 28.21 -16.76 2.45
N PRO C 116 27.34 -17.69 2.88
CA PRO C 116 26.79 -17.52 4.24
C PRO C 116 27.91 -17.59 5.27
N ALA C 117 29.02 -18.23 4.90
CA ALA C 117 30.14 -18.34 5.81
C ALA C 117 30.81 -16.97 6.05
N ILE C 118 31.10 -16.22 4.99
CA ILE C 118 31.73 -14.91 5.19
C ILE C 118 30.74 -13.87 5.70
N GLN C 119 29.48 -14.01 5.29
CA GLN C 119 28.44 -13.08 5.69
C GLN C 119 28.14 -13.23 7.19
N LEU C 120 28.02 -14.47 7.65
CA LEU C 120 27.75 -14.71 9.06
C LEU C 120 29.02 -14.47 9.86
N ALA C 121 30.17 -14.64 9.22
CA ALA C 121 31.44 -14.39 9.88
C ALA C 121 31.45 -12.91 10.26
N LYS C 122 30.94 -12.09 9.36
CA LYS C 122 30.85 -10.65 9.56
C LYS C 122 29.91 -10.29 10.70
N ASP C 123 28.76 -10.94 10.75
CA ASP C 123 27.80 -10.69 11.81
C ASP C 123 28.43 -11.04 13.14
N TYR C 124 29.19 -12.13 13.16
CA TYR C 124 29.87 -12.59 14.36
C TYR C 124 30.87 -11.57 14.89
N LEU C 125 31.62 -10.96 13.97
CA LEU C 125 32.64 -9.99 14.34
C LEU C 125 32.11 -8.63 14.80
N ALA C 126 30.82 -8.39 14.58
CA ALA C 126 30.20 -7.12 14.94
C ALA C 126 30.59 -6.61 16.32
N THR C 127 30.51 -7.50 17.32
CA THR C 127 30.83 -7.13 18.69
C THR C 127 32.20 -7.63 19.11
N ARG C 128 33.01 -8.07 18.15
CA ARG C 128 34.34 -8.58 18.44
C ARG C 128 35.40 -7.85 17.63
N PRO C 129 35.69 -6.58 18.01
CA PRO C 129 36.68 -5.73 17.34
C PRO C 129 38.09 -6.29 17.22
N ASN C 130 38.47 -7.20 18.10
CA ASN C 130 39.81 -7.75 18.03
C ASN C 130 39.89 -9.20 17.58
N GLU C 131 38.83 -9.68 16.93
CA GLU C 131 38.83 -11.04 16.41
C GLU C 131 38.77 -11.04 14.89
N LYS C 132 39.04 -12.20 14.31
CA LYS C 132 39.00 -12.39 12.88
C LYS C 132 38.38 -13.76 12.65
N VAL C 133 37.89 -14.00 11.44
CA VAL C 133 37.31 -15.29 11.11
C VAL C 133 37.96 -15.78 9.82
N LEU C 134 38.29 -17.07 9.81
CA LEU C 134 38.91 -17.68 8.64
C LEU C 134 37.89 -18.57 7.94
N VAL C 135 37.58 -18.20 6.71
CA VAL C 135 36.63 -18.97 5.89
C VAL C 135 37.40 -19.63 4.75
N ILE C 136 37.18 -20.93 4.58
CA ILE C 136 37.87 -21.66 3.53
C ILE C 136 36.91 -22.44 2.64
N ALA C 137 36.97 -22.16 1.34
CA ALA C 137 36.17 -22.86 0.36
C ALA C 137 37.14 -23.87 -0.24
N THR C 138 36.76 -25.14 -0.23
CA THR C 138 37.63 -26.16 -0.78
C THR C 138 36.75 -27.26 -1.37
N ASP C 139 37.06 -27.65 -2.60
CA ASP C 139 36.26 -28.65 -3.29
C ASP C 139 36.98 -29.33 -4.45
N THR C 140 36.41 -30.45 -4.87
CA THR C 140 36.94 -31.18 -6.01
C THR C 140 35.72 -31.45 -6.89
N ALA C 141 35.60 -30.70 -7.99
CA ALA C 141 34.48 -30.88 -8.90
C ALA C 141 34.81 -32.04 -9.83
N ARG C 142 34.24 -33.20 -9.53
CA ARG C 142 34.47 -34.43 -10.30
C ARG C 142 33.13 -34.99 -10.80
N TYR C 143 32.97 -35.10 -12.12
CA TYR C 143 31.75 -35.61 -12.71
C TYR C 143 31.89 -37.03 -13.24
N GLY C 144 33.12 -37.42 -13.55
CA GLY C 144 33.36 -38.76 -14.07
C GLY C 144 33.74 -38.72 -15.54
N LEU C 145 34.68 -39.57 -15.92
CA LEU C 145 35.15 -39.65 -17.29
C LEU C 145 33.98 -39.88 -18.27
N ASN C 146 34.02 -39.17 -19.39
CA ASN C 146 33.00 -39.27 -20.42
C ASN C 146 31.60 -38.87 -19.95
N SER C 147 31.55 -38.08 -18.87
CA SER C 147 30.26 -37.64 -18.34
C SER C 147 29.87 -36.32 -18.99
N GLY C 148 28.61 -35.94 -18.86
CA GLY C 148 28.17 -34.69 -19.45
C GLY C 148 28.91 -33.51 -18.84
N GLY C 149 29.13 -33.57 -17.52
CA GLY C 149 29.80 -32.47 -16.85
C GLY C 149 31.31 -32.49 -16.82
N GLU C 150 31.93 -33.58 -17.25
CA GLU C 150 33.39 -33.68 -17.22
C GLU C 150 34.19 -32.45 -17.66
N PRO C 151 33.80 -31.81 -18.77
CA PRO C 151 34.55 -30.64 -19.22
C PRO C 151 34.63 -29.47 -18.23
N THR C 152 33.71 -29.43 -17.29
CA THR C 152 33.67 -28.35 -16.31
C THR C 152 34.38 -28.68 -15.00
N GLN C 153 35.05 -29.81 -14.97
CA GLN C 153 35.77 -30.26 -13.77
C GLN C 153 36.93 -29.36 -13.33
N GLY C 154 37.23 -29.41 -12.04
CA GLY C 154 38.32 -28.61 -11.48
C GLY C 154 38.49 -28.96 -10.02
N ALA C 155 39.44 -28.30 -9.35
CA ALA C 155 39.68 -28.52 -7.94
C ALA C 155 40.58 -27.41 -7.41
N GLY C 156 40.37 -27.03 -6.16
CA GLY C 156 41.16 -26.00 -5.55
C GLY C 156 40.49 -25.49 -4.29
N ALA C 157 41.00 -24.39 -3.76
CA ALA C 157 40.42 -23.82 -2.55
C ALA C 157 40.74 -22.34 -2.43
N VAL C 158 39.82 -21.60 -1.84
CA VAL C 158 40.01 -20.17 -1.63
C VAL C 158 39.92 -19.93 -0.13
N ALA C 159 40.81 -19.10 0.39
CA ALA C 159 40.83 -18.79 1.81
C ALA C 159 40.64 -17.28 1.94
N MET C 160 39.76 -16.91 2.86
CA MET C 160 39.48 -15.50 3.12
C MET C 160 39.53 -15.21 4.61
N VAL C 161 40.13 -14.09 4.95
CA VAL C 161 40.26 -13.66 6.33
C VAL C 161 39.32 -12.47 6.49
N ILE C 162 38.26 -12.68 7.27
CA ILE C 162 37.27 -11.64 7.53
C ILE C 162 37.71 -10.89 8.79
N ALA C 163 37.66 -9.56 8.75
CA ALA C 163 38.08 -8.78 9.89
C ALA C 163 37.59 -7.35 9.85
N HIS C 164 37.93 -6.60 10.90
CA HIS C 164 37.58 -5.19 11.01
C HIS C 164 38.62 -4.43 10.22
N ASN C 165 38.28 -3.21 9.78
CA ASN C 165 39.19 -2.41 8.97
C ASN C 165 39.85 -3.29 7.94
N PRO C 166 39.04 -3.93 7.06
CA PRO C 166 39.56 -4.81 6.02
C PRO C 166 40.41 -4.07 4.99
N SER C 167 41.51 -4.70 4.59
CA SER C 167 42.43 -4.08 3.63
C SER C 167 41.96 -4.13 2.19
N ILE C 168 41.12 -5.11 1.86
CA ILE C 168 40.66 -5.27 0.49
C ILE C 168 39.22 -4.86 0.18
N LEU C 169 38.25 -5.49 0.83
CA LEU C 169 36.86 -5.18 0.58
C LEU C 169 36.00 -5.10 1.81
N ALA C 170 35.12 -4.10 1.85
CA ALA C 170 34.21 -3.95 2.97
C ALA C 170 32.90 -4.61 2.53
N LEU C 171 32.36 -5.49 3.35
CA LEU C 171 31.10 -6.15 3.00
C LEU C 171 29.98 -5.22 3.44
N ASN C 172 29.09 -4.88 2.50
CA ASN C 172 28.00 -3.99 2.81
C ASN C 172 26.77 -4.67 3.39
N GLU C 173 25.82 -3.87 3.90
CA GLU C 173 24.60 -4.39 4.49
C GLU C 173 23.50 -4.40 3.44
N ASP C 174 23.50 -5.38 2.55
CA ASP C 174 22.49 -5.43 1.51
C ASP C 174 22.32 -6.80 0.88
N ALA C 175 22.80 -7.85 1.56
CA ALA C 175 22.67 -9.19 1.03
C ALA C 175 21.23 -9.68 1.04
N VAL C 176 20.84 -10.37 -0.01
CA VAL C 176 19.51 -10.96 -0.10
C VAL C 176 19.63 -12.30 -0.81
N ALA C 177 19.15 -13.35 -0.15
CA ALA C 177 19.21 -14.68 -0.72
C ALA C 177 17.86 -15.11 -1.28
N TYR C 178 17.89 -16.10 -2.16
CA TYR C 178 16.67 -16.61 -2.78
C TYR C 178 16.77 -18.13 -2.87
N THR C 179 15.85 -18.81 -2.21
CA THR C 179 15.83 -20.27 -2.20
C THR C 179 14.65 -20.84 -2.98
N GLU C 180 14.93 -21.83 -3.82
CA GLU C 180 13.90 -22.50 -4.61
C GLU C 180 14.26 -23.97 -4.73
N ASP C 181 13.38 -24.83 -4.25
CA ASP C 181 13.63 -26.26 -4.29
C ASP C 181 13.61 -26.78 -5.73
N VAL C 182 14.77 -27.14 -6.25
CA VAL C 182 14.85 -27.67 -7.61
C VAL C 182 15.96 -28.71 -7.71
N TYR C 183 15.77 -29.69 -8.60
CA TYR C 183 16.76 -30.73 -8.78
C TYR C 183 17.52 -30.61 -10.09
N ASP C 184 18.32 -29.55 -10.17
CA ASP C 184 19.15 -29.25 -11.32
C ASP C 184 20.48 -29.98 -11.18
N PHE C 185 20.88 -30.16 -9.93
CA PHE C 185 22.15 -30.81 -9.61
C PHE C 185 22.11 -31.26 -8.15
N TRP C 186 22.58 -32.46 -7.88
CA TRP C 186 22.62 -32.99 -6.52
C TRP C 186 23.42 -34.28 -6.48
N ARG C 187 23.80 -34.71 -5.28
CA ARG C 187 24.61 -35.91 -5.14
C ARG C 187 24.22 -36.73 -3.92
N PRO C 188 23.23 -37.63 -4.07
CA PRO C 188 22.78 -38.47 -2.97
C PRO C 188 23.95 -39.23 -2.34
N THR C 189 23.84 -39.52 -1.04
CA THR C 189 24.88 -40.24 -0.34
C THR C 189 25.21 -41.52 -1.09
N GLY C 190 26.50 -41.85 -1.18
CA GLY C 190 26.88 -43.06 -1.89
C GLY C 190 27.39 -42.79 -3.29
N HIS C 191 26.71 -41.92 -4.03
CA HIS C 191 27.12 -41.59 -5.40
C HIS C 191 28.45 -40.86 -5.39
N LYS C 192 29.41 -41.37 -6.16
CA LYS C 192 30.72 -40.73 -6.23
C LYS C 192 30.61 -39.44 -7.03
N TYR C 193 29.73 -39.40 -8.02
CA TYR C 193 29.56 -38.23 -8.87
C TYR C 193 28.14 -37.64 -8.78
N PRO C 194 28.00 -36.35 -9.11
CA PRO C 194 26.72 -35.66 -9.07
C PRO C 194 25.75 -36.13 -10.14
N LEU C 195 24.45 -35.89 -9.89
CA LEU C 195 23.43 -36.19 -10.87
C LEU C 195 23.14 -34.80 -11.39
N VAL C 196 23.11 -34.65 -12.71
CA VAL C 196 22.88 -33.33 -13.28
C VAL C 196 21.92 -33.33 -14.46
N ASP C 197 21.18 -32.24 -14.58
CA ASP C 197 20.26 -32.04 -15.67
C ASP C 197 20.84 -30.80 -16.35
N GLY C 198 21.81 -31.03 -17.24
CA GLY C 198 22.49 -29.96 -17.95
C GLY C 198 21.71 -28.71 -18.24
N ALA C 199 20.68 -28.83 -19.08
CA ALA C 199 19.86 -27.69 -19.46
C ALA C 199 19.19 -27.02 -18.26
N LEU C 200 18.49 -27.83 -17.46
CA LEU C 200 17.79 -27.31 -16.29
C LEU C 200 18.71 -26.55 -15.34
N SER C 201 19.96 -26.98 -15.23
CA SER C 201 20.90 -26.31 -14.34
C SER C 201 21.27 -24.92 -14.86
N LYS C 202 21.20 -24.73 -16.18
CA LYS C 202 21.51 -23.42 -16.75
C LYS C 202 20.36 -22.47 -16.49
N ASP C 203 19.13 -22.97 -16.59
CA ASP C 203 17.95 -22.15 -16.35
C ASP C 203 17.81 -21.80 -14.88
N ALA C 204 18.02 -22.79 -14.02
CA ALA C 204 17.91 -22.59 -12.58
C ALA C 204 18.92 -21.55 -12.12
N TYR C 205 20.12 -21.62 -12.67
CA TYR C 205 21.19 -20.68 -12.32
C TYR C 205 20.76 -19.27 -12.67
N ILE C 206 20.34 -19.08 -13.91
CA ILE C 206 19.92 -17.77 -14.37
C ILE C 206 18.66 -17.28 -13.64
N ARG C 207 17.75 -18.18 -13.32
CA ARG C 207 16.55 -17.76 -12.62
C ARG C 207 16.89 -17.27 -11.21
N SER C 208 17.70 -18.04 -10.50
CA SER C 208 18.11 -17.68 -9.16
C SER C 208 18.77 -16.31 -9.18
N PHE C 209 19.60 -16.07 -10.19
CA PHE C 209 20.30 -14.80 -10.32
C PHE C 209 19.31 -13.65 -10.54
N GLN C 210 18.38 -13.84 -11.47
CA GLN C 210 17.40 -12.80 -11.76
C GLN C 210 16.54 -12.45 -10.56
N GLN C 211 16.05 -13.48 -9.86
CA GLN C 211 15.22 -13.26 -8.68
C GLN C 211 15.98 -12.53 -7.59
N SER C 212 17.25 -12.90 -7.41
CA SER C 212 18.08 -12.29 -6.38
C SER C 212 18.37 -10.82 -6.67
N TRP C 213 18.78 -10.55 -7.91
CA TRP C 213 19.07 -9.18 -8.33
C TRP C 213 17.82 -8.30 -8.28
N ASN C 214 16.71 -8.80 -8.80
CA ASN C 214 15.49 -8.00 -8.80
C ASN C 214 15.13 -7.56 -7.40
N GLU C 215 15.08 -8.51 -6.47
CA GLU C 215 14.74 -8.19 -5.10
C GLU C 215 15.81 -7.26 -4.52
N TYR C 216 17.08 -7.52 -4.85
CA TYR C 216 18.17 -6.68 -4.36
C TYR C 216 17.96 -5.24 -4.79
N ALA C 217 17.85 -5.02 -6.10
CA ALA C 217 17.66 -3.69 -6.66
C ALA C 217 16.43 -3.03 -6.05
N LYS C 218 15.38 -3.83 -5.84
CA LYS C 218 14.14 -3.35 -5.27
C LYS C 218 14.40 -2.83 -3.85
N ARG C 219 14.96 -3.69 -3.00
CA ARG C 219 15.23 -3.31 -1.62
C ARG C 219 16.24 -2.17 -1.45
N GLN C 220 17.27 -2.16 -2.29
CA GLN C 220 18.30 -1.12 -2.19
C GLN C 220 18.03 0.08 -3.09
N GLY C 221 17.13 -0.09 -4.05
CA GLY C 221 16.84 1.01 -4.96
C GLY C 221 18.06 1.30 -5.82
N LYS C 222 18.72 0.25 -6.26
CA LYS C 222 19.90 0.40 -7.09
C LYS C 222 19.65 -0.17 -8.48
N SER C 223 20.63 0.00 -9.36
CA SER C 223 20.54 -0.52 -10.72
C SER C 223 21.94 -0.90 -11.17
N LEU C 224 22.04 -1.62 -12.27
CA LEU C 224 23.34 -2.05 -12.78
C LEU C 224 24.32 -0.88 -12.96
N ALA C 225 23.79 0.33 -13.15
CA ALA C 225 24.64 1.49 -13.34
C ALA C 225 25.44 1.84 -12.08
N ASP C 226 24.97 1.37 -10.92
CA ASP C 226 25.65 1.65 -9.67
C ASP C 226 26.86 0.76 -9.39
N PHE C 227 27.14 -0.15 -10.31
CA PHE C 227 28.25 -1.07 -10.13
C PHE C 227 29.37 -0.92 -11.14
N ALA C 228 30.59 -0.97 -10.62
CA ALA C 228 31.79 -0.87 -11.45
C ALA C 228 31.96 -2.22 -12.13
N SER C 229 31.56 -3.27 -11.42
CA SER C 229 31.65 -4.62 -11.96
C SER C 229 30.86 -5.63 -11.14
N LEU C 230 30.42 -6.70 -11.80
CA LEU C 230 29.71 -7.77 -11.13
C LEU C 230 30.64 -8.96 -11.14
N CYS C 231 30.50 -9.83 -10.14
CA CYS C 231 31.31 -11.03 -10.02
C CYS C 231 30.32 -12.18 -9.79
N PHE C 232 30.45 -13.28 -10.54
CA PHE C 232 29.52 -14.42 -10.44
C PHE C 232 30.15 -15.74 -10.06
N HIS C 233 29.31 -16.69 -9.65
CA HIS C 233 29.79 -18.03 -9.33
C HIS C 233 30.17 -18.56 -10.72
N VAL C 234 31.29 -19.26 -10.82
CA VAL C 234 31.71 -19.73 -12.13
C VAL C 234 31.92 -21.24 -12.33
N PRO C 235 30.92 -21.93 -12.91
CA PRO C 235 31.03 -23.38 -13.15
C PRO C 235 31.88 -23.55 -14.41
N PHE C 236 31.77 -22.56 -15.29
CA PHE C 236 32.50 -22.42 -16.55
C PHE C 236 32.25 -20.98 -17.00
N THR C 237 33.28 -20.29 -17.51
CA THR C 237 33.14 -18.88 -17.88
C THR C 237 31.95 -18.45 -18.72
N LYS C 238 31.45 -19.30 -19.60
CA LYS C 238 30.32 -18.91 -20.41
C LYS C 238 29.01 -18.81 -19.60
N MET C 239 28.94 -19.51 -18.47
CA MET C 239 27.73 -19.49 -17.65
C MET C 239 27.43 -18.12 -17.07
N GLY C 240 28.46 -17.46 -16.54
CA GLY C 240 28.27 -16.14 -15.98
C GLY C 240 27.94 -15.18 -17.11
N LYS C 241 28.61 -15.38 -18.23
CA LYS C 241 28.40 -14.56 -19.41
C LYS C 241 26.90 -14.56 -19.76
N LYS C 242 26.33 -15.76 -19.87
CA LYS C 242 24.92 -15.91 -20.21
C LYS C 242 23.99 -15.25 -19.19
N ALA C 243 24.25 -15.46 -17.90
CA ALA C 243 23.43 -14.88 -16.86
C ALA C 243 23.51 -13.35 -16.86
N LEU C 244 24.70 -12.82 -17.11
CA LEU C 244 24.90 -11.38 -17.14
C LEU C 244 24.15 -10.78 -18.32
N GLU C 245 24.28 -11.41 -19.47
CA GLU C 245 23.61 -10.94 -20.68
C GLU C 245 22.10 -10.90 -20.54
N SER C 246 21.53 -11.81 -19.75
CA SER C 246 20.09 -11.85 -19.58
C SER C 246 19.59 -10.73 -18.67
N ILE C 247 20.52 -9.94 -18.15
CA ILE C 247 20.16 -8.83 -17.25
C ILE C 247 20.58 -7.46 -17.78
N ILE C 248 21.83 -7.34 -18.23
CA ILE C 248 22.34 -6.06 -18.73
C ILE C 248 21.63 -5.44 -19.92
N ASP C 249 20.75 -6.19 -20.57
CA ASP C 249 20.03 -5.66 -21.73
C ASP C 249 19.26 -4.38 -21.40
N ASN C 250 18.74 -4.29 -20.18
CA ASN C 250 17.97 -3.12 -19.78
C ASN C 250 18.85 -1.96 -19.33
N ALA C 251 20.16 -2.16 -19.34
CA ALA C 251 21.11 -1.13 -18.92
C ALA C 251 21.62 -0.24 -20.06
N ASP C 252 22.20 0.90 -19.70
CA ASP C 252 22.75 1.83 -20.68
C ASP C 252 24.01 1.22 -21.29
N GLU C 253 24.37 1.70 -22.48
CA GLU C 253 25.54 1.20 -23.19
C GLU C 253 26.84 1.37 -22.43
N THR C 254 26.98 2.45 -21.65
CA THR C 254 28.20 2.66 -20.89
C THR C 254 28.30 1.55 -19.85
N THR C 255 27.17 1.25 -19.21
CA THR C 255 27.11 0.22 -18.18
C THR C 255 27.33 -1.17 -18.77
N GLN C 256 26.80 -1.39 -19.98
CA GLN C 256 26.95 -2.68 -20.63
C GLN C 256 28.40 -2.96 -20.98
N GLU C 257 29.10 -1.95 -21.51
CA GLU C 257 30.49 -2.11 -21.87
C GLU C 257 31.34 -2.37 -20.63
N ARG C 258 31.08 -1.61 -19.58
CA ARG C 258 31.83 -1.74 -18.32
C ARG C 258 31.67 -3.09 -17.62
N LEU C 259 30.43 -3.53 -17.43
CA LEU C 259 30.18 -4.78 -16.75
C LEU C 259 30.67 -5.96 -17.58
N ARG C 260 30.59 -5.83 -18.91
CA ARG C 260 31.06 -6.89 -19.80
C ARG C 260 32.58 -6.98 -19.70
N SER C 261 33.24 -5.83 -19.64
CA SER C 261 34.70 -5.79 -19.53
C SER C 261 35.10 -6.36 -18.17
N GLY C 262 34.37 -5.96 -17.14
CA GLY C 262 34.66 -6.44 -15.80
C GLY C 262 34.60 -7.95 -15.71
N TYR C 263 33.58 -8.54 -16.33
CA TYR C 263 33.41 -9.98 -16.31
C TYR C 263 34.64 -10.73 -16.85
N GLU C 264 35.19 -10.25 -17.96
CA GLU C 264 36.37 -10.90 -18.55
C GLU C 264 37.53 -10.91 -17.58
N ASP C 265 37.72 -9.81 -16.86
CA ASP C 265 38.80 -9.76 -15.87
C ASP C 265 38.43 -10.73 -14.74
N ALA C 266 37.14 -10.80 -14.45
CA ALA C 266 36.64 -11.67 -13.39
C ALA C 266 36.88 -13.15 -13.61
N VAL C 267 36.77 -13.61 -14.85
CA VAL C 267 36.95 -15.03 -15.15
C VAL C 267 38.30 -15.39 -15.75
N ASP C 268 39.22 -14.45 -15.76
CA ASP C 268 40.54 -14.70 -16.31
C ASP C 268 41.18 -15.94 -15.68
N TYR C 269 41.25 -15.99 -14.35
CA TYR C 269 41.86 -17.12 -13.69
C TYR C 269 41.07 -18.42 -13.81
N ASN C 270 39.75 -18.32 -13.72
CA ASN C 270 38.89 -19.50 -13.78
C ASN C 270 39.02 -20.32 -15.05
N ARG C 271 39.29 -19.64 -16.15
N ARG C 271 39.29 -19.65 -16.16
CA ARG C 271 39.45 -20.27 -17.46
CA ARG C 271 39.44 -20.32 -17.44
C ARG C 271 40.59 -21.29 -17.47
C ARG C 271 40.56 -21.35 -17.42
N TYR C 272 41.54 -21.14 -16.54
CA TYR C 272 42.67 -22.05 -16.45
C TYR C 272 42.60 -23.00 -15.26
N VAL C 273 41.42 -23.14 -14.66
CA VAL C 273 41.28 -24.01 -13.51
C VAL C 273 40.07 -24.92 -13.62
N GLY C 274 38.93 -24.32 -13.85
CA GLY C 274 37.70 -25.09 -13.95
C GLY C 274 36.86 -24.77 -12.74
N ASN C 275 35.76 -25.51 -12.58
CA ASN C 275 34.84 -25.30 -11.49
C ASN C 275 35.42 -25.82 -10.18
N ILE C 276 35.50 -24.97 -9.17
CA ILE C 276 36.00 -25.43 -7.88
C ILE C 276 34.89 -25.25 -6.84
N TYR C 277 33.67 -25.45 -7.33
CA TYR C 277 32.44 -25.34 -6.54
C TYR C 277 32.32 -24.12 -5.62
N THR C 278 32.37 -24.33 -4.30
CA THR C 278 32.20 -23.21 -3.36
C THR C 278 33.19 -22.07 -3.54
N GLY C 279 34.36 -22.36 -4.09
CA GLY C 279 35.35 -21.30 -4.26
C GLY C 279 35.35 -20.58 -5.61
N SER C 280 34.57 -21.06 -6.57
CA SER C 280 34.54 -20.45 -7.89
C SER C 280 34.27 -18.94 -7.88
N LEU C 281 33.26 -18.51 -7.14
CA LEU C 281 32.93 -17.08 -7.07
C LEU C 281 34.10 -16.30 -6.47
N TYR C 282 34.71 -16.88 -5.46
CA TYR C 282 35.81 -16.22 -4.78
C TYR C 282 37.12 -16.27 -5.54
N LEU C 283 37.31 -17.30 -6.37
CA LEU C 283 38.53 -17.37 -7.19
C LEU C 283 38.34 -16.26 -8.23
N SER C 284 37.11 -16.10 -8.68
CA SER C 284 36.76 -15.07 -9.67
C SER C 284 36.91 -13.67 -9.07
N LEU C 285 36.66 -13.54 -7.77
CA LEU C 285 36.80 -12.24 -7.11
C LEU C 285 38.27 -11.84 -7.12
N ILE C 286 39.14 -12.82 -6.84
CA ILE C 286 40.58 -12.60 -6.85
C ILE C 286 41.01 -12.17 -8.25
N SER C 287 40.55 -12.90 -9.25
CA SER C 287 40.87 -12.60 -10.65
C SER C 287 40.48 -11.17 -11.01
N LEU C 288 39.32 -10.75 -10.53
CA LEU C 288 38.79 -9.41 -10.79
C LEU C 288 39.60 -8.33 -10.08
N LEU C 289 39.92 -8.57 -8.81
CA LEU C 289 40.67 -7.61 -8.01
C LEU C 289 42.08 -7.41 -8.55
N GLU C 290 42.67 -8.46 -9.12
CA GLU C 290 44.02 -8.38 -9.65
C GLU C 290 44.11 -8.01 -11.14
N ASN C 291 43.20 -8.51 -11.96
CA ASN C 291 43.24 -8.22 -13.39
C ASN C 291 42.58 -6.91 -13.81
N ARG C 292 41.84 -6.29 -12.90
CA ARG C 292 41.20 -5.02 -13.21
C ARG C 292 41.81 -3.99 -12.27
N ASP C 293 41.72 -2.72 -12.64
CA ASP C 293 42.28 -1.67 -11.80
C ASP C 293 41.19 -0.82 -11.18
N LEU C 294 40.21 -1.48 -10.57
CA LEU C 294 39.09 -0.81 -9.93
C LEU C 294 39.64 0.19 -8.91
N GLN C 295 38.90 1.27 -8.69
CA GLN C 295 39.34 2.29 -7.75
C GLN C 295 38.64 2.21 -6.39
N ALA C 296 39.34 2.65 -5.35
CA ALA C 296 38.79 2.64 -3.99
C ALA C 296 37.43 3.34 -4.02
N GLY C 297 36.51 2.85 -3.19
CA GLY C 297 35.19 3.46 -3.15
C GLY C 297 34.24 2.87 -4.18
N GLU C 298 34.80 2.22 -5.20
CA GLU C 298 33.96 1.60 -6.22
C GLU C 298 33.32 0.34 -5.67
N THR C 299 32.11 0.04 -6.15
CA THR C 299 31.36 -1.11 -5.67
C THR C 299 31.24 -2.29 -6.63
N ILE C 300 31.41 -3.49 -6.06
CA ILE C 300 31.34 -4.74 -6.78
C ILE C 300 30.04 -5.45 -6.43
N GLY C 301 29.37 -6.01 -7.43
CA GLY C 301 28.13 -6.73 -7.19
C GLY C 301 28.41 -8.22 -7.33
N LEU C 302 28.21 -8.98 -6.26
CA LEU C 302 28.48 -10.42 -6.29
C LEU C 302 27.26 -11.33 -6.24
N PHE C 303 27.25 -12.34 -7.10
CA PHE C 303 26.15 -13.29 -7.09
C PHE C 303 26.69 -14.66 -6.81
N SER C 304 26.19 -15.26 -5.74
CA SER C 304 26.61 -16.59 -5.32
C SER C 304 25.47 -17.57 -5.63
N TYR C 305 25.82 -18.75 -6.14
CA TYR C 305 24.82 -19.75 -6.48
C TYR C 305 25.17 -21.12 -5.95
N GLY C 306 24.14 -21.91 -5.69
CA GLY C 306 24.30 -23.28 -5.22
C GLY C 306 23.10 -24.04 -5.77
N SER C 307 23.35 -25.15 -6.47
CA SER C 307 22.24 -25.93 -7.02
C SER C 307 21.36 -26.43 -5.88
N GLY C 308 20.08 -26.69 -6.18
CA GLY C 308 19.20 -27.17 -5.13
C GLY C 308 17.88 -26.48 -4.85
N SER C 309 17.83 -25.14 -4.83
CA SER C 309 18.97 -24.27 -5.06
C SER C 309 18.88 -23.02 -4.18
N VAL C 310 20.00 -22.32 -4.01
CA VAL C 310 20.03 -21.11 -3.22
C VAL C 310 20.94 -20.11 -3.91
N GLY C 311 20.48 -18.86 -4.00
CA GLY C 311 21.27 -17.82 -4.64
C GLY C 311 21.33 -16.62 -3.72
N GLU C 312 22.29 -15.73 -3.95
CA GLU C 312 22.40 -14.54 -3.10
C GLU C 312 23.18 -13.43 -3.77
N PHE C 313 22.63 -12.22 -3.69
CA PHE C 313 23.29 -11.06 -4.26
C PHE C 313 23.63 -10.11 -3.13
N TYR C 314 24.86 -9.61 -3.16
CA TYR C 314 25.32 -8.64 -2.16
C TYR C 314 26.41 -7.80 -2.81
N SER C 315 26.80 -6.71 -2.16
CA SER C 315 27.84 -5.88 -2.73
C SER C 315 28.99 -5.73 -1.75
N ALA C 316 30.11 -5.27 -2.29
CA ALA C 316 31.33 -5.05 -1.53
C ALA C 316 31.97 -3.78 -2.09
N THR C 317 32.65 -3.04 -1.23
CA THR C 317 33.29 -1.80 -1.66
C THR C 317 34.80 -1.85 -1.50
N LEU C 318 35.51 -1.44 -2.55
CA LEU C 318 36.97 -1.48 -2.53
C LEU C 318 37.57 -0.53 -1.51
N VAL C 319 38.56 -1.04 -0.78
CA VAL C 319 39.24 -0.28 0.25
C VAL C 319 40.48 0.41 -0.33
N GLU C 320 40.68 1.65 0.05
CA GLU C 320 41.84 2.41 -0.42
C GLU C 320 43.12 1.66 -0.11
N GLY C 321 43.94 1.46 -1.13
CA GLY C 321 45.21 0.77 -0.97
C GLY C 321 45.15 -0.75 -1.10
N TYR C 322 43.98 -1.29 -1.41
CA TYR C 322 43.82 -2.73 -1.55
C TYR C 322 44.84 -3.40 -2.47
N LYS C 323 45.20 -2.74 -3.58
CA LYS C 323 46.17 -3.29 -4.53
C LYS C 323 47.43 -3.76 -3.83
N ASP C 324 47.83 -3.05 -2.78
CA ASP C 324 49.03 -3.40 -2.05
C ASP C 324 48.86 -4.63 -1.16
N HIS C 325 47.64 -5.17 -1.13
CA HIS C 325 47.37 -6.33 -0.29
C HIS C 325 46.98 -7.59 -1.06
N LEU C 326 47.12 -7.55 -2.38
CA LEU C 326 46.81 -8.70 -3.20
C LEU C 326 48.14 -9.35 -3.56
N ASP C 327 48.09 -10.55 -4.12
CA ASP C 327 49.31 -11.27 -4.48
C ASP C 327 49.24 -11.72 -5.93
N GLN C 328 49.13 -10.76 -6.84
CA GLN C 328 49.04 -11.06 -8.26
C GLN C 328 50.24 -11.84 -8.79
N ALA C 329 51.44 -11.44 -8.39
CA ALA C 329 52.66 -12.11 -8.84
C ALA C 329 52.62 -13.58 -8.41
N ALA C 330 52.31 -13.81 -7.14
CA ALA C 330 52.22 -15.17 -6.61
C ALA C 330 51.21 -16.00 -7.40
N HIS C 331 50.01 -15.45 -7.54
CA HIS C 331 48.93 -16.13 -8.26
C HIS C 331 49.30 -16.44 -9.70
N LYS C 332 49.77 -15.44 -10.43
CA LYS C 332 50.15 -15.66 -11.82
C LYS C 332 51.17 -16.80 -11.86
N ALA C 333 52.12 -16.76 -10.93
CA ALA C 333 53.15 -17.79 -10.85
C ALA C 333 52.55 -19.16 -10.55
N LEU C 334 51.63 -19.21 -9.59
CA LEU C 334 50.99 -20.47 -9.20
C LEU C 334 50.39 -21.19 -10.41
N LEU C 335 49.64 -20.44 -11.21
CA LEU C 335 49.00 -21.01 -12.39
C LEU C 335 50.03 -21.43 -13.45
N ASN C 336 51.01 -20.57 -13.69
CA ASN C 336 52.04 -20.85 -14.69
C ASN C 336 52.97 -22.00 -14.34
N ASN C 337 53.45 -22.02 -13.11
CA ASN C 337 54.38 -23.06 -12.67
C ASN C 337 53.78 -24.46 -12.60
N ARG C 338 52.54 -24.61 -13.05
CA ARG C 338 51.90 -25.93 -13.04
C ARG C 338 52.44 -26.78 -14.18
N THR C 339 52.27 -28.10 -14.08
CA THR C 339 52.75 -29.00 -15.11
C THR C 339 51.57 -29.64 -15.85
N GLU C 340 51.68 -29.70 -17.17
CA GLU C 340 50.62 -30.30 -17.98
C GLU C 340 50.73 -31.82 -17.97
N VAL C 341 49.60 -32.48 -18.22
CA VAL C 341 49.55 -33.93 -18.25
C VAL C 341 48.59 -34.36 -19.36
N SER C 342 48.87 -35.51 -19.96
CA SER C 342 48.05 -36.03 -21.06
C SER C 342 46.67 -36.38 -20.57
N VAL C 343 45.79 -36.71 -21.50
CA VAL C 343 44.43 -37.09 -21.17
C VAL C 343 44.46 -38.44 -20.46
N ASP C 344 45.33 -39.33 -20.94
CA ASP C 344 45.46 -40.66 -20.33
C ASP C 344 46.08 -40.54 -18.93
N ALA C 345 47.03 -39.62 -18.79
CA ALA C 345 47.68 -39.40 -17.49
C ALA C 345 46.64 -38.85 -16.53
N TYR C 346 45.83 -37.92 -17.04
CA TYR C 346 44.77 -37.32 -16.25
C TYR C 346 43.78 -38.38 -15.81
N GLU C 347 43.46 -39.31 -16.71
CA GLU C 347 42.52 -40.38 -16.40
C GLU C 347 43.08 -41.33 -15.34
N THR C 348 44.39 -41.53 -15.35
CA THR C 348 45.00 -42.41 -14.37
C THR C 348 44.85 -41.72 -13.02
N PHE C 349 45.21 -40.44 -12.98
CA PHE C 349 45.09 -39.63 -11.77
C PHE C 349 43.66 -39.66 -11.25
N PHE C 350 42.73 -39.46 -12.16
CA PHE C 350 41.32 -39.45 -11.81
C PHE C 350 40.90 -40.77 -11.16
N LYS C 351 41.30 -41.87 -11.78
CA LYS C 351 40.97 -43.20 -11.28
C LYS C 351 41.56 -43.46 -9.89
N ARG C 352 42.82 -43.08 -9.70
CA ARG C 352 43.48 -43.27 -8.42
C ARG C 352 42.78 -42.48 -7.32
N PHE C 353 42.42 -41.25 -7.63
CA PHE C 353 41.76 -40.37 -6.67
C PHE C 353 40.45 -40.97 -6.16
N ASP C 354 39.74 -41.66 -7.04
CA ASP C 354 38.48 -42.28 -6.69
C ASP C 354 38.60 -43.21 -5.49
N ASP C 355 39.77 -43.84 -5.36
CA ASP C 355 40.01 -44.78 -4.26
C ASP C 355 41.18 -44.37 -3.38
N VAL C 356 41.60 -43.12 -3.48
CA VAL C 356 42.71 -42.61 -2.69
C VAL C 356 43.90 -43.57 -2.76
N GLU C 357 44.31 -43.88 -3.98
CA GLU C 357 45.43 -44.78 -4.20
C GLU C 357 46.73 -43.99 -4.20
N PHE C 358 47.46 -44.07 -3.09
CA PHE C 358 48.73 -43.36 -2.93
C PHE C 358 49.81 -43.82 -3.91
N ASP C 359 50.73 -42.91 -4.20
CA ASP C 359 51.84 -43.18 -5.11
C ASP C 359 52.73 -41.95 -5.09
N GLU C 360 53.72 -41.95 -4.22
CA GLU C 360 54.64 -40.81 -4.09
C GLU C 360 55.34 -40.48 -5.39
N GLU C 361 55.60 -41.49 -6.22
CA GLU C 361 56.27 -41.26 -7.50
C GLU C 361 55.36 -40.53 -8.49
N GLN C 362 54.20 -41.11 -8.78
CA GLN C 362 53.27 -40.51 -9.73
C GLN C 362 52.75 -39.16 -9.24
N ASP C 363 52.64 -39.00 -7.92
CA ASP C 363 52.17 -37.74 -7.36
C ASP C 363 53.35 -36.80 -7.15
N ALA C 364 54.55 -37.25 -7.52
CA ALA C 364 55.76 -36.46 -7.39
C ALA C 364 55.79 -35.72 -6.05
N VAL C 365 55.54 -36.47 -4.98
CA VAL C 365 55.50 -35.94 -3.62
C VAL C 365 56.75 -35.19 -3.17
N HIS C 366 57.91 -35.53 -3.73
CA HIS C 366 59.16 -34.88 -3.36
C HIS C 366 59.19 -33.39 -3.70
N GLU C 367 58.37 -32.99 -4.67
CA GLU C 367 58.33 -31.58 -5.09
C GLU C 367 57.56 -30.71 -4.10
N ASP C 368 56.68 -31.33 -3.31
CA ASP C 368 55.84 -30.62 -2.36
C ASP C 368 56.40 -30.48 -0.94
N ARG C 369 57.66 -30.06 -0.84
CA ARG C 369 58.28 -29.91 0.47
C ARG C 369 57.82 -28.67 1.23
N HIS C 370 57.40 -27.64 0.50
CA HIS C 370 56.97 -26.40 1.12
C HIS C 370 55.45 -26.26 1.28
N ILE C 371 54.71 -27.34 1.10
CA ILE C 371 53.26 -27.27 1.23
C ILE C 371 52.66 -28.41 2.03
N PHE C 372 51.36 -28.31 2.30
CA PHE C 372 50.63 -29.35 3.02
C PHE C 372 50.14 -30.37 2.00
N TYR C 373 50.10 -31.64 2.38
CA TYR C 373 49.59 -32.66 1.47
C TYR C 373 49.25 -33.97 2.19
N LEU C 374 48.27 -34.69 1.64
CA LEU C 374 47.85 -35.96 2.20
C LEU C 374 48.96 -36.95 1.92
N SER C 375 49.64 -37.39 2.99
CA SER C 375 50.77 -38.31 2.88
C SER C 375 50.43 -39.78 3.10
N ASN C 376 49.31 -40.04 3.76
CA ASN C 376 48.90 -41.42 3.99
C ASN C 376 47.65 -41.50 4.85
N ILE C 377 47.04 -42.67 4.85
CA ILE C 377 45.85 -42.94 5.62
C ILE C 377 46.04 -44.26 6.36
N GLU C 378 46.14 -44.18 7.69
CA GLU C 378 46.31 -45.37 8.49
C GLU C 378 45.18 -45.50 9.50
N ASN C 379 44.52 -46.66 9.49
CA ASN C 379 43.43 -46.91 10.40
C ASN C 379 42.35 -45.85 10.21
N ASN C 380 42.01 -45.61 8.94
CA ASN C 380 40.97 -44.65 8.61
C ASN C 380 41.29 -43.23 9.07
N VAL C 381 42.55 -42.97 9.40
CA VAL C 381 42.94 -41.63 9.83
C VAL C 381 43.90 -41.04 8.82
N ARG C 382 43.56 -39.85 8.32
CA ARG C 382 44.41 -39.18 7.34
C ARG C 382 45.56 -38.44 7.99
N GLU C 383 46.75 -38.62 7.43
CA GLU C 383 47.96 -37.97 7.93
C GLU C 383 48.41 -36.99 6.87
N TYR C 384 48.99 -35.88 7.30
CA TYR C 384 49.46 -34.88 6.36
C TYR C 384 50.90 -34.48 6.63
N HIS C 385 51.58 -34.08 5.56
CA HIS C 385 52.94 -33.59 5.64
C HIS C 385 52.76 -32.09 5.71
N ARG C 386 53.48 -31.44 6.63
CA ARG C 386 53.38 -30.01 6.77
C ARG C 386 54.57 -29.37 6.08
N PRO C 387 54.46 -28.07 5.73
CA PRO C 387 55.56 -27.38 5.06
C PRO C 387 56.84 -27.55 5.88
N GLU C 388 57.90 -27.99 5.21
CA GLU C 388 59.20 -28.19 5.87
C GLU C 388 59.63 -26.91 6.56
N THR D 2 16.66 -8.13 23.53
CA THR D 2 17.37 -9.43 23.68
C THR D 2 17.07 -10.32 22.47
N ILE D 3 17.83 -11.40 22.36
CA ILE D 3 17.67 -12.36 21.26
C ILE D 3 17.85 -13.76 21.81
N GLY D 4 16.98 -14.68 21.43
CA GLY D 4 17.13 -16.03 21.93
C GLY D 4 16.16 -17.04 21.35
N ILE D 5 15.86 -18.07 22.14
CA ILE D 5 14.93 -19.10 21.71
C ILE D 5 13.50 -18.66 22.07
N ASP D 6 12.72 -18.42 21.03
CA ASP D 6 11.33 -17.99 21.16
C ASP D 6 10.40 -19.20 21.17
N LYS D 7 10.70 -20.18 20.31
CA LYS D 7 9.91 -21.41 20.21
C LYS D 7 10.85 -22.61 20.06
N ILE D 8 10.46 -23.74 20.63
CA ILE D 8 11.29 -24.94 20.54
C ILE D 8 10.42 -26.19 20.59
N ASN D 9 10.80 -27.22 19.86
CA ASN D 9 10.02 -28.45 19.81
C ASN D 9 10.86 -29.58 19.24
N PHE D 10 10.48 -30.83 19.53
CA PHE D 10 11.20 -31.97 18.99
C PHE D 10 10.27 -33.01 18.41
N TYR D 11 10.84 -33.95 17.67
CA TYR D 11 10.08 -35.03 17.08
C TYR D 11 10.97 -36.24 17.05
N VAL D 12 10.38 -37.40 17.34
CA VAL D 12 11.11 -38.66 17.33
C VAL D 12 10.16 -39.62 16.60
N PRO D 13 10.68 -40.66 15.94
CA PRO D 13 9.79 -41.59 15.24
C PRO D 13 8.77 -42.25 16.16
N LYS D 14 7.74 -42.84 15.56
CA LYS D 14 6.66 -43.47 16.31
C LYS D 14 6.96 -44.84 16.91
N TYR D 15 8.16 -45.36 16.64
CA TYR D 15 8.54 -46.67 17.15
C TYR D 15 9.72 -46.64 18.11
N TYR D 16 9.72 -47.54 19.09
CA TYR D 16 10.81 -47.65 20.04
C TYR D 16 10.97 -49.09 20.48
N VAL D 17 12.20 -49.47 20.80
CA VAL D 17 12.51 -50.80 21.28
C VAL D 17 12.91 -50.69 22.75
N ASP D 18 12.42 -51.60 23.57
CA ASP D 18 12.73 -51.59 24.99
C ASP D 18 14.16 -52.04 25.26
N MET D 19 14.91 -51.21 25.97
CA MET D 19 16.31 -51.51 26.27
C MET D 19 16.53 -52.77 27.10
N ALA D 20 15.57 -53.11 27.95
CA ALA D 20 15.70 -54.31 28.77
C ALA D 20 15.64 -55.50 27.79
N LYS D 21 14.75 -55.39 26.80
CA LYS D 21 14.58 -56.43 25.79
C LYS D 21 15.84 -56.54 24.95
N LEU D 22 16.48 -55.41 24.67
CA LEU D 22 17.68 -55.40 23.85
C LEU D 22 18.87 -56.04 24.55
N ALA D 23 18.96 -55.81 25.87
CA ALA D 23 20.06 -56.36 26.66
C ALA D 23 20.02 -57.89 26.61
N GLU D 24 18.82 -58.45 26.69
CA GLU D 24 18.65 -59.89 26.65
C GLU D 24 19.15 -60.44 25.32
N ALA D 25 18.56 -59.96 24.23
CA ALA D 25 18.94 -60.40 22.89
C ALA D 25 20.44 -60.21 22.66
N ARG D 26 21.06 -59.37 23.47
CA ARG D 26 22.48 -59.11 23.35
C ARG D 26 23.27 -59.84 24.43
N GLN D 27 22.57 -60.64 25.22
CA GLN D 27 23.19 -61.41 26.30
C GLN D 27 24.02 -60.56 27.26
N VAL D 28 23.38 -59.54 27.82
CA VAL D 28 24.02 -58.66 28.80
C VAL D 28 23.00 -58.24 29.84
N ASP D 29 23.48 -57.88 31.02
CA ASP D 29 22.61 -57.46 32.11
C ASP D 29 21.83 -56.23 31.70
N PRO D 30 20.49 -56.27 31.78
CA PRO D 30 19.65 -55.14 31.40
C PRO D 30 20.09 -53.86 32.12
N ASN D 31 20.47 -54.00 33.38
CA ASN D 31 20.89 -52.86 34.16
C ASN D 31 22.10 -52.17 33.57
N LYS D 32 22.87 -52.92 32.78
CA LYS D 32 24.04 -52.34 32.13
C LYS D 32 23.55 -51.19 31.26
N PHE D 33 22.33 -51.35 30.73
CA PHE D 33 21.72 -50.33 29.89
C PHE D 33 20.89 -49.36 30.71
N LEU D 34 20.00 -49.91 31.53
CA LEU D 34 19.11 -49.10 32.36
C LEU D 34 19.86 -48.21 33.33
N ILE D 35 20.93 -48.75 33.91
CA ILE D 35 21.73 -48.02 34.89
C ILE D 35 23.12 -47.64 34.41
N GLY D 36 23.85 -48.60 33.88
CA GLY D 36 25.21 -48.35 33.42
C GLY D 36 25.30 -47.22 32.41
N ILE D 37 24.44 -47.28 31.40
CA ILE D 37 24.39 -46.28 30.36
C ILE D 37 23.28 -45.26 30.69
N GLY D 38 22.26 -45.73 31.40
CA GLY D 38 21.16 -44.86 31.77
C GLY D 38 20.12 -44.62 30.70
N GLN D 39 19.85 -45.64 29.89
CA GLN D 39 18.87 -45.55 28.80
C GLN D 39 17.78 -46.60 28.97
N THR D 40 16.51 -46.20 28.84
CA THR D 40 15.39 -47.11 29.02
C THR D 40 14.71 -47.56 27.72
N GLU D 41 14.35 -46.62 26.86
CA GLU D 41 13.72 -46.97 25.58
C GLU D 41 14.50 -46.32 24.43
N MET D 42 14.63 -47.06 23.33
CA MET D 42 15.36 -46.57 22.17
C MET D 42 14.43 -46.23 21.01
N ALA D 43 14.65 -45.07 20.40
CA ALA D 43 13.84 -44.66 19.25
C ALA D 43 14.20 -45.58 18.09
N VAL D 44 13.19 -45.98 17.32
CA VAL D 44 13.43 -46.85 16.16
C VAL D 44 12.92 -46.17 14.90
N SER D 45 13.80 -46.07 13.91
CA SER D 45 13.49 -45.41 12.64
C SER D 45 12.81 -46.21 11.54
N PRO D 46 11.62 -45.77 11.12
CA PRO D 46 10.90 -46.45 10.04
C PRO D 46 11.40 -45.74 8.77
N VAL D 47 11.50 -46.47 7.67
CA VAL D 47 12.00 -45.87 6.43
C VAL D 47 11.30 -44.58 6.02
N ASN D 48 10.03 -44.41 6.39
CA ASN D 48 9.31 -43.22 5.97
C ASN D 48 9.62 -41.97 6.80
N GLN D 49 10.70 -42.06 7.58
CA GLN D 49 11.14 -40.92 8.40
C GLN D 49 12.63 -40.73 8.16
N ASP D 50 12.98 -39.72 7.38
CA ASP D 50 14.38 -39.43 7.14
C ASP D 50 14.66 -38.12 7.86
N ILE D 51 15.88 -37.61 7.80
CA ILE D 51 16.18 -36.36 8.49
C ILE D 51 15.30 -35.19 8.04
N VAL D 52 14.86 -35.21 6.79
CA VAL D 52 14.01 -34.12 6.28
C VAL D 52 12.60 -34.15 6.89
N SER D 53 11.96 -35.31 6.86
CA SER D 53 10.61 -35.44 7.42
C SER D 53 10.62 -35.18 8.92
N MET D 54 11.60 -35.75 9.63
CA MET D 54 11.70 -35.53 11.07
C MET D 54 11.90 -34.05 11.33
N GLY D 55 12.74 -33.42 10.52
CA GLY D 55 13.02 -32.01 10.69
C GLY D 55 11.76 -31.18 10.50
N ALA D 56 11.06 -31.44 9.40
CA ALA D 56 9.83 -30.71 9.11
C ALA D 56 8.79 -30.92 10.22
N ASN D 57 8.71 -32.15 10.72
CA ASN D 57 7.75 -32.45 11.78
C ASN D 57 8.04 -31.75 13.09
N ALA D 58 9.33 -31.58 13.39
CA ALA D 58 9.70 -30.91 14.63
C ALA D 58 9.39 -29.42 14.55
N ALA D 59 9.49 -28.86 13.35
CA ALA D 59 9.22 -27.43 13.16
C ALA D 59 7.77 -27.08 12.81
N LYS D 60 7.06 -27.97 12.14
CA LYS D 60 5.69 -27.68 11.73
C LYS D 60 4.76 -27.14 12.81
N ASP D 61 4.87 -27.63 14.03
CA ASP D 61 3.98 -27.17 15.09
C ASP D 61 4.33 -25.84 15.76
N ILE D 62 5.54 -25.33 15.54
CA ILE D 62 5.89 -24.07 16.18
C ILE D 62 6.00 -22.85 15.27
N ILE D 63 5.82 -23.02 13.97
CA ILE D 63 5.89 -21.87 13.07
C ILE D 63 4.52 -21.45 12.55
N THR D 64 4.18 -20.19 12.76
CA THR D 64 2.91 -19.66 12.32
C THR D 64 3.06 -19.09 10.90
N ASP D 65 1.94 -18.68 10.31
CA ASP D 65 1.99 -18.11 8.96
C ASP D 65 2.84 -16.86 8.99
N GLU D 66 2.71 -16.11 10.09
CA GLU D 66 3.49 -14.88 10.27
C GLU D 66 4.96 -15.21 10.22
N ASP D 67 5.38 -16.21 11.00
CA ASP D 67 6.78 -16.62 11.05
C ASP D 67 7.31 -16.99 9.66
N LYS D 68 6.48 -17.70 8.89
CA LYS D 68 6.91 -18.10 7.55
C LYS D 68 7.28 -16.89 6.73
N LYS D 69 6.81 -15.72 7.13
CA LYS D 69 7.11 -14.49 6.42
C LYS D 69 8.30 -13.74 7.00
N LYS D 70 8.62 -14.03 8.26
CA LYS D 70 9.73 -13.37 8.95
C LYS D 70 11.05 -14.15 8.97
N ILE D 71 10.99 -15.45 8.69
CA ILE D 71 12.20 -16.27 8.73
C ILE D 71 13.17 -15.94 7.59
N GLY D 72 14.35 -15.45 7.96
CA GLY D 72 15.36 -15.07 6.98
C GLY D 72 16.40 -16.14 6.64
N MET D 73 16.54 -17.14 7.52
CA MET D 73 17.47 -18.24 7.30
C MET D 73 16.93 -19.54 7.87
N VAL D 74 17.19 -20.64 7.18
CA VAL D 74 16.79 -21.95 7.66
C VAL D 74 18.10 -22.73 7.72
N ILE D 75 18.55 -23.04 8.93
CA ILE D 75 19.81 -23.76 9.09
C ILE D 75 19.57 -25.15 9.64
N VAL D 76 20.09 -26.15 8.95
CA VAL D 76 19.95 -27.53 9.39
C VAL D 76 21.29 -28.08 9.86
N ALA D 77 21.33 -28.55 11.11
CA ALA D 77 22.51 -29.16 11.69
C ALA D 77 22.31 -30.67 11.61
N THR D 78 23.27 -31.37 11.03
CA THR D 78 23.17 -32.81 10.92
C THR D 78 24.51 -33.44 10.54
N GLU D 79 24.65 -34.73 10.84
CA GLU D 79 25.83 -35.49 10.49
C GLU D 79 25.28 -36.77 9.87
N SER D 80 24.00 -36.72 9.51
CA SER D 80 23.29 -37.84 8.90
C SER D 80 22.74 -37.34 7.56
N ALA D 81 23.57 -36.64 6.80
CA ALA D 81 23.15 -36.08 5.51
C ALA D 81 22.69 -37.12 4.50
N VAL D 82 21.68 -36.76 3.70
CA VAL D 82 21.17 -37.64 2.66
C VAL D 82 21.72 -37.22 1.30
N ASP D 83 22.33 -36.03 1.27
CA ASP D 83 22.93 -35.53 0.04
C ASP D 83 24.27 -34.88 0.35
N ALA D 84 25.24 -35.09 -0.53
CA ALA D 84 26.57 -34.54 -0.34
C ALA D 84 26.67 -33.08 -0.81
N ALA D 85 25.66 -32.62 -1.53
CA ALA D 85 25.65 -31.25 -2.03
C ALA D 85 24.45 -30.43 -1.60
N LYS D 86 23.25 -30.93 -1.87
CA LYS D 86 22.02 -30.23 -1.53
C LYS D 86 21.75 -30.22 -0.03
N ALA D 87 21.59 -29.02 0.53
CA ALA D 87 21.30 -28.89 1.95
C ALA D 87 19.88 -29.30 2.25
N ALA D 88 19.72 -30.19 3.22
CA ALA D 88 18.40 -30.67 3.61
C ALA D 88 17.51 -29.50 3.99
N ALA D 89 18.12 -28.36 4.29
CA ALA D 89 17.35 -27.17 4.66
C ALA D 89 16.49 -26.65 3.50
N VAL D 90 16.90 -26.91 2.27
CA VAL D 90 16.12 -26.46 1.11
C VAL D 90 14.77 -27.18 1.10
N GLN D 91 14.79 -28.52 1.20
CA GLN D 91 13.54 -29.29 1.21
C GLN D 91 12.63 -28.85 2.35
N ILE D 92 13.21 -28.71 3.54
CA ILE D 92 12.43 -28.31 4.70
C ILE D 92 11.85 -26.92 4.49
N HIS D 93 12.63 -26.01 3.93
CA HIS D 93 12.14 -24.65 3.69
C HIS D 93 10.93 -24.69 2.76
N ASN D 94 10.98 -25.59 1.78
CA ASN D 94 9.87 -25.75 0.84
C ASN D 94 8.68 -26.41 1.54
N LEU D 95 8.94 -27.52 2.23
CA LEU D 95 7.89 -28.23 2.93
C LEU D 95 7.12 -27.35 3.92
N LEU D 96 7.80 -26.41 4.56
CA LEU D 96 7.16 -25.53 5.54
C LEU D 96 6.56 -24.25 4.97
N GLY D 97 6.71 -24.03 3.66
CA GLY D 97 6.15 -22.85 3.04
C GLY D 97 6.71 -21.50 3.46
N ILE D 98 7.97 -21.49 3.88
CA ILE D 98 8.61 -20.25 4.32
C ILE D 98 8.89 -19.36 3.11
N GLN D 99 8.84 -18.05 3.31
CA GLN D 99 9.09 -17.10 2.22
C GLN D 99 10.44 -17.42 1.57
N PRO D 100 10.53 -17.29 0.24
CA PRO D 100 11.69 -17.55 -0.63
C PRO D 100 13.00 -16.79 -0.43
N PHE D 101 12.94 -15.56 0.05
CA PHE D 101 14.18 -14.78 0.22
C PHE D 101 14.89 -15.11 1.52
N ALA D 102 15.33 -16.36 1.61
CA ALA D 102 16.02 -16.85 2.79
C ALA D 102 17.22 -17.68 2.44
N ARG D 103 18.17 -17.73 3.35
CA ARG D 103 19.36 -18.54 3.17
C ARG D 103 18.99 -19.91 3.70
N CYS D 104 19.41 -20.96 2.99
CA CYS D 104 19.15 -22.33 3.42
C CYS D 104 20.45 -23.10 3.27
N PHE D 105 20.96 -23.64 4.36
CA PHE D 105 22.19 -24.42 4.28
C PHE D 105 22.35 -25.35 5.46
N GLU D 106 23.34 -26.21 5.37
CA GLU D 106 23.63 -27.15 6.44
C GLU D 106 24.91 -26.76 7.18
N MET D 107 24.97 -27.11 8.47
CA MET D 107 26.16 -26.87 9.27
C MET D 107 26.55 -28.25 9.75
N LYS D 108 27.84 -28.57 9.75
CA LYS D 108 28.30 -29.88 10.17
C LYS D 108 29.60 -29.90 10.97
N GLU D 109 29.55 -30.62 12.09
CA GLU D 109 30.67 -30.84 13.01
C GLU D 109 30.14 -31.79 14.08
N ALA D 110 29.89 -33.04 13.68
CA ALA D 110 29.40 -34.05 14.60
C ALA D 110 28.16 -33.58 15.37
N SCY D 111 28.17 -33.80 16.69
CA SCY D 111 27.06 -33.42 17.57
CB SCY D 111 27.17 -34.18 18.90
SG SCY D 111 27.23 -35.98 18.81
CD SCY D 111 28.92 -36.16 18.31
OCD SCY D 111 29.80 -35.64 18.98
CE SCY D 111 29.26 -36.98 17.08
C SCY D 111 27.01 -31.93 17.94
O SCY D 111 26.11 -31.49 18.63
N CYS D 111 28.16 -33.80 16.70
CA CYS D 111 27.00 -33.39 17.49
C CYS D 111 27.05 -31.95 17.98
N TYR D 112 27.99 -31.18 17.45
CA TYR D 112 28.13 -29.76 17.78
C TYR D 112 27.34 -28.75 16.93
N ALA D 113 27.18 -29.05 15.64
CA ALA D 113 26.53 -28.14 14.69
C ALA D 113 25.31 -27.28 15.03
N ALA D 114 24.41 -27.74 15.90
CA ALA D 114 23.24 -26.91 16.21
C ALA D 114 23.60 -25.64 16.97
N THR D 115 24.70 -25.71 17.71
CA THR D 115 25.14 -24.57 18.52
C THR D 115 25.59 -23.36 17.72
N PRO D 116 26.57 -23.53 16.82
CA PRO D 116 26.96 -22.33 16.07
C PRO D 116 25.77 -21.88 15.23
N ALA D 117 24.87 -22.83 14.93
CA ALA D 117 23.69 -22.50 14.14
C ALA D 117 22.80 -21.49 14.88
N ILE D 118 22.53 -21.72 16.16
CA ILE D 118 21.70 -20.76 16.89
C ILE D 118 22.50 -19.53 17.33
N GLN D 119 23.77 -19.72 17.66
CA GLN D 119 24.61 -18.59 18.08
C GLN D 119 24.81 -17.58 16.94
N LEU D 120 25.09 -18.09 15.74
CA LEU D 120 25.27 -17.21 14.59
C LEU D 120 23.93 -16.69 14.10
N ALA D 121 22.87 -17.45 14.37
CA ALA D 121 21.53 -17.02 13.99
C ALA D 121 21.28 -15.74 14.77
N LYS D 122 21.69 -15.76 16.04
CA LYS D 122 21.54 -14.60 16.91
C LYS D 122 22.36 -13.41 16.38
N ASP D 123 23.61 -13.67 15.96
CA ASP D 123 24.46 -12.60 15.43
C ASP D 123 23.83 -11.98 14.19
N TYR D 124 23.25 -12.83 13.35
CA TYR D 124 22.59 -12.42 12.13
C TYR D 124 21.41 -11.49 12.44
N LEU D 125 20.67 -11.81 13.49
CA LEU D 125 19.51 -11.01 13.86
C LEU D 125 19.84 -9.71 14.57
N ALA D 126 21.09 -9.57 15.02
CA ALA D 126 21.51 -8.36 15.73
C ALA D 126 21.10 -7.08 15.00
N THR D 127 21.15 -7.08 13.67
CA THR D 127 20.79 -5.89 12.91
C THR D 127 19.51 -6.09 12.10
N ARG D 128 18.72 -7.10 12.47
CA ARG D 128 17.47 -7.39 11.78
C ARG D 128 16.37 -7.69 12.80
N PRO D 129 15.85 -6.64 13.45
CA PRO D 129 14.81 -6.74 14.46
C PRO D 129 13.50 -7.41 14.07
N ASN D 130 13.13 -7.35 12.79
CA ASN D 130 11.87 -7.97 12.37
C ASN D 130 11.99 -9.34 11.71
N GLU D 131 13.17 -9.93 11.74
CA GLU D 131 13.37 -11.24 11.13
C GLU D 131 13.51 -12.32 12.19
N LYS D 132 13.40 -13.57 11.77
CA LYS D 132 13.56 -14.70 12.66
C LYS D 132 14.42 -15.73 11.94
N VAL D 133 14.95 -16.70 12.68
CA VAL D 133 15.76 -17.74 12.08
C VAL D 133 15.29 -19.11 12.54
N LEU D 134 15.20 -20.04 11.60
CA LEU D 134 14.78 -21.40 11.94
C LEU D 134 15.99 -22.32 11.94
N VAL D 135 16.28 -22.91 13.09
CA VAL D 135 17.40 -23.84 13.22
C VAL D 135 16.82 -25.22 13.49
N ILE D 136 17.27 -26.21 12.72
CA ILE D 136 16.79 -27.56 12.87
C ILE D 136 17.93 -28.54 13.03
N ALA D 137 17.91 -29.29 14.14
CA ALA D 137 18.91 -30.31 14.39
C ALA D 137 18.16 -31.59 14.01
N THR D 138 18.74 -32.40 13.13
CA THR D 138 18.06 -33.62 12.73
C THR D 138 19.11 -34.68 12.46
N ASP D 139 18.92 -35.86 13.05
CA ASP D 139 19.90 -36.93 12.90
C ASP D 139 19.35 -38.32 13.19
N THR D 140 20.12 -39.30 12.76
CA THR D 140 19.83 -40.70 13.01
C THR D 140 21.16 -41.27 13.48
N ALA D 141 21.26 -41.56 14.78
CA ALA D 141 22.49 -42.12 15.32
C ALA D 141 22.44 -43.63 15.13
N ARG D 142 23.21 -44.13 14.17
CA ARG D 142 23.24 -45.55 13.83
C ARG D 142 24.67 -46.08 13.88
N TYR D 143 24.88 -47.07 14.75
CA TYR D 143 26.20 -47.65 14.92
C TYR D 143 26.29 -49.05 14.31
N GLY D 144 25.14 -49.67 14.07
CA GLY D 144 25.13 -51.00 13.48
C GLY D 144 24.89 -52.11 14.49
N LEU D 145 23.94 -53.00 14.17
CA LEU D 145 23.59 -54.11 15.03
C LEU D 145 24.83 -54.82 15.61
N ASN D 146 24.79 -55.07 16.91
CA ASN D 146 25.87 -55.75 17.63
C ASN D 146 27.18 -54.99 17.67
N SER D 147 27.10 -53.67 17.51
CA SER D 147 28.28 -52.80 17.56
C SER D 147 28.45 -52.27 18.97
N GLY D 148 29.64 -51.72 19.25
CA GLY D 148 29.88 -51.15 20.56
C GLY D 148 28.91 -50.04 20.89
N GLY D 149 28.70 -49.11 19.95
CA GLY D 149 27.80 -47.99 20.20
C GLY D 149 26.31 -48.26 20.06
N GLU D 150 25.95 -49.42 19.53
CA GLU D 150 24.53 -49.77 19.33
C GLU D 150 23.54 -49.38 20.41
N PRO D 151 23.89 -49.58 21.70
CA PRO D 151 22.98 -49.23 22.80
C PRO D 151 22.62 -47.75 22.91
N THR D 152 23.50 -46.89 22.40
CA THR D 152 23.27 -45.46 22.47
C THR D 152 22.50 -44.89 21.28
N GLN D 153 22.11 -45.76 20.35
CA GLN D 153 21.39 -45.33 19.15
C GLN D 153 20.08 -44.59 19.42
N GLY D 154 19.65 -43.79 18.46
CA GLY D 154 18.41 -43.04 18.57
C GLY D 154 18.19 -42.24 17.29
N ALA D 155 17.06 -41.56 17.19
CA ALA D 155 16.78 -40.74 16.01
C ALA D 155 15.70 -39.73 16.33
N GLY D 156 15.79 -38.55 15.72
CA GLY D 156 14.81 -37.52 15.96
C GLY D 156 15.32 -36.16 15.53
N ALA D 157 14.55 -35.12 15.82
CA ALA D 157 14.94 -33.77 15.45
C ALA D 157 14.44 -32.76 16.45
N VAL D 158 15.12 -31.61 16.49
CA VAL D 158 14.72 -30.53 17.37
C VAL D 158 14.69 -29.26 16.55
N ALA D 159 13.61 -28.50 16.68
CA ALA D 159 13.43 -27.26 15.94
C ALA D 159 13.41 -26.08 16.90
N MET D 160 14.09 -25.01 16.53
CA MET D 160 14.16 -23.81 17.35
C MET D 160 13.97 -22.57 16.51
N VAL D 161 13.13 -21.67 17.00
CA VAL D 161 12.89 -20.41 16.31
C VAL D 161 13.66 -19.37 17.12
N ILE D 162 14.65 -18.74 16.48
CA ILE D 162 15.46 -17.71 17.13
C ILE D 162 14.87 -16.35 16.74
N ALA D 163 14.74 -15.46 17.71
CA ALA D 163 14.16 -14.16 17.43
C ALA D 163 14.42 -13.15 18.53
N HIS D 164 14.08 -11.89 18.26
CA HIS D 164 14.22 -10.83 19.25
C HIS D 164 13.10 -10.97 20.28
N ASN D 165 13.33 -10.51 21.50
CA ASN D 165 12.34 -10.60 22.56
C ASN D 165 11.79 -12.03 22.60
N PRO D 166 12.68 -13.02 22.71
CA PRO D 166 12.27 -14.42 22.76
C PRO D 166 11.35 -14.71 23.93
N SER D 167 10.44 -15.66 23.75
CA SER D 167 9.48 -16.02 24.79
C SER D 167 10.00 -17.04 25.80
N ILE D 168 11.07 -17.74 25.44
CA ILE D 168 11.59 -18.78 26.32
C ILE D 168 12.97 -18.52 26.95
N LEU D 169 14.00 -18.39 26.12
CA LEU D 169 15.35 -18.16 26.61
C LEU D 169 16.08 -17.04 25.89
N ALA D 170 16.72 -16.16 26.66
CA ALA D 170 17.50 -15.07 26.09
C ALA D 170 18.95 -15.54 26.09
N LEU D 171 19.58 -15.56 24.93
CA LEU D 171 20.98 -16.01 24.84
C LEU D 171 21.93 -14.89 25.23
N ASN D 172 22.81 -15.16 26.19
CA ASN D 172 23.79 -14.17 26.62
C ASN D 172 24.95 -14.15 25.62
N GLU D 173 25.85 -13.20 25.77
CA GLU D 173 26.99 -13.11 24.85
C GLU D 173 28.28 -13.56 25.51
N ASP D 174 28.26 -14.74 26.12
CA ASP D 174 29.43 -15.24 26.81
C ASP D 174 29.92 -16.59 26.30
N ALA D 175 29.55 -16.93 25.07
CA ALA D 175 29.95 -18.21 24.50
C ALA D 175 31.45 -18.32 24.25
N VAL D 176 32.01 -19.48 24.57
CA VAL D 176 33.42 -19.75 24.33
C VAL D 176 33.54 -21.20 23.88
N ALA D 177 34.14 -21.40 22.71
CA ALA D 177 34.33 -22.75 22.16
C ALA D 177 35.76 -23.23 22.34
N TYR D 178 35.94 -24.55 22.22
CA TYR D 178 37.24 -25.17 22.37
C TYR D 178 37.40 -26.30 21.34
N THR D 179 38.37 -26.15 20.43
CA THR D 179 38.61 -27.15 19.41
C THR D 179 39.93 -27.87 19.67
N GLU D 180 39.92 -29.19 19.45
CA GLU D 180 41.10 -30.03 19.64
C GLU D 180 40.98 -31.20 18.67
N ASP D 181 41.97 -31.36 17.81
CA ASP D 181 41.95 -32.43 16.83
C ASP D 181 42.17 -33.79 17.49
N VAL D 182 41.12 -34.61 17.53
CA VAL D 182 41.19 -35.93 18.13
C VAL D 182 40.29 -36.88 17.35
N TYR D 183 40.61 -38.18 17.38
CA TYR D 183 39.81 -39.16 16.65
C TYR D 183 39.08 -40.11 17.60
N ASP D 184 38.17 -39.54 18.37
CA ASP D 184 37.37 -40.27 19.34
C ASP D 184 36.18 -40.87 18.62
N PHE D 185 35.72 -40.16 17.59
CA PHE D 185 34.57 -40.58 16.79
C PHE D 185 34.59 -39.86 15.45
N TRP D 186 34.30 -40.58 14.38
CA TRP D 186 34.28 -40.00 13.03
C TRP D 186 33.70 -41.00 12.05
N ARG D 187 33.20 -40.50 10.91
CA ARG D 187 32.61 -41.36 9.89
C ARG D 187 33.08 -41.01 8.48
N PRO D 188 34.20 -41.59 8.04
CA PRO D 188 34.75 -41.35 6.70
C PRO D 188 33.72 -41.62 5.61
N THR D 189 33.78 -40.81 4.55
CA THR D 189 32.86 -40.96 3.43
C THR D 189 32.85 -42.41 2.97
N GLY D 190 31.66 -42.98 2.87
CA GLY D 190 31.55 -44.37 2.43
C GLY D 190 31.05 -45.27 3.55
N HIS D 191 31.49 -44.99 4.78
CA HIS D 191 31.09 -45.77 5.93
C HIS D 191 29.66 -45.45 6.33
N LYS D 192 28.84 -46.48 6.48
CA LYS D 192 27.45 -46.28 6.87
C LYS D 192 27.38 -46.02 8.36
N TYR D 193 28.34 -46.57 9.09
CA TYR D 193 28.39 -46.42 10.54
C TYR D 193 29.68 -45.75 10.97
N PRO D 194 29.64 -45.01 12.10
CA PRO D 194 30.80 -44.30 12.65
C PRO D 194 31.90 -45.24 13.13
N LEU D 195 33.11 -44.70 13.23
CA LEU D 195 34.25 -45.43 13.75
C LEU D 195 34.38 -44.79 15.12
N VAL D 196 34.58 -45.58 16.16
CA VAL D 196 34.68 -45.01 17.49
C VAL D 196 35.56 -45.77 18.47
N ASP D 197 36.27 -45.00 19.29
CA ASP D 197 37.13 -45.54 20.32
C ASP D 197 36.37 -45.21 21.62
N GLY D 198 35.49 -46.12 22.00
CA GLY D 198 34.66 -45.96 23.19
C GLY D 198 35.25 -45.19 24.35
N ALA D 199 36.37 -45.69 24.88
CA ALA D 199 37.04 -45.07 26.01
C ALA D 199 37.53 -43.66 25.70
N LEU D 200 38.19 -43.51 24.55
CA LEU D 200 38.71 -42.22 24.14
C LEU D 200 37.60 -41.18 23.99
N SER D 201 36.44 -41.61 23.50
CA SER D 201 35.33 -40.67 23.33
C SER D 201 34.87 -40.16 24.70
N LYS D 202 34.85 -41.03 25.70
CA LYS D 202 34.43 -40.63 27.03
C LYS D 202 35.42 -39.61 27.57
N ASP D 203 36.71 -39.84 27.36
CA ASP D 203 37.73 -38.90 27.84
C ASP D 203 37.74 -37.60 27.06
N ALA D 204 37.53 -37.67 25.75
CA ALA D 204 37.53 -36.48 24.91
C ALA D 204 36.38 -35.55 25.27
N TYR D 205 35.23 -36.14 25.55
CA TYR D 205 34.02 -35.40 25.92
C TYR D 205 34.28 -34.61 27.20
N ILE D 206 34.79 -35.30 28.22
CA ILE D 206 35.06 -34.67 29.50
C ILE D 206 36.15 -33.60 29.40
N ARG D 207 37.19 -33.86 28.62
CA ARG D 207 38.25 -32.89 28.48
C ARG D 207 37.73 -31.61 27.81
N SER D 208 36.93 -31.77 26.75
CA SER D 208 36.37 -30.63 26.05
C SER D 208 35.51 -29.79 26.99
N PHE D 209 34.72 -30.47 27.80
CA PHE D 209 33.85 -29.78 28.74
C PHE D 209 34.69 -29.01 29.78
N GLN D 210 35.69 -29.67 30.36
CA GLN D 210 36.53 -29.04 31.37
C GLN D 210 37.30 -27.83 30.83
N GLN D 211 37.86 -27.98 29.62
CA GLN D 211 38.61 -26.90 29.00
C GLN D 211 37.69 -25.72 28.68
N SER D 212 36.50 -26.03 28.17
CA SER D 212 35.56 -25.00 27.79
C SER D 212 35.04 -24.29 29.03
N TRP D 213 34.62 -25.09 30.00
CA TRP D 213 34.11 -24.53 31.24
C TRP D 213 35.16 -23.66 31.92
N ASN D 214 36.38 -24.16 32.04
CA ASN D 214 37.42 -23.38 32.71
C ASN D 214 37.67 -22.01 32.09
N GLU D 215 37.81 -21.97 30.77
CA GLU D 215 38.06 -20.71 30.08
C GLU D 215 36.84 -19.79 30.22
N TYR D 216 35.65 -20.39 30.17
CA TYR D 216 34.42 -19.61 30.32
C TYR D 216 34.42 -18.96 31.70
N ALA D 217 34.58 -19.80 32.73
CA ALA D 217 34.59 -19.32 34.12
C ALA D 217 35.61 -18.20 34.25
N LYS D 218 36.81 -18.45 33.72
CA LYS D 218 37.89 -17.50 33.76
C LYS D 218 37.53 -16.18 33.08
N ARG D 219 36.97 -16.26 31.87
CA ARG D 219 36.61 -15.07 31.11
C ARG D 219 35.46 -14.28 31.70
N GLN D 220 34.46 -15.00 32.20
CA GLN D 220 33.29 -14.35 32.77
C GLN D 220 33.42 -14.12 34.26
N GLY D 221 34.44 -14.70 34.88
CA GLY D 221 34.62 -14.53 36.31
C GLY D 221 33.41 -15.13 37.01
N LYS D 222 32.93 -16.27 36.49
CA LYS D 222 31.77 -16.95 37.04
C LYS D 222 32.13 -18.28 37.70
N SER D 223 31.16 -18.86 38.39
CA SER D 223 31.35 -20.15 39.06
C SER D 223 30.06 -20.95 38.95
N LEU D 224 30.12 -22.25 39.25
CA LEU D 224 28.93 -23.09 39.16
C LEU D 224 27.77 -22.55 39.99
N ALA D 225 28.08 -21.90 41.10
CA ALA D 225 27.07 -21.34 41.98
C ALA D 225 26.15 -20.35 41.28
N ASP D 226 26.61 -19.77 40.18
CA ASP D 226 25.81 -18.80 39.45
C ASP D 226 24.76 -19.45 38.55
N PHE D 227 24.79 -20.77 38.46
CA PHE D 227 23.87 -21.49 37.60
C PHE D 227 22.75 -22.22 38.30
N ALA D 228 21.54 -22.03 37.78
CA ALA D 228 20.34 -22.68 38.32
C ALA D 228 20.39 -24.13 37.88
N SER D 229 21.04 -24.38 36.75
CA SER D 229 21.16 -25.73 36.23
C SER D 229 22.09 -25.75 35.03
N LEU D 230 22.70 -26.90 34.77
CA LEU D 230 23.55 -27.05 33.59
C LEU D 230 22.84 -28.04 32.69
N CYS D 231 23.04 -27.90 31.38
CA CYS D 231 22.42 -28.76 30.39
C CYS D 231 23.55 -29.21 29.43
N PHE D 232 23.68 -30.51 29.21
CA PHE D 232 24.76 -31.06 28.38
C PHE D 232 24.30 -31.81 27.14
N HIS D 233 25.26 -32.07 26.24
CA HIS D 233 25.00 -32.86 25.04
C HIS D 233 24.80 -34.27 25.59
N VAL D 234 23.75 -34.96 25.15
CA VAL D 234 23.49 -36.28 25.69
C VAL D 234 23.59 -37.51 24.78
N PRO D 235 24.76 -38.18 24.75
CA PRO D 235 24.96 -39.37 23.92
C PRO D 235 24.23 -40.52 24.63
N PHE D 236 24.21 -40.42 25.95
CA PHE D 236 23.53 -41.32 26.89
C PHE D 236 23.56 -40.61 28.24
N THR D 237 22.47 -40.70 29.01
CA THR D 237 22.37 -39.99 30.29
C THR D 237 23.52 -40.03 31.29
N LYS D 238 24.23 -41.15 31.38
CA LYS D 238 25.35 -41.23 32.33
C LYS D 238 26.55 -40.39 31.88
N MET D 239 26.72 -40.24 30.57
CA MET D 239 27.85 -39.47 30.05
C MET D 239 27.84 -38.05 30.60
N GLY D 240 26.67 -37.41 30.58
CA GLY D 240 26.56 -36.06 31.09
C GLY D 240 26.78 -36.05 32.59
N LYS D 241 26.31 -37.10 33.26
CA LYS D 241 26.45 -37.24 34.70
C LYS D 241 27.93 -37.22 35.10
N LYS D 242 28.71 -38.08 34.45
CA LYS D 242 30.14 -38.18 34.71
C LYS D 242 30.86 -36.87 34.48
N ALA D 243 30.51 -36.17 33.39
CA ALA D 243 31.14 -34.90 33.09
C ALA D 243 30.82 -33.88 34.17
N LEU D 244 29.55 -33.85 34.58
CA LEU D 244 29.11 -32.92 35.63
C LEU D 244 29.88 -33.20 36.91
N GLU D 245 29.87 -34.46 37.33
CA GLU D 245 30.54 -34.87 38.55
C GLU D 245 32.02 -34.51 38.56
N SER D 246 32.67 -34.54 37.40
CA SER D 246 34.09 -34.23 37.34
C SER D 246 34.43 -32.75 37.57
N ILE D 247 33.41 -31.89 37.66
CA ILE D 247 33.64 -30.47 37.86
C ILE D 247 33.01 -29.89 39.13
N ILE D 248 31.88 -30.44 39.53
CA ILE D 248 31.17 -29.93 40.71
C ILE D 248 31.82 -30.16 42.07
N ASP D 249 32.81 -31.04 42.14
CA ASP D 249 33.48 -31.34 43.40
C ASP D 249 33.92 -30.07 44.14
N ASN D 250 34.38 -29.07 43.39
CA ASN D 250 34.84 -27.83 43.98
C ASN D 250 33.70 -26.93 44.49
N ALA D 251 32.51 -27.13 43.93
CA ALA D 251 31.35 -26.33 44.33
C ALA D 251 30.89 -26.67 45.74
N ASP D 252 30.06 -25.81 46.32
CA ASP D 252 29.55 -26.07 47.66
C ASP D 252 28.35 -27.00 47.60
N GLU D 253 28.01 -27.58 48.74
CA GLU D 253 26.90 -28.53 48.84
C GLU D 253 25.57 -28.08 48.26
N THR D 254 25.23 -26.81 48.47
CA THR D 254 23.98 -26.27 47.96
C THR D 254 23.96 -26.27 46.43
N THR D 255 25.08 -25.88 45.83
CA THR D 255 25.19 -25.84 44.38
C THR D 255 25.22 -27.26 43.82
N GLN D 256 25.93 -28.13 44.51
CA GLN D 256 26.03 -29.52 44.09
C GLN D 256 24.66 -30.19 44.04
N GLU D 257 23.87 -30.00 45.10
CA GLU D 257 22.54 -30.59 45.15
C GLU D 257 21.66 -30.06 44.03
N ARG D 258 21.67 -28.75 43.85
CA ARG D 258 20.85 -28.12 42.80
C ARG D 258 21.19 -28.56 41.38
N LEU D 259 22.47 -28.56 41.03
CA LEU D 259 22.89 -28.93 39.68
C LEU D 259 22.67 -30.40 39.39
N ARG D 260 22.85 -31.25 40.40
CA ARG D 260 22.64 -32.67 40.23
C ARG D 260 21.17 -32.96 40.00
N SER D 261 20.31 -32.19 40.67
CA SER D 261 18.87 -32.36 40.51
C SER D 261 18.43 -31.85 39.15
N GLY D 262 18.97 -30.70 38.77
CA GLY D 262 18.62 -30.13 37.48
C GLY D 262 18.98 -31.07 36.35
N TYR D 263 20.14 -31.71 36.46
CA TYR D 263 20.60 -32.64 35.45
C TYR D 263 19.59 -33.76 35.22
N GLU D 264 19.04 -34.29 36.31
CA GLU D 264 18.05 -35.36 36.19
C GLU D 264 16.82 -34.89 35.44
N ASP D 265 16.40 -33.64 35.65
CA ASP D 265 15.25 -33.14 34.93
C ASP D 265 15.63 -32.94 33.46
N ALA D 266 16.89 -32.58 33.22
CA ALA D 266 17.36 -32.34 31.86
C ALA D 266 17.47 -33.60 31.00
N VAL D 267 17.74 -34.75 31.62
CA VAL D 267 17.89 -35.98 30.87
C VAL D 267 16.69 -36.93 30.92
N ASP D 268 15.57 -36.43 31.44
CA ASP D 268 14.35 -37.24 31.54
C ASP D 268 13.83 -37.77 30.19
N TYR D 269 13.70 -36.87 29.21
CA TYR D 269 13.20 -37.29 27.91
C TYR D 269 14.22 -38.13 27.15
N ASN D 270 15.49 -37.72 27.21
CA ASN D 270 16.55 -38.42 26.52
C ASN D 270 16.65 -39.91 26.86
N ARG D 271 16.28 -40.24 28.09
N ARG D 271 16.29 -40.24 28.10
CA ARG D 271 16.33 -41.62 28.57
CA ARG D 271 16.34 -41.63 28.57
C ARG D 271 15.45 -42.54 27.72
C ARG D 271 15.45 -42.54 27.72
N TYR D 272 14.35 -41.99 27.22
CA TYR D 272 13.41 -42.75 26.40
C TYR D 272 13.53 -42.54 24.90
N VAL D 273 14.67 -42.00 24.45
CA VAL D 273 14.86 -41.75 23.03
C VAL D 273 16.22 -42.21 22.55
N GLY D 274 17.26 -41.77 23.23
CA GLY D 274 18.61 -42.15 22.84
C GLY D 274 19.33 -40.98 22.23
N ASN D 275 20.55 -41.21 21.75
CA ASN D 275 21.33 -40.14 21.15
C ASN D 275 20.74 -39.73 19.80
N ILE D 276 20.46 -38.44 19.62
CA ILE D 276 19.97 -37.94 18.34
C ILE D 276 20.99 -36.91 17.82
N TYR D 277 22.24 -37.14 18.23
CA TYR D 277 23.37 -36.31 17.83
C TYR D 277 23.26 -34.80 18.05
N THR D 278 23.17 -34.05 16.95
CA THR D 278 23.07 -32.60 17.04
C THR D 278 21.92 -32.12 17.89
N GLY D 279 20.84 -32.91 17.98
CA GLY D 279 19.70 -32.50 18.78
C GLY D 279 19.69 -32.89 20.26
N SER D 280 20.55 -33.82 20.65
CA SER D 280 20.57 -34.28 22.03
C SER D 280 20.61 -33.18 23.09
N LEU D 281 21.54 -32.23 22.96
CA LEU D 281 21.64 -31.14 23.94
C LEU D 281 20.34 -30.36 24.00
N TYR D 282 19.78 -30.09 22.83
CA TYR D 282 18.57 -29.31 22.77
C TYR D 282 17.30 -30.05 23.14
N LEU D 283 17.33 -31.38 23.05
CA LEU D 283 16.19 -32.18 23.47
C LEU D 283 16.28 -32.13 25.00
N SER D 284 17.51 -32.19 25.50
CA SER D 284 17.74 -32.13 26.93
C SER D 284 17.28 -30.78 27.48
N LEU D 285 17.48 -29.72 26.69
CA LEU D 285 17.04 -28.39 27.10
C LEU D 285 15.53 -28.40 27.27
N ILE D 286 14.82 -28.98 26.30
CA ILE D 286 13.36 -29.06 26.39
C ILE D 286 12.97 -29.84 27.65
N SER D 287 13.66 -30.95 27.90
CA SER D 287 13.38 -31.79 29.07
C SER D 287 13.55 -30.99 30.35
N LEU D 288 14.63 -30.22 30.43
CA LEU D 288 14.92 -29.39 31.59
C LEU D 288 13.85 -28.33 31.83
N LEU D 289 13.49 -27.62 30.77
CA LEU D 289 12.49 -26.56 30.85
C LEU D 289 11.08 -27.03 31.23
N GLU D 290 10.70 -28.22 30.78
CA GLU D 290 9.37 -28.72 31.07
C GLU D 290 9.28 -29.55 32.36
N ASN D 291 10.30 -30.35 32.62
CA ASN D 291 10.29 -31.18 33.83
C ASN D 291 10.68 -30.44 35.10
N ARG D 292 11.47 -29.39 34.95
CA ARG D 292 11.87 -28.61 36.13
C ARG D 292 11.02 -27.35 36.14
N ASP D 293 10.87 -26.76 37.33
CA ASP D 293 10.06 -25.55 37.45
C ASP D 293 10.92 -24.33 37.75
N LEU D 294 12.02 -24.18 37.01
CA LEU D 294 12.92 -23.06 37.18
C LEU D 294 12.17 -21.74 37.06
N GLN D 295 12.58 -20.75 37.84
CA GLN D 295 11.95 -19.44 37.79
C GLN D 295 12.51 -18.64 36.63
N ALA D 296 11.68 -17.75 36.09
CA ALA D 296 12.12 -16.86 35.03
C ALA D 296 13.26 -16.05 35.65
N GLY D 297 14.20 -15.60 34.82
CA GLY D 297 15.31 -14.81 35.34
C GLY D 297 16.51 -15.62 35.80
N GLU D 298 16.34 -16.92 35.98
CA GLU D 298 17.44 -17.78 36.42
C GLU D 298 18.31 -18.11 35.22
N THR D 299 19.58 -18.44 35.47
CA THR D 299 20.51 -18.74 34.39
C THR D 299 20.82 -20.22 34.21
N ILE D 300 20.79 -20.67 32.96
CA ILE D 300 21.09 -22.06 32.60
C ILE D 300 22.43 -22.09 31.86
N GLY D 301 23.28 -23.05 32.22
CA GLY D 301 24.57 -23.18 31.56
C GLY D 301 24.53 -24.40 30.64
N LEU D 302 24.90 -24.22 29.36
CA LEU D 302 24.87 -25.33 28.43
C LEU D 302 26.22 -25.70 27.82
N PHE D 303 26.49 -27.00 27.72
CA PHE D 303 27.73 -27.46 27.10
C PHE D 303 27.38 -28.29 25.87
N SER D 304 27.87 -27.84 24.72
CA SER D 304 27.64 -28.53 23.47
C SER D 304 28.93 -29.23 23.09
N TYR D 305 28.82 -30.48 22.65
CA TYR D 305 29.99 -31.24 22.26
C TYR D 305 29.83 -31.91 20.89
N GLY D 306 30.96 -32.06 20.20
CA GLY D 306 31.00 -32.71 18.91
C GLY D 306 32.35 -33.40 18.82
N SER D 307 32.35 -34.71 18.58
CA SER D 307 33.60 -35.47 18.47
C SER D 307 34.49 -34.86 17.39
N GLY D 308 35.80 -35.09 17.47
CA GLY D 308 36.68 -34.53 16.46
C GLY D 308 37.80 -33.59 16.85
N SER D 309 37.59 -32.66 17.78
CA SER D 309 36.34 -32.43 18.49
C SER D 309 36.20 -30.93 18.73
N VAL D 310 34.98 -30.49 19.02
CA VAL D 310 34.72 -29.09 19.30
C VAL D 310 33.72 -29.03 20.45
N GLY D 311 34.01 -28.19 21.44
CA GLY D 311 33.11 -28.06 22.57
C GLY D 311 32.80 -26.59 22.73
N GLU D 312 31.69 -26.28 23.38
CA GLU D 312 31.34 -24.89 23.61
C GLU D 312 30.46 -24.77 24.84
N PHE D 313 30.72 -23.74 25.64
CA PHE D 313 29.93 -23.48 26.83
C PHE D 313 29.42 -22.06 26.75
N TYR D 314 28.13 -21.90 26.99
CA TYR D 314 27.49 -20.59 26.98
C TYR D 314 26.31 -20.64 27.96
N SER D 315 25.72 -19.49 28.24
CA SER D 315 24.59 -19.49 29.16
C SER D 315 23.41 -18.77 28.53
N ALA D 316 22.25 -18.88 29.19
CA ALA D 316 21.04 -18.28 28.71
C ALA D 316 20.14 -18.06 29.92
N THR D 317 19.24 -17.08 29.84
CA THR D 317 18.36 -16.79 30.96
C THR D 317 16.89 -16.98 30.59
N LEU D 318 16.12 -17.53 31.53
CA LEU D 318 14.69 -17.76 31.28
C LEU D 318 13.92 -16.44 31.30
N VAL D 319 12.94 -16.35 30.40
CA VAL D 319 12.10 -15.18 30.25
C VAL D 319 10.78 -15.36 30.99
N GLU D 320 10.23 -14.26 31.49
CA GLU D 320 8.97 -14.32 32.23
C GLU D 320 7.84 -14.96 31.45
N GLY D 321 7.23 -15.99 32.03
CA GLY D 321 6.12 -16.66 31.39
C GLY D 321 6.49 -17.69 30.34
N TYR D 322 7.75 -18.12 30.34
CA TYR D 322 8.21 -19.10 29.36
C TYR D 322 7.39 -20.40 29.43
N LYS D 323 6.91 -20.74 30.61
CA LYS D 323 6.12 -21.97 30.78
C LYS D 323 4.90 -21.93 29.87
N ASP D 324 4.39 -20.74 29.58
CA ASP D 324 3.23 -20.64 28.70
C ASP D 324 3.59 -20.92 27.24
N HIS D 325 4.88 -21.01 26.94
CA HIS D 325 5.28 -21.28 25.56
C HIS D 325 5.93 -22.63 25.34
N LEU D 326 5.73 -23.54 26.28
CA LEU D 326 6.26 -24.89 26.17
C LEU D 326 5.07 -25.79 25.86
N ASP D 327 5.34 -27.02 25.45
CA ASP D 327 4.26 -27.97 25.13
C ASP D 327 4.54 -29.31 25.78
N GLN D 328 4.63 -29.30 27.11
CA GLN D 328 4.90 -30.51 27.88
C GLN D 328 3.88 -31.62 27.66
N ALA D 329 2.60 -31.25 27.64
CA ALA D 329 1.54 -32.22 27.43
C ALA D 329 1.73 -32.96 26.12
N ALA D 330 1.92 -32.21 25.04
CA ALA D 330 2.14 -32.79 23.73
C ALA D 330 3.38 -33.69 23.74
N HIS D 331 4.44 -33.22 24.39
CA HIS D 331 5.69 -33.97 24.47
C HIS D 331 5.55 -35.26 25.26
N LYS D 332 4.83 -35.21 26.38
CA LYS D 332 4.64 -36.42 27.16
C LYS D 332 3.86 -37.40 26.30
N ALA D 333 2.88 -36.87 25.58
CA ALA D 333 2.03 -37.69 24.70
C ALA D 333 2.84 -38.29 23.56
N LEU D 334 3.65 -37.44 22.93
CA LEU D 334 4.49 -37.85 21.81
C LEU D 334 5.30 -39.08 22.17
N LEU D 335 5.88 -39.09 23.37
CA LEU D 335 6.69 -40.21 23.80
C LEU D 335 5.86 -41.41 24.24
N ASN D 336 4.83 -41.16 25.05
CA ASN D 336 3.98 -42.23 25.56
C ASN D 336 3.17 -42.97 24.50
N ASN D 337 2.62 -42.24 23.53
CA ASN D 337 1.81 -42.84 22.49
C ASN D 337 2.57 -43.57 21.39
N ARG D 338 3.87 -43.76 21.58
CA ARG D 338 4.66 -44.48 20.60
C ARG D 338 4.33 -45.96 20.68
N THR D 339 4.74 -46.72 19.67
CA THR D 339 4.47 -48.15 19.66
C THR D 339 5.75 -48.94 19.86
N GLU D 340 5.69 -49.90 20.78
CA GLU D 340 6.82 -50.74 21.08
C GLU D 340 7.00 -51.80 20.00
N VAL D 341 8.24 -52.17 19.74
CA VAL D 341 8.55 -53.19 18.75
C VAL D 341 9.64 -54.11 19.29
N SER D 342 9.46 -55.41 19.07
CA SER D 342 10.41 -56.41 19.55
C SER D 342 11.80 -56.14 19.00
N VAL D 343 12.80 -56.79 19.58
CA VAL D 343 14.17 -56.64 19.14
C VAL D 343 14.27 -57.16 17.71
N ASP D 344 13.33 -58.02 17.34
CA ASP D 344 13.30 -58.59 16.00
C ASP D 344 12.71 -57.60 15.00
N ALA D 345 11.57 -57.01 15.34
CA ALA D 345 10.93 -56.05 14.46
C ALA D 345 11.89 -54.85 14.27
N TYR D 346 12.60 -54.52 15.35
CA TYR D 346 13.57 -53.43 15.33
C TYR D 346 14.69 -53.70 14.34
N GLU D 347 15.24 -54.90 14.37
CA GLU D 347 16.34 -55.26 13.48
C GLU D 347 15.93 -55.29 12.02
N THR D 348 14.67 -55.63 11.76
CA THR D 348 14.18 -55.67 10.38
C THR D 348 14.17 -54.22 9.92
N PHE D 349 13.53 -53.37 10.73
CA PHE D 349 13.44 -51.94 10.46
C PHE D 349 14.82 -51.39 10.14
N PHE D 350 15.77 -51.70 11.02
CA PHE D 350 17.14 -51.23 10.88
C PHE D 350 17.76 -51.65 9.55
N LYS D 351 17.65 -52.94 9.21
CA LYS D 351 18.21 -53.46 7.97
C LYS D 351 17.59 -52.75 6.75
N ARG D 352 16.30 -52.48 6.82
CA ARG D 352 15.60 -51.81 5.74
C ARG D 352 16.07 -50.37 5.56
N PHE D 353 16.18 -49.66 6.68
CA PHE D 353 16.60 -48.26 6.67
C PHE D 353 17.93 -48.08 5.93
N ASP D 354 18.88 -48.96 6.19
CA ASP D 354 20.18 -48.88 5.54
C ASP D 354 20.04 -48.71 4.03
N ASP D 355 19.13 -49.45 3.43
CA ASP D 355 18.92 -49.40 1.99
C ASP D 355 17.63 -48.72 1.56
N VAL D 356 17.04 -47.94 2.46
CA VAL D 356 15.80 -47.22 2.15
C VAL D 356 14.80 -48.12 1.42
N GLU D 357 14.54 -49.29 1.99
CA GLU D 357 13.60 -50.24 1.39
C GLU D 357 12.20 -49.89 1.87
N PHE D 358 11.41 -49.28 0.99
CA PHE D 358 10.05 -48.88 1.31
C PHE D 358 9.13 -50.06 1.63
N ASP D 359 8.13 -49.79 2.48
CA ASP D 359 7.15 -50.79 2.89
C ASP D 359 6.06 -50.08 3.67
N GLU D 360 5.02 -49.65 2.97
CA GLU D 360 3.93 -48.92 3.59
C GLU D 360 3.20 -49.72 4.67
N GLU D 361 3.38 -51.03 4.68
CA GLU D 361 2.74 -51.87 5.70
C GLU D 361 3.60 -51.97 6.96
N GLN D 362 4.88 -52.27 6.78
CA GLN D 362 5.80 -52.39 7.91
C GLN D 362 6.08 -51.03 8.57
N ASP D 363 5.89 -49.94 7.83
CA ASP D 363 6.10 -48.61 8.38
C ASP D 363 4.76 -48.01 8.75
N ALA D 364 3.71 -48.80 8.59
CA ALA D 364 2.35 -48.37 8.93
C ALA D 364 2.06 -46.93 8.49
N VAL D 365 2.49 -46.61 7.28
CA VAL D 365 2.33 -45.28 6.71
C VAL D 365 0.92 -44.67 6.79
N HIS D 366 -0.09 -45.51 6.86
CA HIS D 366 -1.48 -45.04 6.93
C HIS D 366 -1.76 -44.22 8.18
N GLU D 367 -1.11 -44.57 9.29
CA GLU D 367 -1.29 -43.87 10.56
C GLU D 367 -0.73 -42.44 10.54
N ASP D 368 0.19 -42.18 9.62
CA ASP D 368 0.85 -40.88 9.53
C ASP D 368 0.23 -39.84 8.60
N ARG D 369 -1.09 -39.72 8.61
CA ARG D 369 -1.76 -38.76 7.74
C ARG D 369 -1.56 -37.30 8.09
N HIS D 370 -1.35 -37.01 9.37
CA HIS D 370 -1.17 -35.62 9.80
C HIS D 370 0.28 -35.16 9.98
N ILE D 371 1.23 -35.94 9.49
CA ILE D 371 2.64 -35.58 9.61
C ILE D 371 3.37 -35.69 8.27
N PHE D 372 4.61 -35.22 8.23
CA PHE D 372 5.42 -35.31 7.02
C PHE D 372 6.12 -36.66 7.05
N TYR D 373 6.37 -37.26 5.88
CA TYR D 373 7.08 -38.53 5.82
C TYR D 373 7.58 -38.83 4.41
N LEU D 374 8.70 -39.53 4.33
CA LEU D 374 9.29 -39.90 3.06
C LEU D 374 8.41 -40.96 2.45
N SER D 375 7.67 -40.58 1.41
CA SER D 375 6.75 -41.51 0.75
C SER D 375 7.35 -42.30 -0.41
N ASN D 376 8.46 -41.82 -0.98
CA ASN D 376 9.07 -42.53 -2.09
C ASN D 376 10.30 -41.82 -2.64
N ILE D 377 11.09 -42.56 -3.40
CA ILE D 377 12.28 -42.01 -4.04
C ILE D 377 12.24 -42.43 -5.51
N GLU D 378 12.06 -41.47 -6.39
CA GLU D 378 12.01 -41.77 -7.81
C GLU D 378 13.08 -40.98 -8.55
N ASN D 379 13.81 -41.67 -9.41
CA ASN D 379 14.86 -41.03 -10.20
C ASN D 379 15.80 -40.24 -9.30
N ASN D 380 16.16 -40.86 -8.17
CA ASN D 380 17.07 -40.26 -7.20
C ASN D 380 16.55 -39.02 -6.49
N VAL D 381 15.24 -38.77 -6.59
CA VAL D 381 14.64 -37.62 -5.94
C VAL D 381 13.65 -38.09 -4.89
N ARG D 382 13.82 -37.62 -3.66
CA ARG D 382 12.93 -38.00 -2.56
C ARG D 382 11.62 -37.23 -2.60
N GLU D 383 10.52 -37.95 -2.43
CA GLU D 383 9.18 -37.35 -2.44
C GLU D 383 8.61 -37.43 -1.04
N TYR D 384 7.84 -36.42 -0.65
CA TYR D 384 7.27 -36.38 0.69
C TYR D 384 5.77 -36.17 0.75
N HIS D 385 5.16 -36.78 1.76
CA HIS D 385 3.75 -36.63 2.01
C HIS D 385 3.62 -35.47 2.99
N ARG D 386 2.70 -34.56 2.72
CA ARG D 386 2.52 -33.40 3.59
C ARG D 386 1.27 -33.59 4.44
N PRO D 387 1.33 -33.15 5.71
CA PRO D 387 0.18 -33.28 6.61
C PRO D 387 -1.13 -32.91 5.90
N GLU D 388 -2.12 -33.78 5.98
CA GLU D 388 -3.41 -33.50 5.34
C GLU D 388 -3.98 -32.21 5.93
S SO4 E . -38.29 45.47 0.59
O1 SO4 E . -37.07 45.34 1.40
O2 SO4 E . -38.81 44.13 0.27
O3 SO4 E . -39.31 46.22 1.35
O4 SO4 E . -37.97 46.18 -0.67
S SO4 F . -48.76 43.68 -0.49
O1 SO4 F . -48.70 42.26 -0.85
O2 SO4 F . -49.71 44.37 -1.39
O3 SO4 F . -49.21 43.83 0.90
O4 SO4 F . -47.41 44.28 -0.64
P2A HMG G . -55.71 36.99 -0.32
O5A HMG G . -56.18 38.18 -1.06
O4A HMG G . -55.08 37.35 0.98
O3A HMG G . -56.90 35.91 -0.01
O6A HMG G . -54.58 36.29 -1.22
P1A HMG G . -57.92 35.80 -1.26
O1A HMG G . -57.23 35.63 -2.57
O2A HMG G . -58.77 37.03 -1.26
O5B HMG G . -58.86 34.54 -1.03
C5B HMG G . -58.51 33.56 -0.05
C4B HMG G . -59.34 32.31 -0.27
O4B HMG G . -60.21 32.12 0.88
C3B HMG G . -60.26 32.33 -1.47
O3B HMG G . -60.44 31.01 -2.00
C2B HMG G . -61.56 32.87 -0.90
O2B HMG G . -62.70 32.51 -1.64
C1B HMG G . -61.56 32.21 0.48
P3B HMG G . -60.37 30.77 -3.59
O7A HMG G . -58.97 30.89 -4.05
O8A HMG G . -61.29 31.74 -4.24
O9A HMG G . -60.91 29.29 -3.80
N9A HMG G . -62.28 32.97 1.50
C4A HMG G . -62.91 32.44 2.60
N3A HMG G . -63.12 31.15 2.89
C2A HMG G . -63.73 31.02 4.06
N1A HMG G . -64.04 31.96 4.96
C6A HMG G . -63.89 33.26 4.62
C5A HMG G . -63.30 33.53 3.36
N7A HMG G . -63.02 34.72 2.71
C8A HMG G . -62.47 34.33 1.58
N6A HMG G . -64.29 34.20 5.48
CBP HMG G . -52.92 34.62 -1.71
CCP HMG G . -54.24 34.92 -1.04
CDP HMG G . -52.47 33.21 -1.34
CEP HMG G . -53.09 34.74 -3.21
CAP HMG G . -51.88 35.65 -1.21
OAP HMG G . -51.74 35.60 0.22
C9P HMG G . -50.49 35.42 -1.83
O9P HMG G . -50.14 36.07 -2.82
N8P HMG G . -49.72 34.52 -1.25
C7P HMG G . -48.37 34.19 -1.70
C6P HMG G . -48.36 33.71 -3.15
C5P HMG G . -48.43 32.20 -3.25
O5P HMG G . -48.24 31.49 -2.27
N4P HMG G . -48.71 31.70 -4.45
C3P HMG G . -49.30 30.39 -4.69
C2P HMG G . -48.71 29.70 -5.90
S1P HMG G . -47.15 30.42 -6.44
C1 HMG G . -46.10 29.32 -5.46
O2 HMG G . -46.47 28.36 -4.77
C2 HMG G . -44.67 29.77 -5.68
C3 HMG G . -44.11 30.52 -4.47
O7 HMG G . -43.72 29.56 -3.47
C4 HMG G . -42.89 31.34 -4.88
C5 HMG G . -41.64 30.50 -5.03
O3 HMG G . -41.66 29.52 -5.80
O4 HMG G . -40.63 30.82 -4.37
C6 HMG G . -45.17 31.44 -3.88
N1A CAA H . -64.01 31.94 4.95
C2A CAA H . -63.70 31.00 4.05
N3A CAA H . -63.11 31.14 2.87
C4A CAA H . -62.90 32.43 2.59
C5A CAA H . -63.28 33.52 3.37
C6A CAA H . -63.85 33.23 4.62
N6A CAA H . -64.25 34.17 5.49
N7A CAA H . -63.00 34.72 2.72
C8A CAA H . -62.46 34.33 1.59
N9A CAA H . -62.27 32.97 1.50
C1B CAA H . -61.55 32.22 0.47
C2B CAA H . -61.53 32.90 -0.90
O2B CAA H . -62.67 32.56 -1.65
C3B CAA H . -60.24 32.35 -1.48
O3B CAA H . -60.41 31.04 -2.02
P3B CAA H . -60.36 30.83 -3.61
O7A CAA H . -58.96 30.97 -4.08
O8A CAA H . -61.27 31.81 -4.25
O9A CAA H . -60.88 29.35 -3.84
C4B CAA H . -59.32 32.30 -0.26
O4B CAA H . -60.21 32.10 0.88
C5B CAA H . -58.49 33.53 -0.02
O5B CAA H . -58.89 34.58 -0.90
P1A CAA H . -57.93 35.82 -1.18
O1A CAA H . -57.31 35.64 -2.51
O2A CAA H . -58.74 37.07 -1.11
O3A CAA H . -56.85 35.90 0.04
P2A CAA H . -55.68 36.98 -0.30
O4A CAA H . -56.18 38.14 -1.09
O5A CAA H . -55.09 37.40 1.01
O6A CAA H . -54.54 36.29 -1.16
CBP CAA H . -52.88 34.61 -1.65
CCP CAA H . -54.22 34.91 -0.99
CDP CAA H . -53.03 34.76 -3.15
CEP CAA H . -52.46 33.19 -1.29
CAP CAA H . -51.84 35.61 -1.11
OAP CAA H . -51.67 35.45 0.30
C9P CAA H . -50.48 35.43 -1.78
O9P CAA H . -50.19 36.10 -2.78
N8P CAA H . -49.63 34.56 -1.24
C7P CAA H . -48.30 34.29 -1.75
C6P CAA H . -48.34 33.72 -3.16
C5P CAA H . -48.52 32.22 -3.17
O5P CAA H . -48.34 31.56 -2.15
N4P CAA H . -48.88 31.68 -4.33
C3P CAA H . -48.88 30.25 -4.59
C2P CAA H . -48.61 29.93 -6.06
S1P CAA H . -46.96 30.46 -6.58
C1 CAA H . -46.04 29.38 -5.48
O1 CAA H . -46.41 28.30 -5.03
C2 CAA H . -44.71 30.06 -5.22
C3 CAA H . -44.27 30.03 -3.78
O3 CAA H . -44.20 28.96 -3.17
C4 CAA H . -43.73 31.30 -3.13
S SO4 I . -20.71 47.09 1.15
O1 SO4 I . -20.21 47.31 2.52
O2 SO4 I . -20.10 45.86 0.62
O3 SO4 I . -22.18 46.95 1.17
O4 SO4 I . -20.36 48.22 0.29
S SO4 J . -10.09 46.84 1.56
O1 SO4 J . -8.96 47.72 1.93
O2 SO4 J . -9.60 45.46 1.38
O3 SO4 J . -11.11 46.87 2.62
O4 SO4 J . -10.68 47.31 0.30
N1A CAA K . 6.56 45.50 -9.47
C2A CAA K . 6.38 44.17 -9.56
N3A CAA K . 5.88 43.33 -8.66
C4A CAA K . 5.42 44.00 -7.60
C5A CAA K . 5.51 45.36 -7.36
C6A CAA K . 6.10 46.13 -8.37
N6A CAA K . 6.22 47.47 -8.32
N7A CAA K . 4.98 45.68 -6.13
C8A CAA K . 4.63 44.52 -5.62
N9A CAA K . 4.75 43.48 -6.51
C1B CAA K . 4.28 42.11 -6.39
C2B CAA K . 4.26 41.58 -4.96
O2B CAA K . 5.51 41.04 -4.60
C3B CAA K . 3.17 40.53 -5.07
O3B CAA K . 3.65 39.32 -5.65
P3B CAA K . 4.03 38.09 -4.71
O7A CAA K . 2.89 37.78 -3.81
O8A CAA K . 5.27 38.46 -3.96
O9A CAA K . 4.31 36.88 -5.70
C4B CAA K . 2.16 41.19 -6.01
O4B CAA K . 2.95 42.06 -6.86
C5B CAA K . 1.11 42.02 -5.32
O5B CAA K . 1.43 42.16 -3.94
P1A CAA K . 0.32 42.62 -2.90
O1A CAA K . -0.25 41.40 -2.26
O2A CAA K . 0.95 43.53 -1.90
O3A CAA K . -0.78 43.50 -3.71
P2A CAA K . -2.13 43.68 -2.80
O4A CAA K . -1.83 43.94 -1.37
O5A CAA K . -2.94 44.74 -3.43
O6A CAA K . -2.96 42.31 -2.84
CBP CAA K . -4.36 40.69 -3.93
CCP CAA K . -3.16 41.60 -4.06
CDP CAA K . -4.10 39.67 -2.82
CEP CAA K . -4.62 39.99 -5.25
CAP CAA K . -5.58 41.55 -3.56
OAP CAA K . -5.82 42.52 -4.58
C9P CAA K . -6.84 40.70 -3.37
O9P CAA K . -7.23 40.42 -2.23
N8P CAA K . -7.47 40.30 -4.46
C7P CAA K . -8.74 39.56 -4.45
C6P CAA K . -8.59 38.17 -3.83
C5P CAA K . -8.12 37.13 -4.81
O5P CAA K . -8.30 37.29 -6.03
N4P CAA K . -7.52 36.07 -4.32
C3P CAA K . -7.12 34.90 -5.11
C2P CAA K . -7.28 33.58 -4.36
S1P CAA K . -8.96 33.26 -3.79
C1 CAA K . -9.74 33.05 -5.41
O1 CAA K . -9.15 32.79 -6.47
C2 CAA K . -11.23 33.26 -5.23
C3 CAA K . -11.75 34.49 -5.94
O3 CAA K . -12.19 34.40 -7.09
C4 CAA K . -11.27 35.86 -5.46
S SO4 L . 28.20 -43.03 -8.96
O1 SO4 L . 28.28 -41.55 -8.96
O2 SO4 L . 28.72 -43.58 -7.70
O3 SO4 L . 26.79 -43.43 -9.14
O4 SO4 L . 29.01 -43.55 -10.09
S SO4 M . 26.13 -38.35 -18.31
O1 SO4 M . 25.29 -37.47 -19.14
O2 SO4 M . 26.78 -37.57 -17.26
O3 SO4 M . 25.29 -39.39 -17.69
O4 SO4 M . 27.16 -38.99 -19.15
P2A HMG N . 27.38 -30.16 -23.35
O5A HMG N . 26.29 -31.04 -23.86
O4A HMG N . 28.61 -30.92 -23.05
O3A HMG N . 27.77 -28.98 -24.41
O6A HMG N . 26.84 -29.51 -22.01
P1A HMG N . 26.42 -28.22 -24.91
O1A HMG N . 25.41 -28.03 -23.84
O2A HMG N . 25.89 -29.02 -26.05
O5B HMG N . 26.81 -26.78 -25.46
C5B HMG N . 28.04 -26.17 -25.09
C4B HMG N . 28.15 -24.81 -25.74
O4B HMG N . 29.24 -24.84 -26.70
C3B HMG N . 26.91 -24.37 -26.50
O3B HMG N . 26.72 -22.96 -26.39
C2B HMG N . 27.24 -24.76 -27.93
O2B HMG N . 26.53 -24.02 -28.90
C1B HMG N . 28.73 -24.44 -27.97
P3B HMG N . 25.56 -22.39 -25.44
O7A HMG N . 25.67 -23.05 -24.10
O8A HMG N . 24.25 -22.65 -26.10
O9A HMG N . 25.84 -20.83 -25.33
N9A HMG N . 29.50 -25.14 -29.00
C4A HMG N . 30.57 -24.62 -29.66
N3A HMG N . 31.04 -23.36 -29.60
C2A HMG N . 32.15 -23.23 -30.33
N1A HMG N . 32.75 -24.14 -31.11
C6A HMG N . 32.26 -25.40 -31.14
C5A HMG N . 31.09 -25.66 -30.42
N7A HMG N . 30.29 -26.79 -30.29
C8A HMG N . 29.31 -26.39 -29.51
N6A HMG N . 32.93 -26.32 -31.84
CBP HMG N . 27.16 -28.40 -19.89
CCP HMG N . 27.55 -28.45 -21.36
CDP HMG N . 27.89 -27.25 -19.22
CEP HMG N . 25.64 -28.21 -19.78
CAP HMG N . 27.56 -29.72 -19.21
OAP HMG N . 28.98 -29.92 -19.26
C9P HMG N . 27.10 -29.79 -17.74
O9P HMG N . 26.04 -30.33 -17.45
N8P HMG N . 27.91 -29.23 -16.85
C7P HMG N . 27.69 -29.31 -15.40
C6P HMG N . 26.55 -28.40 -14.93
C5P HMG N . 26.98 -26.94 -14.83
O5P HMG N . 28.17 -26.65 -14.73
N4P HMG N . 26.00 -26.04 -14.85
C3P HMG N . 26.18 -24.65 -14.43
C2P HMG N . 24.92 -24.11 -13.79
S1P HMG N . 24.56 -24.91 -12.22
C1 HMG N . 25.99 -24.27 -11.31
O2 HMG N . 26.74 -23.36 -11.67
C2 HMG N . 26.07 -25.03 -10.00
C3 HMG N . 27.08 -26.18 -10.04
O7 HMG N . 28.38 -25.69 -9.71
C4 HMG N . 26.67 -27.27 -9.06
C5 HMG N . 26.66 -26.80 -7.61
O3 HMG N . 26.04 -25.76 -7.30
O4 HMG N . 27.29 -27.47 -6.76
C6 HMG N . 27.13 -26.77 -11.46
S SO4 O . 30.65 -49.49 7.25
O1 SO4 O . 30.39 -48.53 8.34
O2 SO4 O . 29.96 -50.75 7.57
O3 SO4 O . 30.10 -48.96 5.98
O4 SO4 O . 32.09 -49.72 7.12
S SO4 P . 32.43 -52.46 17.25
O1 SO4 P . 32.61 -51.31 18.15
O2 SO4 P . 32.10 -53.66 18.05
O3 SO4 P . 31.32 -52.19 16.31
O4 SO4 P . 33.67 -52.70 16.48
N1A CAA Q . 24.74 -52.73 35.85
C2A CAA Q . 25.09 -51.45 36.06
N3A CAA Q . 26.17 -50.79 35.63
C4A CAA Q . 26.86 -51.54 34.77
C5A CAA Q . 26.66 -52.88 34.47
C6A CAA Q . 25.51 -53.48 35.03
N6A CAA Q . 25.16 -54.75 34.78
N7A CAA Q . 27.67 -53.35 33.65
C8A CAA Q . 28.43 -52.30 33.43
N9A CAA Q . 27.92 -51.15 33.98
C1B CAA Q . 28.38 -49.78 33.80
C2B CAA Q . 29.90 -49.64 33.70
O2B CAA Q . 30.48 -49.53 34.98
C3B CAA Q . 30.03 -48.35 32.88
O3B CAA Q . 29.94 -47.20 33.71
P3B CAA Q . 31.25 -46.31 33.97
O7A CAA Q . 31.67 -45.66 32.71
O8A CAA Q . 32.30 -47.19 34.55
O9A CAA Q . 30.79 -45.21 35.04
C4B CAA Q . 28.83 -48.42 31.94
O4B CAA Q . 27.87 -49.31 32.56
C5B CAA Q . 29.14 -48.93 30.55
O5B CAA Q . 30.40 -49.58 30.53
P1A CAA Q . 31.00 -50.15 29.17
O1A CAA Q . 31.84 -49.08 28.56
O2A CAA Q . 31.80 -51.36 29.48
O3A CAA Q . 29.77 -50.63 28.22
P2A CAA Q . 30.22 -50.60 26.65
O4A CAA Q . 31.42 -51.42 26.38
O5A CAA Q . 29.04 -51.02 25.86
O6A CAA Q . 30.58 -49.10 26.24
CBP CAA Q . 29.98 -46.96 25.34
CCP CAA Q . 29.62 -48.05 26.31
CDP CAA Q . 31.46 -46.63 25.49
CEP CAA Q . 29.14 -45.72 25.62
CAP CAA Q . 29.70 -47.44 23.90
OAP CAA Q . 28.32 -47.78 23.74
C9P CAA Q . 30.07 -46.40 22.85
O9P CAA Q . 31.19 -46.37 22.36
N8P CAA Q . 29.12 -45.53 22.51
C7P CAA Q . 29.28 -44.49 21.50
C6P CAA Q . 30.23 -43.38 21.96
C5P CAA Q . 29.58 -42.43 22.94
O5P CAA Q . 28.35 -42.34 23.03
N4P CAA Q . 30.40 -41.72 23.70
C3P CAA Q . 30.09 -40.39 24.23
C2P CAA Q . 31.31 -39.47 24.25
S1P CAA Q . 31.63 -38.69 22.65
C1 CAA Q . 29.96 -38.07 22.34
O1 CAA Q . 29.12 -37.78 23.19
C2 CAA Q . 29.81 -37.98 20.84
C3 CAA Q . 28.51 -38.57 20.31
O3 CAA Q . 27.43 -38.18 20.76
C4 CAA Q . 28.54 -39.69 19.28
P2A HMG R . 30.20 -50.66 26.64
O5A HMG R . 31.45 -51.44 26.52
O4A HMG R . 29.07 -51.25 25.88
O3A HMG R . 29.71 -50.49 28.18
O6A HMG R . 30.50 -49.22 26.02
P1A HMG R . 30.96 -50.11 29.14
O1A HMG R . 31.87 -49.08 28.54
O2A HMG R . 31.69 -51.37 29.43
O5B HMG R . 30.40 -49.53 30.50
C5B HMG R . 29.11 -48.91 30.55
C4B HMG R . 28.83 -48.39 31.94
O4B HMG R . 27.87 -49.28 32.59
C3B HMG R . 30.04 -48.33 32.88
O3B HMG R . 29.97 -47.17 33.70
C2B HMG R . 29.91 -49.61 33.70
O2B HMG R . 30.50 -49.49 34.98
C1B HMG R . 28.39 -49.74 33.81
P3B HMG R . 31.30 -46.31 33.99
O7A HMG R . 31.76 -45.65 32.75
O8A HMG R . 32.32 -47.24 34.56
O9A HMG R . 30.86 -45.23 35.08
N9A HMG R . 27.93 -51.12 34.01
C4A HMG R . 26.88 -51.50 34.79
N3A HMG R . 26.17 -50.75 35.66
C2A HMG R . 25.10 -51.41 36.08
N1A HMG R . 24.75 -52.69 35.88
C6A HMG R . 25.52 -53.44 35.05
C5A HMG R . 26.66 -52.83 34.49
N7A HMG R . 27.68 -53.32 33.69
C8A HMG R . 28.43 -52.27 33.47
N6A HMG R . 25.14 -54.69 34.80
CBP HMG R . 30.00 -46.96 25.36
CCP HMG R . 29.69 -48.10 26.32
CDP HMG R . 29.09 -45.78 25.66
CEP HMG R . 31.46 -46.56 25.54
CAP HMG R . 29.76 -47.45 23.92
OAP HMG R . 28.41 -47.89 23.75
C9P HMG R . 30.04 -46.36 22.89
O9P HMG R . 31.15 -46.26 22.37
N8P HMG R . 29.03 -45.54 22.59
C7P HMG R . 29.08 -44.53 21.54
C6P HMG R . 30.12 -43.45 21.81
C5P HMG R . 29.63 -42.41 22.80
O5P HMG R . 28.42 -42.27 23.02
N4P HMG R . 30.56 -41.67 23.40
C3P HMG R . 30.31 -40.83 24.57
C2P HMG R . 30.72 -39.38 24.36
S1P HMG R . 31.23 -38.99 22.66
C1 HMG R . 29.82 -37.94 22.28
O2 HMG R . 28.92 -37.61 23.04
C2 HMG R . 29.94 -37.56 20.81
C3 HMG R . 29.10 -38.44 19.90
O7 HMG R . 27.75 -37.95 19.86
C4 HMG R . 29.68 -38.46 18.49
C5 HMG R . 29.51 -37.14 17.77
O3 HMG R . 29.95 -36.10 18.30
O4 HMG R . 28.92 -37.14 16.66
C6 HMG R . 29.08 -39.89 20.44
#